data_7D31
# 
_entry.id   7D31 
# 
_audit_conform.dict_name       mmcif_pdbx.dic 
_audit_conform.dict_version    5.392 
_audit_conform.dict_location   http://mmcif.pdb.org/dictionaries/ascii/mmcif_pdbx.dic 
# 
loop_
_database_2.database_id 
_database_2.database_code 
_database_2.pdbx_database_accession 
_database_2.pdbx_DOI 
PDB   7D31         pdb_00007d31 10.2210/pdb7d31/pdb 
WWPDB D_1300018657 ?            ?                   
# 
loop_
_pdbx_audit_revision_history.ordinal 
_pdbx_audit_revision_history.data_content_type 
_pdbx_audit_revision_history.major_revision 
_pdbx_audit_revision_history.minor_revision 
_pdbx_audit_revision_history.revision_date 
1 'Structure model' 1 0 2021-09-22 
2 'Structure model' 1 1 2022-04-06 
3 'Structure model' 1 2 2024-05-29 
# 
_pdbx_audit_revision_details.ordinal             1 
_pdbx_audit_revision_details.revision_ordinal    1 
_pdbx_audit_revision_details.data_content_type   'Structure model' 
_pdbx_audit_revision_details.provider            repository 
_pdbx_audit_revision_details.type                'Initial release' 
_pdbx_audit_revision_details.description         ? 
_pdbx_audit_revision_details.details             ? 
# 
loop_
_pdbx_audit_revision_group.ordinal 
_pdbx_audit_revision_group.revision_ordinal 
_pdbx_audit_revision_group.data_content_type 
_pdbx_audit_revision_group.group 
1 2 'Structure model' 'Database references'    
2 3 'Structure model' 'Data collection'        
3 3 'Structure model' 'Refinement description' 
# 
loop_
_pdbx_audit_revision_category.ordinal 
_pdbx_audit_revision_category.revision_ordinal 
_pdbx_audit_revision_category.data_content_type 
_pdbx_audit_revision_category.category 
1 2 'Structure model' citation           
2 2 'Structure model' citation_author    
3 3 'Structure model' chem_comp_atom     
4 3 'Structure model' chem_comp_bond     
5 3 'Structure model' struct_ncs_dom_lim 
# 
loop_
_pdbx_audit_revision_item.ordinal 
_pdbx_audit_revision_item.revision_ordinal 
_pdbx_audit_revision_item.data_content_type 
_pdbx_audit_revision_item.item 
1  2 'Structure model' '_citation.country'                     
2  2 'Structure model' '_citation.journal_abbrev'              
3  2 'Structure model' '_citation.journal_id_CSD'              
4  2 'Structure model' '_citation.journal_id_ISSN'             
5  2 'Structure model' '_citation.journal_volume'              
6  2 'Structure model' '_citation.page_first'                  
7  2 'Structure model' '_citation.page_last'                   
8  2 'Structure model' '_citation.pdbx_database_id_DOI'        
9  2 'Structure model' '_citation.pdbx_database_id_PubMed'     
10 2 'Structure model' '_citation.title'                       
11 2 'Structure model' '_citation.year'                        
12 3 'Structure model' '_struct_ncs_dom_lim.beg_auth_comp_id'  
13 3 'Structure model' '_struct_ncs_dom_lim.beg_label_asym_id' 
14 3 'Structure model' '_struct_ncs_dom_lim.beg_label_comp_id' 
15 3 'Structure model' '_struct_ncs_dom_lim.beg_label_seq_id'  
16 3 'Structure model' '_struct_ncs_dom_lim.end_auth_comp_id'  
17 3 'Structure model' '_struct_ncs_dom_lim.end_label_asym_id' 
18 3 'Structure model' '_struct_ncs_dom_lim.end_label_comp_id' 
19 3 'Structure model' '_struct_ncs_dom_lim.end_label_seq_id'  
# 
_pdbx_database_status.status_code                     REL 
_pdbx_database_status.status_code_sf                  REL 
_pdbx_database_status.status_code_mr                  ? 
_pdbx_database_status.entry_id                        7D31 
_pdbx_database_status.recvd_initial_deposition_date   2020-09-18 
_pdbx_database_status.SG_entry                        N 
_pdbx_database_status.deposit_site                    PDBJ 
_pdbx_database_status.process_site                    PDBJ 
_pdbx_database_status.status_code_cs                  ? 
_pdbx_database_status.status_code_nmr_data            ? 
_pdbx_database_status.methods_development_category    ? 
_pdbx_database_status.pdb_format_compatible           Y 
# 
loop_
_audit_author.name 
_audit_author.pdbx_ordinal 
_audit_author.identifier_ORCID 
'Liu, H.H.' 1 ? 
'Gao, Y.Q.' 2 ? 
'Sheng, J.' 3 ? 
'Gan, J.H.' 4 ? 
# 
_citation.abstract                  ? 
_citation.abstract_id_CAS           ? 
_citation.book_id_ISBN              ? 
_citation.book_publisher            ? 
_citation.book_publisher_city       ? 
_citation.book_title                ? 
_citation.coordinate_linkage        ? 
_citation.country                   UK 
_citation.database_id_Medline       ? 
_citation.details                   ? 
_citation.id                        primary 
_citation.journal_abbrev            'Sci Rep' 
_citation.journal_id_ASTM           ? 
_citation.journal_id_CSD            ? 
_citation.journal_id_ISSN           2045-2322 
_citation.journal_full              ? 
_citation.journal_issue             ? 
_citation.journal_volume            12 
_citation.language                  ? 
_citation.page_first                460 
_citation.page_last                 460 
_citation.title                     'Structure-guided development of Pb 2+ -binding DNA aptamers.' 
_citation.year                      2022 
_citation.database_id_CSD           ? 
_citation.pdbx_database_id_DOI      10.1038/s41598-021-04243-2 
_citation.pdbx_database_id_PubMed   35013452 
_citation.unpublished_flag          ? 
# 
loop_
_citation_author.citation_id 
_citation_author.name 
_citation_author.ordinal 
_citation_author.identifier_ORCID 
primary 'Liu, H.'        1  ? 
primary 'Gao, Y.'        2  ? 
primary 'Mathivanan, J.' 3  ? 
primary 'Shen, F.'       4  ? 
primary 'Chen, X.'       5  ? 
primary 'Li, Y.'         6  ? 
primary 'Shao, Z.'       7  ? 
primary 'Zhang, Y.'      8  ? 
primary 'Shao, Q.'       9  ? 
primary 'Sheng, J.'      10 ? 
primary 'Gan, J.'        11 ? 
# 
loop_
_entity.id 
_entity.type 
_entity.src_method 
_entity.pdbx_description 
_entity.formula_weight 
_entity.pdbx_number_of_molecules 
_entity.pdbx_ec 
_entity.pdbx_mutation 
_entity.pdbx_fragment 
_entity.details 
1 polymer     syn 
;DNA (5'-D(*GP*GP*TP*TP*GP*GP*TP*GP*TP*GP*GP*TP*TP*GP*G)-3')
;
4743.051 2  ? ? ? ? 
2 non-polymer syn 'LEAD (II) ION'                                               207.200  2  ? ? ? ? 
3 water       nat water                                                         18.015   57 ? ? ? ? 
# 
_entity_poly.entity_id                      1 
_entity_poly.type                           polydeoxyribonucleotide 
_entity_poly.nstd_linkage                   no 
_entity_poly.nstd_monomer                   no 
_entity_poly.pdbx_seq_one_letter_code       '(DG)(DG)(DT)(DT)(DG)(DG)(DT)(DG)(DT)(DG)(DG)(DT)(DT)(DG)(DG)' 
_entity_poly.pdbx_seq_one_letter_code_can   GGTTGGTGTGGTTGG 
_entity_poly.pdbx_strand_id                 A,B 
_entity_poly.pdbx_target_identifier         ? 
# 
loop_
_pdbx_entity_nonpoly.entity_id 
_pdbx_entity_nonpoly.name 
_pdbx_entity_nonpoly.comp_id 
2 'LEAD (II) ION' PB  
3 water           HOH 
# 
loop_
_entity_poly_seq.entity_id 
_entity_poly_seq.num 
_entity_poly_seq.mon_id 
_entity_poly_seq.hetero 
1 1  DG n 
1 2  DG n 
1 3  DT n 
1 4  DT n 
1 5  DG n 
1 6  DG n 
1 7  DT n 
1 8  DG n 
1 9  DT n 
1 10 DG n 
1 11 DG n 
1 12 DT n 
1 13 DT n 
1 14 DG n 
1 15 DG n 
# 
_pdbx_entity_src_syn.entity_id              1 
_pdbx_entity_src_syn.pdbx_src_id            1 
_pdbx_entity_src_syn.pdbx_alt_source_flag   sample 
_pdbx_entity_src_syn.pdbx_beg_seq_num       1 
_pdbx_entity_src_syn.pdbx_end_seq_num       15 
_pdbx_entity_src_syn.organism_scientific    'synthetic construct' 
_pdbx_entity_src_syn.organism_common_name   ? 
_pdbx_entity_src_syn.ncbi_taxonomy_id       32630 
_pdbx_entity_src_syn.details                ? 
# 
loop_
_chem_comp.id 
_chem_comp.type 
_chem_comp.mon_nstd_flag 
_chem_comp.name 
_chem_comp.pdbx_synonyms 
_chem_comp.formula 
_chem_comp.formula_weight 
DG  'DNA linking' y "2'-DEOXYGUANOSINE-5'-MONOPHOSPHATE" ? 'C10 H14 N5 O7 P' 347.221 
DT  'DNA linking' y "THYMIDINE-5'-MONOPHOSPHATE"         ? 'C10 H15 N2 O8 P' 322.208 
HOH non-polymer   . WATER                                ? 'H2 O'            18.015  
PB  non-polymer   . 'LEAD (II) ION'                      ? 'Pb 2'            207.200 
# 
loop_
_pdbx_poly_seq_scheme.asym_id 
_pdbx_poly_seq_scheme.entity_id 
_pdbx_poly_seq_scheme.seq_id 
_pdbx_poly_seq_scheme.mon_id 
_pdbx_poly_seq_scheme.ndb_seq_num 
_pdbx_poly_seq_scheme.pdb_seq_num 
_pdbx_poly_seq_scheme.auth_seq_num 
_pdbx_poly_seq_scheme.pdb_mon_id 
_pdbx_poly_seq_scheme.auth_mon_id 
_pdbx_poly_seq_scheme.pdb_strand_id 
_pdbx_poly_seq_scheme.pdb_ins_code 
_pdbx_poly_seq_scheme.hetero 
A 1 1  DG 1  1  1  DG DG A . n 
A 1 2  DG 2  2  2  DG DG A . n 
A 1 3  DT 3  3  3  DT DT A . n 
A 1 4  DT 4  4  4  DT DT A . n 
A 1 5  DG 5  5  5  DG DG A . n 
A 1 6  DG 6  6  6  DG DG A . n 
A 1 7  DT 7  7  7  DT DT A . n 
A 1 8  DG 8  8  8  DG DG A . n 
A 1 9  DT 9  9  9  DT DT A . n 
A 1 10 DG 10 10 10 DG DG A . n 
A 1 11 DG 11 11 11 DG DG A . n 
A 1 12 DT 12 12 12 DT DT A . n 
A 1 13 DT 13 13 13 DT DT A . n 
A 1 14 DG 14 14 14 DG DG A . n 
A 1 15 DG 15 15 15 DG DG A . n 
B 1 1  DG 1  1  1  DG DG B . n 
B 1 2  DG 2  2  2  DG DG B . n 
B 1 3  DT 3  3  3  DT DT B . n 
B 1 4  DT 4  4  4  DT DT B . n 
B 1 5  DG 5  5  5  DG DG B . n 
B 1 6  DG 6  6  6  DG DG B . n 
B 1 7  DT 7  7  7  DT DT B . n 
B 1 8  DG 8  8  8  DG DG B . n 
B 1 9  DT 9  9  9  DT DT B . n 
B 1 10 DG 10 10 10 DG DG B . n 
B 1 11 DG 11 11 11 DG DG B . n 
B 1 12 DT 12 12 12 DT DT B . n 
B 1 13 DT 13 13 13 DT DT B . n 
B 1 14 DG 14 14 14 DG DG B . n 
B 1 15 DG 15 15 15 DG DG B . n 
# 
loop_
_pdbx_nonpoly_scheme.asym_id 
_pdbx_nonpoly_scheme.entity_id 
_pdbx_nonpoly_scheme.mon_id 
_pdbx_nonpoly_scheme.ndb_seq_num 
_pdbx_nonpoly_scheme.pdb_seq_num 
_pdbx_nonpoly_scheme.auth_seq_num 
_pdbx_nonpoly_scheme.pdb_mon_id 
_pdbx_nonpoly_scheme.auth_mon_id 
_pdbx_nonpoly_scheme.pdb_strand_id 
_pdbx_nonpoly_scheme.pdb_ins_code 
C 2 PB  1  101 1  PB  PB  A . 
D 2 PB  1  101 2  PB  PB  B . 
E 3 HOH 1  201 12 HOH HOH A . 
E 3 HOH 2  202 48 HOH HOH A . 
E 3 HOH 3  203 27 HOH HOH A . 
E 3 HOH 4  204 34 HOH HOH A . 
E 3 HOH 5  205 33 HOH HOH A . 
E 3 HOH 6  206 36 HOH HOH A . 
E 3 HOH 7  207 53 HOH HOH A . 
E 3 HOH 8  208 44 HOH HOH A . 
E 3 HOH 9  209 47 HOH HOH A . 
E 3 HOH 10 210 38 HOH HOH A . 
E 3 HOH 11 211 55 HOH HOH A . 
E 3 HOH 12 212 2  HOH HOH A . 
E 3 HOH 13 213 25 HOH HOH A . 
E 3 HOH 14 214 5  HOH HOH A . 
E 3 HOH 15 215 13 HOH HOH A . 
E 3 HOH 16 216 8  HOH HOH A . 
E 3 HOH 17 217 14 HOH HOH A . 
E 3 HOH 18 218 28 HOH HOH A . 
E 3 HOH 19 219 18 HOH HOH A . 
E 3 HOH 20 220 32 HOH HOH A . 
E 3 HOH 21 221 9  HOH HOH A . 
E 3 HOH 22 222 4  HOH HOH A . 
E 3 HOH 23 223 54 HOH HOH A . 
E 3 HOH 24 224 6  HOH HOH A . 
E 3 HOH 25 225 46 HOH HOH A . 
E 3 HOH 26 226 30 HOH HOH A . 
E 3 HOH 27 227 52 HOH HOH A . 
F 3 HOH 1  201 50 HOH HOH B . 
F 3 HOH 2  202 16 HOH HOH B . 
F 3 HOH 3  203 23 HOH HOH B . 
F 3 HOH 4  204 39 HOH HOH B . 
F 3 HOH 5  205 26 HOH HOH B . 
F 3 HOH 6  206 56 HOH HOH B . 
F 3 HOH 7  207 45 HOH HOH B . 
F 3 HOH 8  208 15 HOH HOH B . 
F 3 HOH 9  209 22 HOH HOH B . 
F 3 HOH 10 210 35 HOH HOH B . 
F 3 HOH 11 211 11 HOH HOH B . 
F 3 HOH 12 212 3  HOH HOH B . 
F 3 HOH 13 213 40 HOH HOH B . 
F 3 HOH 14 214 1  HOH HOH B . 
F 3 HOH 15 215 20 HOH HOH B . 
F 3 HOH 16 216 10 HOH HOH B . 
F 3 HOH 17 217 21 HOH HOH B . 
F 3 HOH 18 218 7  HOH HOH B . 
F 3 HOH 19 219 29 HOH HOH B . 
F 3 HOH 20 220 17 HOH HOH B . 
F 3 HOH 21 221 42 HOH HOH B . 
F 3 HOH 22 222 24 HOH HOH B . 
F 3 HOH 23 223 37 HOH HOH B . 
F 3 HOH 24 224 19 HOH HOH B . 
F 3 HOH 25 225 43 HOH HOH B . 
F 3 HOH 26 226 49 HOH HOH B . 
F 3 HOH 27 227 51 HOH HOH B . 
F 3 HOH 28 228 41 HOH HOH B . 
F 3 HOH 29 229 57 HOH HOH B . 
F 3 HOH 30 230 31 HOH HOH B . 
# 
loop_
_software.citation_id 
_software.classification 
_software.compiler_name 
_software.compiler_version 
_software.contact_author 
_software.contact_author_email 
_software.date 
_software.description 
_software.dependencies 
_software.hardware 
_software.language 
_software.location 
_software.mods 
_software.name 
_software.os 
_software.os_version 
_software.type 
_software.version 
_software.pdbx_ordinal 
? 'data reduction'  ? ? ? ? ? ? ? ? ? ? ? HKL-2000    ? ? ? .         1 
? 'data scaling'    ? ? ? ? ? ? ? ? ? ? ? HKL-2000    ? ? ? .         2 
? refinement        ? ? ? ? ? ? ? ? ? ? ? PHENIX      ? ? ? 1.12_2829 3 
? 'data extraction' ? ? ? ? ? ? ? ? ? ? ? PDB_EXTRACT ? ? ? 3.25      4 
? phasing           ? ? ? ? ? ? ? ? ? ? ? AutoSol     ? ? ? .         5 
# 
_cell.angle_alpha                  90.000 
_cell.angle_alpha_esd              ? 
_cell.angle_beta                   90.000 
_cell.angle_beta_esd               ? 
_cell.angle_gamma                  90.000 
_cell.angle_gamma_esd              ? 
_cell.entry_id                     7D31 
_cell.details                      ? 
_cell.formula_units_Z              ? 
_cell.length_a                     40.017 
_cell.length_a_esd                 ? 
_cell.length_b                     40.017 
_cell.length_b_esd                 ? 
_cell.length_c                     99.896 
_cell.length_c_esd                 ? 
_cell.volume                       ? 
_cell.volume_esd                   ? 
_cell.Z_PDB                        16 
_cell.reciprocal_angle_alpha       ? 
_cell.reciprocal_angle_beta        ? 
_cell.reciprocal_angle_gamma       ? 
_cell.reciprocal_angle_alpha_esd   ? 
_cell.reciprocal_angle_beta_esd    ? 
_cell.reciprocal_angle_gamma_esd   ? 
_cell.reciprocal_length_a          ? 
_cell.reciprocal_length_b          ? 
_cell.reciprocal_length_c          ? 
_cell.reciprocal_length_a_esd      ? 
_cell.reciprocal_length_b_esd      ? 
_cell.reciprocal_length_c_esd      ? 
_cell.pdbx_unique_axis             ? 
# 
_symmetry.entry_id                         7D31 
_symmetry.cell_setting                     ? 
_symmetry.Int_Tables_number                92 
_symmetry.space_group_name_Hall            ? 
_symmetry.space_group_name_H-M             'P 41 21 2' 
_symmetry.pdbx_full_space_group_name_H-M   ? 
# 
_exptl.absorpt_coefficient_mu     ? 
_exptl.absorpt_correction_T_max   ? 
_exptl.absorpt_correction_T_min   ? 
_exptl.absorpt_correction_type    ? 
_exptl.absorpt_process_details    ? 
_exptl.entry_id                   7D31 
_exptl.crystals_number            1 
_exptl.details                    ? 
_exptl.method                     'X-RAY DIFFRACTION' 
_exptl.method_details             ? 
# 
_exptl_crystal.colour                      ? 
_exptl_crystal.density_diffrn              ? 
_exptl_crystal.density_Matthews            2.11 
_exptl_crystal.density_method              ? 
_exptl_crystal.density_percent_sol         41.65 
_exptl_crystal.description                 Block 
_exptl_crystal.F_000                       ? 
_exptl_crystal.id                          1 
_exptl_crystal.preparation                 ? 
_exptl_crystal.size_max                    ? 
_exptl_crystal.size_mid                    ? 
_exptl_crystal.size_min                    ? 
_exptl_crystal.size_rad                    ? 
_exptl_crystal.colour_lustre               ? 
_exptl_crystal.colour_modifier             ? 
_exptl_crystal.colour_primary              ? 
_exptl_crystal.density_meas                ? 
_exptl_crystal.density_meas_esd            ? 
_exptl_crystal.density_meas_gt             ? 
_exptl_crystal.density_meas_lt             ? 
_exptl_crystal.density_meas_temp           ? 
_exptl_crystal.density_meas_temp_esd       ? 
_exptl_crystal.density_meas_temp_gt        ? 
_exptl_crystal.density_meas_temp_lt        ? 
_exptl_crystal.pdbx_crystal_image_url      ? 
_exptl_crystal.pdbx_crystal_image_format   ? 
_exptl_crystal.pdbx_mosaicity              ? 
_exptl_crystal.pdbx_mosaicity_esd          ? 
# 
_exptl_crystal_grow.apparatus       ? 
_exptl_crystal_grow.atmosphere      ? 
_exptl_crystal_grow.crystal_id      1 
_exptl_crystal_grow.details         ? 
_exptl_crystal_grow.method          'VAPOR DIFFUSION, HANGING DROP' 
_exptl_crystal_grow.method_ref      ? 
_exptl_crystal_grow.pH              7.0 
_exptl_crystal_grow.pressure        ? 
_exptl_crystal_grow.pressure_esd    ? 
_exptl_crystal_grow.seeding         ? 
_exptl_crystal_grow.seeding_ref     ? 
_exptl_crystal_grow.temp            291 
_exptl_crystal_grow.temp_details    ? 
_exptl_crystal_grow.temp_esd        ? 
_exptl_crystal_grow.time            ? 
_exptl_crystal_grow.pdbx_details    
'10% v/v MPD, 40 mM sodium cacodylate pH 7.0, 12 mM spermine tetra-HCl, and 80 mM sodium chloride' 
_exptl_crystal_grow.pdbx_pH_range   ? 
# 
_diffrn.ambient_environment              ? 
_diffrn.ambient_temp                     100 
_diffrn.ambient_temp_details             ? 
_diffrn.ambient_temp_esd                 ? 
_diffrn.crystal_id                       1 
_diffrn.crystal_support                  ? 
_diffrn.crystal_treatment                ? 
_diffrn.details                          ? 
_diffrn.id                               1 
_diffrn.ambient_pressure                 ? 
_diffrn.ambient_pressure_esd             ? 
_diffrn.ambient_pressure_gt              ? 
_diffrn.ambient_pressure_lt              ? 
_diffrn.ambient_temp_gt                  ? 
_diffrn.ambient_temp_lt                  ? 
_diffrn.pdbx_serial_crystal_experiment   N 
# 
_diffrn_detector.details                      ? 
_diffrn_detector.detector                     CCD 
_diffrn_detector.diffrn_id                    1 
_diffrn_detector.type                         'ADSC QUANTUM 315r' 
_diffrn_detector.area_resol_mean              ? 
_diffrn_detector.dtime                        ? 
_diffrn_detector.pdbx_frames_total            ? 
_diffrn_detector.pdbx_collection_time_total   ? 
_diffrn_detector.pdbx_collection_date         2018-12-25 
_diffrn_detector.pdbx_frequency               ? 
# 
_diffrn_radiation.collimation                      ? 
_diffrn_radiation.diffrn_id                        1 
_diffrn_radiation.filter_edge                      ? 
_diffrn_radiation.inhomogeneity                    ? 
_diffrn_radiation.monochromator                    Mirror 
_diffrn_radiation.polarisn_norm                    ? 
_diffrn_radiation.polarisn_ratio                   ? 
_diffrn_radiation.probe                            ? 
_diffrn_radiation.type                             ? 
_diffrn_radiation.xray_symbol                      ? 
_diffrn_radiation.wavelength_id                    1 
_diffrn_radiation.pdbx_monochromatic_or_laue_m_l   M 
_diffrn_radiation.pdbx_wavelength_list             ? 
_diffrn_radiation.pdbx_wavelength                  ? 
_diffrn_radiation.pdbx_diffrn_protocol             'SINGLE WAVELENGTH' 
_diffrn_radiation.pdbx_analyzer                    ? 
_diffrn_radiation.pdbx_scattering_type             x-ray 
# 
_diffrn_radiation_wavelength.id           1 
_diffrn_radiation_wavelength.wavelength   0.9793 
_diffrn_radiation_wavelength.wt           1.0 
# 
_diffrn_source.current                     ? 
_diffrn_source.details                     ? 
_diffrn_source.diffrn_id                   1 
_diffrn_source.power                       ? 
_diffrn_source.size                        ? 
_diffrn_source.source                      SYNCHROTRON 
_diffrn_source.target                      ? 
_diffrn_source.type                        'SSRF BEAMLINE BL17U1' 
_diffrn_source.voltage                     ? 
_diffrn_source.take-off_angle              ? 
_diffrn_source.pdbx_wavelength_list        0.9793 
_diffrn_source.pdbx_wavelength             ? 
_diffrn_source.pdbx_synchrotron_beamline   BL17U1 
_diffrn_source.pdbx_synchrotron_site       SSRF 
# 
_reflns.B_iso_Wilson_estimate            12.900 
_reflns.entry_id                         7D31 
_reflns.data_reduction_details           ? 
_reflns.data_reduction_method            ? 
_reflns.d_resolution_high                1.396 
_reflns.d_resolution_low                 30.000 
_reflns.details                          ? 
_reflns.limit_h_max                      ? 
_reflns.limit_h_min                      ? 
_reflns.limit_k_max                      ? 
_reflns.limit_k_min                      ? 
_reflns.limit_l_max                      ? 
_reflns.limit_l_min                      ? 
_reflns.number_all                       ? 
_reflns.number_obs                       16599 
_reflns.observed_criterion               ? 
_reflns.observed_criterion_F_max         ? 
_reflns.observed_criterion_F_min         ? 
_reflns.observed_criterion_I_max         ? 
_reflns.observed_criterion_I_min         ? 
_reflns.observed_criterion_sigma_F       ? 
_reflns.observed_criterion_sigma_I       ? 
_reflns.percent_possible_obs             97.900 
_reflns.R_free_details                   ? 
_reflns.Rmerge_F_all                     ? 
_reflns.Rmerge_F_obs                     ? 
_reflns.Friedel_coverage                 ? 
_reflns.number_gt                        ? 
_reflns.threshold_expression             ? 
_reflns.pdbx_redundancy                  14.400 
_reflns.pdbx_Rmerge_I_obs                0.109 
_reflns.pdbx_Rmerge_I_all                ? 
_reflns.pdbx_Rsym_value                  ? 
_reflns.pdbx_netI_over_av_sigmaI         ? 
_reflns.pdbx_netI_over_sigmaI            10.600 
_reflns.pdbx_res_netI_over_av_sigmaI_2   ? 
_reflns.pdbx_res_netI_over_sigmaI_2      ? 
_reflns.pdbx_chi_squared                 2.689 
_reflns.pdbx_scaling_rejects             ? 
_reflns.pdbx_d_res_high_opt              ? 
_reflns.pdbx_d_res_low_opt               ? 
_reflns.pdbx_d_res_opt_method            ? 
_reflns.phase_calculation_details        ? 
_reflns.pdbx_Rrim_I_all                  0.113 
_reflns.pdbx_Rpim_I_all                  0.028 
_reflns.pdbx_d_opt                       ? 
_reflns.pdbx_number_measured_all         ? 
_reflns.pdbx_diffrn_id                   1 
_reflns.pdbx_ordinal                     1 
_reflns.pdbx_CC_half                     ? 
_reflns.pdbx_CC_star                     ? 
_reflns.pdbx_R_split                     ? 
# 
loop_
_reflns_shell.d_res_high 
_reflns_shell.d_res_low 
_reflns_shell.meanI_over_sigI_all 
_reflns_shell.meanI_over_sigI_obs 
_reflns_shell.number_measured_all 
_reflns_shell.number_measured_obs 
_reflns_shell.number_possible 
_reflns_shell.number_unique_all 
_reflns_shell.number_unique_obs 
_reflns_shell.percent_possible_all 
_reflns_shell.percent_possible_obs 
_reflns_shell.Rmerge_F_all 
_reflns_shell.Rmerge_F_obs 
_reflns_shell.Rmerge_I_all 
_reflns_shell.Rmerge_I_obs 
_reflns_shell.meanI_over_sigI_gt 
_reflns_shell.meanI_over_uI_all 
_reflns_shell.meanI_over_uI_gt 
_reflns_shell.number_measured_gt 
_reflns_shell.number_unique_gt 
_reflns_shell.percent_possible_gt 
_reflns_shell.Rmerge_F_gt 
_reflns_shell.Rmerge_I_gt 
_reflns_shell.pdbx_redundancy 
_reflns_shell.pdbx_Rsym_value 
_reflns_shell.pdbx_chi_squared 
_reflns_shell.pdbx_netI_over_sigmaI_all 
_reflns_shell.pdbx_netI_over_sigmaI_obs 
_reflns_shell.pdbx_Rrim_I_all 
_reflns_shell.pdbx_Rpim_I_all 
_reflns_shell.pdbx_rejects 
_reflns_shell.pdbx_ordinal 
_reflns_shell.pdbx_diffrn_id 
_reflns_shell.pdbx_CC_half 
_reflns_shell.pdbx_CC_star 
_reflns_shell.pdbx_R_split 
1.400 1.450  ? ? ? ? ? ? 1469 89.600  ? ? ? ? 0.381 ? ? ? ? ? ? ? ? 3.800  ? 0.839 ? ? 0.436 0.203 ? 1  1 0.767 ? ? 
1.450 1.510  ? ? ? ? ? ? 1621 98.500  ? ? ? ? 0.374 ? ? ? ? ? ? ? ? 6.000  ? 1.077 ? ? 0.407 0.153 ? 2  1 0.896 ? ? 
1.510 1.580  ? ? ? ? ? ? 1658 99.600  ? ? ? ? 0.307 ? ? ? ? ? ? ? ? 10.000 ? 1.456 ? ? 0.323 0.097 ? 3  1 0.975 ? ? 
1.580 1.660  ? ? ? ? ? ? 1668 99.900  ? ? ? ? 0.232 ? ? ? ? ? ? ? ? 16.100 ? 1.917 ? ? 0.240 0.057 ? 4  1 0.990 ? ? 
1.660 1.760  ? ? ? ? ? ? 1654 100.000 ? ? ? ? 0.183 ? ? ? ? ? ? ? ? 17.200 ? 2.242 ? ? 0.188 0.043 ? 5  1 0.994 ? ? 
1.760 1.900  ? ? ? ? ? ? 1677 99.900  ? ? ? ? 0.155 ? ? ? ? ? ? ? ? 17.400 ? 2.464 ? ? 0.160 0.037 ? 6  1 0.994 ? ? 
1.900 2.090  ? ? ? ? ? ? 1685 99.900  ? ? ? ? 0.126 ? ? ? ? ? ? ? ? 19.100 ? 2.714 ? ? 0.130 0.029 ? 7  1 0.996 ? ? 
2.090 2.390  ? ? ? ? ? ? 1695 99.600  ? ? ? ? 0.108 ? ? ? ? ? ? ? ? 19.400 ? 3.129 ? ? 0.111 0.025 ? 8  1 0.997 ? ? 
2.390 3.020  ? ? ? ? ? ? 1706 98.600  ? ? ? ? 0.093 ? ? ? ? ? ? ? ? 18.900 ? 3.613 ? ? 0.095 0.022 ? 9  1 0.997 ? ? 
3.020 30.000 ? ? ? ? ? ? 1766 93.500  ? ? ? ? 0.078 ? ? ? ? ? ? ? ? 14.100 ? 4.144 ? ? 0.081 0.023 ? 10 1 0.997 ? ? 
# 
_refine.aniso_B[1][1]                            ? 
_refine.aniso_B[1][2]                            ? 
_refine.aniso_B[1][3]                            ? 
_refine.aniso_B[2][2]                            ? 
_refine.aniso_B[2][3]                            ? 
_refine.aniso_B[3][3]                            ? 
_refine.B_iso_max                                33.150 
_refine.B_iso_mean                               18.9052 
_refine.B_iso_min                                11.470 
_refine.correlation_coeff_Fo_to_Fc               ? 
_refine.correlation_coeff_Fo_to_Fc_free          ? 
_refine.details                                  ? 
_refine.diff_density_max                         ? 
_refine.diff_density_max_esd                     ? 
_refine.diff_density_min                         ? 
_refine.diff_density_min_esd                     ? 
_refine.diff_density_rms                         ? 
_refine.diff_density_rms_esd                     ? 
_refine.entry_id                                 7D31 
_refine.pdbx_refine_id                           'X-RAY DIFFRACTION' 
_refine.ls_abs_structure_details                 ? 
_refine.ls_abs_structure_Flack                   ? 
_refine.ls_abs_structure_Flack_esd               ? 
_refine.ls_abs_structure_Rogers                  ? 
_refine.ls_abs_structure_Rogers_esd              ? 
_refine.ls_d_res_high                            1.3960 
_refine.ls_d_res_low                             27.2250 
_refine.ls_extinction_coef                       ? 
_refine.ls_extinction_coef_esd                   ? 
_refine.ls_extinction_expression                 ? 
_refine.ls_extinction_method                     ? 
_refine.ls_goodness_of_fit_all                   ? 
_refine.ls_goodness_of_fit_all_esd               ? 
_refine.ls_goodness_of_fit_obs                   ? 
_refine.ls_goodness_of_fit_obs_esd               ? 
_refine.ls_hydrogen_treatment                    ? 
_refine.ls_matrix_type                           ? 
_refine.ls_number_constraints                    ? 
_refine.ls_number_parameters                     ? 
_refine.ls_number_reflns_all                     ? 
_refine.ls_number_reflns_obs                     16540 
_refine.ls_number_reflns_R_free                  811 
_refine.ls_number_reflns_R_work                  15729 
_refine.ls_number_restraints                     ? 
_refine.ls_percent_reflns_obs                    97.9400 
_refine.ls_percent_reflns_R_free                 4.9000 
_refine.ls_R_factor_all                          ? 
_refine.ls_R_factor_obs                          0.1274 
_refine.ls_R_factor_R_free                       0.1482 
_refine.ls_R_factor_R_free_error                 ? 
_refine.ls_R_factor_R_free_error_details         ? 
_refine.ls_R_factor_R_work                       0.1263 
_refine.ls_R_Fsqd_factor_obs                     ? 
_refine.ls_R_I_factor_obs                        ? 
_refine.ls_redundancy_reflns_all                 ? 
_refine.ls_redundancy_reflns_obs                 ? 
_refine.ls_restrained_S_all                      ? 
_refine.ls_restrained_S_obs                      ? 
_refine.ls_shift_over_esd_max                    ? 
_refine.ls_shift_over_esd_mean                   ? 
_refine.ls_structure_factor_coef                 ? 
_refine.ls_weighting_details                     ? 
_refine.ls_weighting_scheme                      ? 
_refine.ls_wR_factor_all                         ? 
_refine.ls_wR_factor_obs                         ? 
_refine.ls_wR_factor_R_free                      ? 
_refine.ls_wR_factor_R_work                      ? 
_refine.occupancy_max                            ? 
_refine.occupancy_min                            ? 
_refine.solvent_model_details                    'FLAT BULK SOLVENT MODEL' 
_refine.solvent_model_param_bsol                 ? 
_refine.solvent_model_param_ksol                 ? 
_refine.pdbx_R_complete                          ? 
_refine.ls_R_factor_gt                           ? 
_refine.ls_goodness_of_fit_gt                    ? 
_refine.ls_goodness_of_fit_ref                   ? 
_refine.ls_shift_over_su_max                     ? 
_refine.ls_shift_over_su_max_lt                  ? 
_refine.ls_shift_over_su_mean                    ? 
_refine.ls_shift_over_su_mean_lt                 ? 
_refine.pdbx_ls_sigma_I                          ? 
_refine.pdbx_ls_sigma_F                          1.410 
_refine.pdbx_ls_sigma_Fsqd                       ? 
_refine.pdbx_data_cutoff_high_absF               ? 
_refine.pdbx_data_cutoff_high_rms_absF           ? 
_refine.pdbx_data_cutoff_low_absF                ? 
_refine.pdbx_isotropic_thermal_model             ? 
_refine.pdbx_ls_cross_valid_method               THROUGHOUT 
_refine.pdbx_method_to_determine_struct          SAD 
_refine.pdbx_starting_model                      ? 
_refine.pdbx_stereochemistry_target_values       ML 
_refine.pdbx_R_Free_selection_details            ? 
_refine.pdbx_stereochem_target_val_spec_case     ? 
_refine.pdbx_overall_ESU_R                       ? 
_refine.pdbx_overall_ESU_R_Free                  ? 
_refine.pdbx_solvent_vdw_probe_radii             1.1100 
_refine.pdbx_solvent_ion_probe_radii             ? 
_refine.pdbx_solvent_shrinkage_radii             0.9000 
_refine.pdbx_real_space_R                        ? 
_refine.pdbx_density_correlation                 ? 
_refine.pdbx_pd_number_of_powder_patterns        ? 
_refine.pdbx_pd_number_of_points                 ? 
_refine.pdbx_pd_meas_number_of_points            ? 
_refine.pdbx_pd_proc_ls_prof_R_factor            ? 
_refine.pdbx_pd_proc_ls_prof_wR_factor           ? 
_refine.pdbx_pd_Marquardt_correlation_coeff      ? 
_refine.pdbx_pd_Fsqrd_R_factor                   ? 
_refine.pdbx_pd_ls_matrix_band_width             ? 
_refine.pdbx_overall_phase_error                 13.5000 
_refine.pdbx_overall_SU_R_free_Cruickshank_DPI   ? 
_refine.pdbx_overall_SU_R_free_Blow_DPI          ? 
_refine.pdbx_overall_SU_R_Blow_DPI               ? 
_refine.pdbx_TLS_residual_ADP_flag               ? 
_refine.pdbx_diffrn_id                           1 
_refine.overall_SU_B                             ? 
_refine.overall_SU_ML                            0.0900 
_refine.overall_SU_R_Cruickshank_DPI             ? 
_refine.overall_SU_R_free                        ? 
_refine.overall_FOM_free_R_set                   ? 
_refine.overall_FOM_work_R_set                   ? 
_refine.pdbx_average_fsc_overall                 ? 
_refine.pdbx_average_fsc_work                    ? 
_refine.pdbx_average_fsc_free                    ? 
# 
_refine_hist.pdbx_refine_id                   'X-RAY DIFFRACTION' 
_refine_hist.cycle_id                         final 
_refine_hist.details                          ? 
_refine_hist.d_res_high                       1.3960 
_refine_hist.d_res_low                        27.2250 
_refine_hist.number_atoms_solvent             57 
_refine_hist.number_atoms_total               689 
_refine_hist.number_reflns_all                ? 
_refine_hist.number_reflns_obs                ? 
_refine_hist.number_reflns_R_free             ? 
_refine_hist.number_reflns_R_work             ? 
_refine_hist.R_factor_all                     ? 
_refine_hist.R_factor_obs                     ? 
_refine_hist.R_factor_R_free                  ? 
_refine_hist.R_factor_R_work                  ? 
_refine_hist.pdbx_number_residues_total       30 
_refine_hist.pdbx_B_iso_mean_ligand           15.53 
_refine_hist.pdbx_B_iso_mean_solvent          23.28 
_refine_hist.pdbx_number_atoms_protein        0 
_refine_hist.pdbx_number_atoms_nucleic_acid   630 
_refine_hist.pdbx_number_atoms_ligand         2 
_refine_hist.pdbx_number_atoms_lipid          ? 
_refine_hist.pdbx_number_atoms_carb           ? 
_refine_hist.pdbx_pseudo_atom_details         ? 
# 
loop_
_refine_ls_restr.pdbx_refine_id 
_refine_ls_restr.criterion 
_refine_ls_restr.dev_ideal 
_refine_ls_restr.dev_ideal_target 
_refine_ls_restr.number 
_refine_ls_restr.rejects 
_refine_ls_restr.type 
_refine_ls_restr.weight 
_refine_ls_restr.pdbx_restraint_function 
'X-RAY DIFFRACTION' ? 0.007  ? 706  ? f_bond_d           ? ? 
'X-RAY DIFFRACTION' ? 0.997  ? 1094 ? f_angle_d          ? ? 
'X-RAY DIFFRACTION' ? 0.047  ? 118  ? f_chiral_restr     ? ? 
'X-RAY DIFFRACTION' ? 0.009  ? 30   ? f_plane_restr      ? ? 
'X-RAY DIFFRACTION' ? 32.866 ? 292  ? f_dihedral_angle_d ? ? 
# 
loop_
_refine_ls_restr_ncs.pdbx_refine_id 
_refine_ls_restr_ncs.dom_id 
_refine_ls_restr_ncs.ncs_model_details 
_refine_ls_restr_ncs.rms_dev_B_iso 
_refine_ls_restr_ncs.rms_dev_position 
_refine_ls_restr_ncs.weight_B_iso 
_refine_ls_restr_ncs.weight_position 
_refine_ls_restr_ncs.pdbx_ordinal 
_refine_ls_restr_ncs.pdbx_type 
_refine_ls_restr_ncs.pdbx_asym_id 
_refine_ls_restr_ncs.pdbx_auth_asym_id 
_refine_ls_restr_ncs.pdbx_number 
_refine_ls_restr_ncs.pdbx_rms 
_refine_ls_restr_ncs.pdbx_weight 
_refine_ls_restr_ncs.pdbx_ens_id 
'X-RAY DIFFRACTION' 1 ? ? ? ? ? 1 TORSIONAL ? A 292 4.842 ? 1 
'X-RAY DIFFRACTION' 2 ? ? ? ? ? 2 TORSIONAL ? B 292 4.842 ? 1 
# 
loop_
_refine_ls_shell.pdbx_refine_id 
_refine_ls_shell.d_res_high 
_refine_ls_shell.d_res_low 
_refine_ls_shell.number_reflns_all 
_refine_ls_shell.number_reflns_obs 
_refine_ls_shell.number_reflns_R_free 
_refine_ls_shell.number_reflns_R_work 
_refine_ls_shell.percent_reflns_obs 
_refine_ls_shell.percent_reflns_R_free 
_refine_ls_shell.R_factor_all 
_refine_ls_shell.R_factor_obs 
_refine_ls_shell.R_factor_R_free 
_refine_ls_shell.R_factor_R_free_error 
_refine_ls_shell.R_factor_R_work 
_refine_ls_shell.redundancy_reflns_all 
_refine_ls_shell.redundancy_reflns_obs 
_refine_ls_shell.wR_factor_all 
_refine_ls_shell.wR_factor_obs 
_refine_ls_shell.wR_factor_R_free 
_refine_ls_shell.wR_factor_R_work 
_refine_ls_shell.pdbx_R_complete 
_refine_ls_shell.pdbx_total_number_of_bins_used 
_refine_ls_shell.pdbx_phase_error 
_refine_ls_shell.pdbx_fsc_work 
_refine_ls_shell.pdbx_fsc_free 
'X-RAY DIFFRACTION' 1.3963 1.4838 . . 128 2432 93.0000  . . . 0.2100 0.0000 0.1669 . . . . . . . . . . . 
'X-RAY DIFFRACTION' 1.4838 1.5983 . . 130 2609 100.0000 . . . 0.1409 0.0000 0.1058 . . . . . . . . . . . 
'X-RAY DIFFRACTION' 1.5983 1.7592 . . 127 2630 100.0000 . . . 0.1118 0.0000 0.0843 . . . . . . . . . . . 
'X-RAY DIFFRACTION' 1.7592 2.0136 . . 139 2654 100.0000 . . . 0.1155 0.0000 0.0955 . . . . . . . . . . . 
'X-RAY DIFFRACTION' 2.0136 2.5367 . . 145 2673 100.0000 . . . 0.1434 0.0000 0.1279 . . . . . . . . . . . 
'X-RAY DIFFRACTION' 2.5367 27.225 . . 142 2731 95.0000  . . . 0.1657 0.0000 0.1454 . . . . . . . . . . . 
# 
loop_
_struct_ncs_dom.pdbx_ens_id 
_struct_ncs_dom.id 
_struct_ncs_dom.details 
1 1 'chain A' 
1 2 'chain B' 
# 
loop_
_struct_ncs_dom_lim.pdbx_ens_id 
_struct_ncs_dom_lim.dom_id 
_struct_ncs_dom_lim.pdbx_component_id 
_struct_ncs_dom_lim.beg_label_asym_id 
_struct_ncs_dom_lim.beg_label_comp_id 
_struct_ncs_dom_lim.beg_label_seq_id 
_struct_ncs_dom_lim.beg_label_alt_id 
_struct_ncs_dom_lim.end_label_asym_id 
_struct_ncs_dom_lim.end_label_comp_id 
_struct_ncs_dom_lim.end_label_seq_id 
_struct_ncs_dom_lim.end_label_alt_id 
_struct_ncs_dom_lim.beg_auth_asym_id 
_struct_ncs_dom_lim.beg_auth_comp_id 
_struct_ncs_dom_lim.beg_auth_seq_id 
_struct_ncs_dom_lim.end_auth_asym_id 
_struct_ncs_dom_lim.end_auth_comp_id 
_struct_ncs_dom_lim.end_auth_seq_id 
_struct_ncs_dom_lim.pdbx_refine_code 
_struct_ncs_dom_lim.selection_details 
1 1 1 A DG 1 . A DG 15 . A DG 1 A DG 15 ? 'chain A' 
1 2 1 B DG 1 . B DG 15 . B DG 1 B DG 15 ? 'chain B' 
# 
_struct_ncs_ens.id        1 
_struct_ncs_ens.details   ? 
# 
_struct.entry_id                     7D31 
_struct.title                        'The TBA-Pb2+ complex in P41212 space group' 
_struct.pdbx_model_details           ? 
_struct.pdbx_formula_weight          ? 
_struct.pdbx_formula_weight_method   ? 
_struct.pdbx_model_type_details      ? 
_struct.pdbx_CASP_flag               N 
# 
_struct_keywords.entry_id        7D31 
_struct_keywords.text            'Quadruplex, Pb2+-binding, DNA aptamer, DNA' 
_struct_keywords.pdbx_keywords   DNA 
# 
loop_
_struct_asym.id 
_struct_asym.pdbx_blank_PDB_chainid_flag 
_struct_asym.pdbx_modified 
_struct_asym.entity_id 
_struct_asym.details 
A N N 1 ? 
B N N 1 ? 
C N N 2 ? 
D N N 2 ? 
E N N 3 ? 
F N N 3 ? 
# 
_struct_ref.id                         1 
_struct_ref.db_name                    PDB 
_struct_ref.db_code                    7D31 
_struct_ref.pdbx_db_accession          7D31 
_struct_ref.pdbx_db_isoform            ? 
_struct_ref.entity_id                  1 
_struct_ref.pdbx_seq_one_letter_code   ? 
_struct_ref.pdbx_align_begin           1 
# 
loop_
_struct_ref_seq.align_id 
_struct_ref_seq.ref_id 
_struct_ref_seq.pdbx_PDB_id_code 
_struct_ref_seq.pdbx_strand_id 
_struct_ref_seq.seq_align_beg 
_struct_ref_seq.pdbx_seq_align_beg_ins_code 
_struct_ref_seq.seq_align_end 
_struct_ref_seq.pdbx_seq_align_end_ins_code 
_struct_ref_seq.pdbx_db_accession 
_struct_ref_seq.db_align_beg 
_struct_ref_seq.pdbx_db_align_beg_ins_code 
_struct_ref_seq.db_align_end 
_struct_ref_seq.pdbx_db_align_end_ins_code 
_struct_ref_seq.pdbx_auth_seq_align_beg 
_struct_ref_seq.pdbx_auth_seq_align_end 
1 1 7D31 A 1 ? 15 ? 7D31 1 ? 15 ? 1 15 
2 1 7D31 B 1 ? 15 ? 7D31 1 ? 15 ? 1 15 
# 
_pdbx_struct_assembly.id                   1 
_pdbx_struct_assembly.details              author_defined_assembly 
_pdbx_struct_assembly.method_details       ? 
_pdbx_struct_assembly.oligomeric_details   dimeric 
_pdbx_struct_assembly.oligomeric_count     2 
# 
loop_
_pdbx_struct_assembly_prop.biol_id 
_pdbx_struct_assembly_prop.type 
_pdbx_struct_assembly_prop.value 
_pdbx_struct_assembly_prop.details 
1 'ABSA (A^2)' 1460 ? 
1 MORE         1    ? 
1 'SSA (A^2)'  4540 ? 
# 
_pdbx_struct_assembly_gen.assembly_id       1 
_pdbx_struct_assembly_gen.oper_expression   1 
_pdbx_struct_assembly_gen.asym_id_list      A,B,C,D,E,F 
# 
_pdbx_struct_assembly_auth_evidence.id                     1 
_pdbx_struct_assembly_auth_evidence.assembly_id            1 
_pdbx_struct_assembly_auth_evidence.experimental_support   none 
_pdbx_struct_assembly_auth_evidence.details                ? 
# 
_pdbx_struct_oper_list.id                   1 
_pdbx_struct_oper_list.type                 'identity operation' 
_pdbx_struct_oper_list.name                 1_555 
_pdbx_struct_oper_list.symmetry_operation   x,y,z 
_pdbx_struct_oper_list.matrix[1][1]         1.0000000000 
_pdbx_struct_oper_list.matrix[1][2]         0.0000000000 
_pdbx_struct_oper_list.matrix[1][3]         0.0000000000 
_pdbx_struct_oper_list.vector[1]            0.0000000000 
_pdbx_struct_oper_list.matrix[2][1]         0.0000000000 
_pdbx_struct_oper_list.matrix[2][2]         1.0000000000 
_pdbx_struct_oper_list.matrix[2][3]         0.0000000000 
_pdbx_struct_oper_list.vector[2]            0.0000000000 
_pdbx_struct_oper_list.matrix[3][1]         0.0000000000 
_pdbx_struct_oper_list.matrix[3][2]         0.0000000000 
_pdbx_struct_oper_list.matrix[3][3]         1.0000000000 
_pdbx_struct_oper_list.vector[3]            0.0000000000 
# 
loop_
_struct_conn.id 
_struct_conn.conn_type_id 
_struct_conn.pdbx_leaving_atom_flag 
_struct_conn.pdbx_PDB_id 
_struct_conn.ptnr1_label_asym_id 
_struct_conn.ptnr1_label_comp_id 
_struct_conn.ptnr1_label_seq_id 
_struct_conn.ptnr1_label_atom_id 
_struct_conn.pdbx_ptnr1_label_alt_id 
_struct_conn.pdbx_ptnr1_PDB_ins_code 
_struct_conn.pdbx_ptnr1_standard_comp_id 
_struct_conn.ptnr1_symmetry 
_struct_conn.ptnr2_label_asym_id 
_struct_conn.ptnr2_label_comp_id 
_struct_conn.ptnr2_label_seq_id 
_struct_conn.ptnr2_label_atom_id 
_struct_conn.pdbx_ptnr2_label_alt_id 
_struct_conn.pdbx_ptnr2_PDB_ins_code 
_struct_conn.ptnr1_auth_asym_id 
_struct_conn.ptnr1_auth_comp_id 
_struct_conn.ptnr1_auth_seq_id 
_struct_conn.ptnr2_auth_asym_id 
_struct_conn.ptnr2_auth_comp_id 
_struct_conn.ptnr2_auth_seq_id 
_struct_conn.ptnr2_symmetry 
_struct_conn.pdbx_ptnr3_label_atom_id 
_struct_conn.pdbx_ptnr3_label_seq_id 
_struct_conn.pdbx_ptnr3_label_comp_id 
_struct_conn.pdbx_ptnr3_label_asym_id 
_struct_conn.pdbx_ptnr3_label_alt_id 
_struct_conn.pdbx_ptnr3_PDB_ins_code 
_struct_conn.details 
_struct_conn.pdbx_dist_value 
_struct_conn.pdbx_value_order 
_struct_conn.pdbx_role 
metalc1  metalc ? ? A DG 1  O6 ? ? ? 1_555 C PB .  PB ? ? A DG 1  A PB 101 1_555 ? ? ? ? ? ? ?            2.602 ? ? 
metalc2  metalc ? ? A DG 2  O6 ? ? ? 1_555 C PB .  PB ? ? A DG 2  A PB 101 1_555 ? ? ? ? ? ? ?            2.647 ? ? 
metalc3  metalc ? ? A DG 5  O6 ? ? ? 1_555 C PB .  PB ? ? A DG 5  A PB 101 1_555 ? ? ? ? ? ? ?            2.594 ? ? 
metalc4  metalc ? ? A DG 6  O6 ? ? ? 1_555 C PB .  PB ? ? A DG 6  A PB 101 1_555 ? ? ? ? ? ? ?            2.749 ? ? 
metalc5  metalc ? ? A DG 10 O6 ? ? ? 1_555 C PB .  PB ? ? A DG 10 A PB 101 1_555 ? ? ? ? ? ? ?            2.588 ? ? 
metalc6  metalc ? ? A DG 11 O6 ? ? ? 1_555 C PB .  PB ? ? A DG 11 A PB 101 1_555 ? ? ? ? ? ? ?            2.659 ? ? 
metalc7  metalc ? ? A DG 14 O6 ? ? ? 1_555 C PB .  PB ? ? A DG 14 A PB 101 1_555 ? ? ? ? ? ? ?            2.606 ? ? 
metalc8  metalc ? ? A DG 15 O6 ? ? ? 1_555 C PB .  PB ? ? A DG 15 A PB 101 1_555 ? ? ? ? ? ? ?            2.721 ? ? 
metalc9  metalc ? ? B DG 1  O6 ? ? ? 1_555 D PB .  PB ? ? B DG 1  B PB 101 1_555 ? ? ? ? ? ? ?            2.556 ? ? 
metalc10 metalc ? ? B DG 2  O6 ? ? ? 1_555 D PB .  PB ? ? B DG 2  B PB 101 1_555 ? ? ? ? ? ? ?            2.703 ? ? 
metalc11 metalc ? ? B DG 5  O6 ? ? ? 1_555 D PB .  PB ? ? B DG 5  B PB 101 1_555 ? ? ? ? ? ? ?            2.599 ? ? 
metalc12 metalc ? ? B DG 6  O6 ? ? ? 1_555 D PB .  PB ? ? B DG 6  B PB 101 1_555 ? ? ? ? ? ? ?            2.764 ? ? 
metalc13 metalc ? ? B DG 10 O6 ? ? ? 1_555 D PB .  PB ? ? B DG 10 B PB 101 1_555 ? ? ? ? ? ? ?            2.652 ? ? 
metalc14 metalc ? ? B DG 11 O6 ? ? ? 1_555 D PB .  PB ? ? B DG 11 B PB 101 1_555 ? ? ? ? ? ? ?            2.602 ? ? 
metalc15 metalc ? ? B DG 14 O6 ? ? ? 1_555 D PB .  PB ? ? B DG 14 B PB 101 1_555 ? ? ? ? ? ? ?            2.590 ? ? 
metalc16 metalc ? ? B DG 15 O6 ? ? ? 1_555 D PB .  PB ? ? B DG 15 B PB 101 1_555 ? ? ? ? ? ? ?            2.729 ? ? 
hydrog1  hydrog ? ? A DG 1  N1 ? ? ? 1_555 A DG 6  O6 ? ? A DG 1  A DG 6   1_555 ? ? ? ? ? ? TYPE_6_PAIR  ?     ? ? 
hydrog2  hydrog ? ? A DG 1  N2 ? ? ? 1_555 A DG 6  N7 ? ? A DG 1  A DG 6   1_555 ? ? ? ? ? ? TYPE_6_PAIR  ?     ? ? 
hydrog3  hydrog ? ? A DG 1  N7 ? ? ? 1_555 A DG 15 N2 ? ? A DG 1  A DG 15  1_555 ? ? ? ? ? ? TYPE_6_PAIR  ?     ? ? 
hydrog4  hydrog ? ? A DG 1  O6 ? ? ? 1_555 A DG 15 N1 ? ? A DG 1  A DG 15  1_555 ? ? ? ? ? ? TYPE_6_PAIR  ?     ? ? 
hydrog5  hydrog ? ? A DG 2  N7 ? ? ? 1_555 A DG 5  N2 ? ? A DG 2  A DG 5   1_555 ? ? ? ? ? ? TYPE_6_PAIR  ?     ? ? 
hydrog6  hydrog ? ? A DG 2  O6 ? ? ? 1_555 A DG 5  N1 ? ? A DG 2  A DG 5   1_555 ? ? ? ? ? ? TYPE_6_PAIR  ?     ? ? 
hydrog7  hydrog ? ? A DG 2  N1 ? ? ? 1_555 A DG 14 O6 ? ? A DG 2  A DG 14  1_555 ? ? ? ? ? ? TYPE_6_PAIR  ?     ? ? 
hydrog8  hydrog ? ? A DG 2  N2 ? ? ? 1_555 A DG 14 N7 ? ? A DG 2  A DG 14  1_555 ? ? ? ? ? ? TYPE_6_PAIR  ?     ? ? 
hydrog9  hydrog ? ? A DT 3  N3 ? ? ? 1_555 B DT 13 O4 ? ? A DT 3  B DT 13  1_555 ? ? ? ? ? ? TYPE_12_PAIR ?     ? ? 
hydrog10 hydrog ? ? A DT 3  O4 ? ? ? 1_555 B DT 13 N3 ? ? A DT 3  B DT 13  1_555 ? ? ? ? ? ? TYPE_12_PAIR ?     ? ? 
hydrog11 hydrog ? ? A DT 4  N3 ? ? ? 1_555 B DT 12 O4 ? ? A DT 4  B DT 12  1_555 ? ? ? ? ? ? TYPE_12_PAIR ?     ? ? 
hydrog12 hydrog ? ? A DT 4  O4 ? ? ? 1_555 B DT 12 N3 ? ? A DT 4  B DT 12  1_555 ? ? ? ? ? ? TYPE_12_PAIR ?     ? ? 
hydrog13 hydrog ? ? A DG 5  N7 ? ? ? 1_555 A DG 11 N2 ? ? A DG 5  A DG 11  1_555 ? ? ? ? ? ? TYPE_6_PAIR  ?     ? ? 
hydrog14 hydrog ? ? A DG 5  O6 ? ? ? 1_555 A DG 11 N1 ? ? A DG 5  A DG 11  1_555 ? ? ? ? ? ? TYPE_6_PAIR  ?     ? ? 
hydrog15 hydrog ? ? A DG 6  N1 ? ? ? 1_555 A DG 10 O6 ? ? A DG 6  A DG 10  1_555 ? ? ? ? ? ? TYPE_6_PAIR  ?     ? ? 
hydrog16 hydrog ? ? A DG 6  N2 ? ? ? 1_555 A DG 10 N7 ? ? A DG 6  A DG 10  1_555 ? ? ? ? ? ? TYPE_6_PAIR  ?     ? ? 
hydrog17 hydrog ? ? A DG 10 N1 ? ? ? 1_555 A DG 15 O6 ? ? A DG 10 A DG 15  1_555 ? ? ? ? ? ? TYPE_6_PAIR  ?     ? ? 
hydrog18 hydrog ? ? A DG 10 N2 ? ? ? 1_555 A DG 15 N7 ? ? A DG 10 A DG 15  1_555 ? ? ? ? ? ? TYPE_6_PAIR  ?     ? ? 
hydrog19 hydrog ? ? A DG 11 N7 ? ? ? 1_555 A DG 14 N2 ? ? A DG 11 A DG 14  1_555 ? ? ? ? ? ? TYPE_6_PAIR  ?     ? ? 
hydrog20 hydrog ? ? A DG 11 O6 ? ? ? 1_555 A DG 14 N1 ? ? A DG 11 A DG 14  1_555 ? ? ? ? ? ? TYPE_6_PAIR  ?     ? ? 
hydrog21 hydrog ? ? A DT 12 N3 ? ? ? 1_555 B DT 4  O4 ? ? A DT 12 B DT 4   1_555 ? ? ? ? ? ? TYPE_12_PAIR ?     ? ? 
hydrog22 hydrog ? ? A DT 12 O4 ? ? ? 1_555 B DT 4  N3 ? ? A DT 12 B DT 4   1_555 ? ? ? ? ? ? TYPE_12_PAIR ?     ? ? 
hydrog23 hydrog ? ? A DT 13 N3 ? ? ? 1_555 B DT 3  O4 ? ? A DT 13 B DT 3   1_555 ? ? ? ? ? ? TYPE_12_PAIR ?     ? ? 
hydrog24 hydrog ? ? A DT 13 O4 ? ? ? 1_555 B DT 3  N3 ? ? A DT 13 B DT 3   1_555 ? ? ? ? ? ? TYPE_12_PAIR ?     ? ? 
hydrog25 hydrog ? ? B DG 1  N1 ? ? ? 1_555 B DG 6  O6 ? ? B DG 1  B DG 6   1_555 ? ? ? ? ? ? TYPE_6_PAIR  ?     ? ? 
hydrog26 hydrog ? ? B DG 1  N2 ? ? ? 1_555 B DG 6  N7 ? ? B DG 1  B DG 6   1_555 ? ? ? ? ? ? TYPE_6_PAIR  ?     ? ? 
hydrog27 hydrog ? ? B DG 1  N7 ? ? ? 1_555 B DG 15 N2 ? ? B DG 1  B DG 15  1_555 ? ? ? ? ? ? TYPE_6_PAIR  ?     ? ? 
hydrog28 hydrog ? ? B DG 1  O6 ? ? ? 1_555 B DG 15 N1 ? ? B DG 1  B DG 15  1_555 ? ? ? ? ? ? TYPE_6_PAIR  ?     ? ? 
hydrog29 hydrog ? ? B DG 2  N7 ? ? ? 1_555 B DG 5  N2 ? ? B DG 2  B DG 5   1_555 ? ? ? ? ? ? TYPE_6_PAIR  ?     ? ? 
hydrog30 hydrog ? ? B DG 2  O6 ? ? ? 1_555 B DG 5  N1 ? ? B DG 2  B DG 5   1_555 ? ? ? ? ? ? TYPE_6_PAIR  ?     ? ? 
hydrog31 hydrog ? ? B DG 2  N1 ? ? ? 1_555 B DG 14 O6 ? ? B DG 2  B DG 14  1_555 ? ? ? ? ? ? TYPE_6_PAIR  ?     ? ? 
hydrog32 hydrog ? ? B DG 2  N2 ? ? ? 1_555 B DG 14 N7 ? ? B DG 2  B DG 14  1_555 ? ? ? ? ? ? TYPE_6_PAIR  ?     ? ? 
hydrog33 hydrog ? ? B DG 5  N7 ? ? ? 1_555 B DG 11 N2 ? ? B DG 5  B DG 11  1_555 ? ? ? ? ? ? TYPE_6_PAIR  ?     ? ? 
hydrog34 hydrog ? ? B DG 5  O6 ? ? ? 1_555 B DG 11 N1 ? ? B DG 5  B DG 11  1_555 ? ? ? ? ? ? TYPE_6_PAIR  ?     ? ? 
hydrog35 hydrog ? ? B DG 6  N1 ? ? ? 1_555 B DG 10 O6 ? ? B DG 6  B DG 10  1_555 ? ? ? ? ? ? TYPE_6_PAIR  ?     ? ? 
hydrog36 hydrog ? ? B DG 6  N2 ? ? ? 1_555 B DG 10 N7 ? ? B DG 6  B DG 10  1_555 ? ? ? ? ? ? TYPE_6_PAIR  ?     ? ? 
hydrog37 hydrog ? ? B DG 10 N1 ? ? ? 1_555 B DG 15 O6 ? ? B DG 10 B DG 15  1_555 ? ? ? ? ? ? TYPE_6_PAIR  ?     ? ? 
hydrog38 hydrog ? ? B DG 10 N2 ? ? ? 1_555 B DG 15 N7 ? ? B DG 10 B DG 15  1_555 ? ? ? ? ? ? TYPE_6_PAIR  ?     ? ? 
hydrog39 hydrog ? ? B DG 11 N7 ? ? ? 1_555 B DG 14 N2 ? ? B DG 11 B DG 14  1_555 ? ? ? ? ? ? TYPE_6_PAIR  ?     ? ? 
hydrog40 hydrog ? ? B DG 11 O6 ? ? ? 1_555 B DG 14 N1 ? ? B DG 11 B DG 14  1_555 ? ? ? ? ? ? TYPE_6_PAIR  ?     ? ? 
# 
loop_
_struct_conn_type.id 
_struct_conn_type.criteria 
_struct_conn_type.reference 
metalc ? ? 
hydrog ? ? 
# 
loop_
_pdbx_struct_conn_angle.id 
_pdbx_struct_conn_angle.ptnr1_label_atom_id 
_pdbx_struct_conn_angle.ptnr1_label_alt_id 
_pdbx_struct_conn_angle.ptnr1_label_asym_id 
_pdbx_struct_conn_angle.ptnr1_label_comp_id 
_pdbx_struct_conn_angle.ptnr1_label_seq_id 
_pdbx_struct_conn_angle.ptnr1_auth_atom_id 
_pdbx_struct_conn_angle.ptnr1_auth_asym_id 
_pdbx_struct_conn_angle.ptnr1_auth_comp_id 
_pdbx_struct_conn_angle.ptnr1_auth_seq_id 
_pdbx_struct_conn_angle.ptnr1_PDB_ins_code 
_pdbx_struct_conn_angle.ptnr1_symmetry 
_pdbx_struct_conn_angle.ptnr2_label_atom_id 
_pdbx_struct_conn_angle.ptnr2_label_alt_id 
_pdbx_struct_conn_angle.ptnr2_label_asym_id 
_pdbx_struct_conn_angle.ptnr2_label_comp_id 
_pdbx_struct_conn_angle.ptnr2_label_seq_id 
_pdbx_struct_conn_angle.ptnr2_auth_atom_id 
_pdbx_struct_conn_angle.ptnr2_auth_asym_id 
_pdbx_struct_conn_angle.ptnr2_auth_comp_id 
_pdbx_struct_conn_angle.ptnr2_auth_seq_id 
_pdbx_struct_conn_angle.ptnr2_PDB_ins_code 
_pdbx_struct_conn_angle.ptnr2_symmetry 
_pdbx_struct_conn_angle.ptnr3_label_atom_id 
_pdbx_struct_conn_angle.ptnr3_label_alt_id 
_pdbx_struct_conn_angle.ptnr3_label_asym_id 
_pdbx_struct_conn_angle.ptnr3_label_comp_id 
_pdbx_struct_conn_angle.ptnr3_label_seq_id 
_pdbx_struct_conn_angle.ptnr3_auth_atom_id 
_pdbx_struct_conn_angle.ptnr3_auth_asym_id 
_pdbx_struct_conn_angle.ptnr3_auth_comp_id 
_pdbx_struct_conn_angle.ptnr3_auth_seq_id 
_pdbx_struct_conn_angle.ptnr3_PDB_ins_code 
_pdbx_struct_conn_angle.ptnr3_symmetry 
_pdbx_struct_conn_angle.value 
_pdbx_struct_conn_angle.value_esd 
1  O6 ? A DG 1  ? A DG 1  ? 1_555 PB ? C PB . ? A PB 101 ? 1_555 O6 ? A DG 2  ? A DG 2  ? 1_555 69.6  ? 
2  O6 ? A DG 1  ? A DG 1  ? 1_555 PB ? C PB . ? A PB 101 ? 1_555 O6 ? A DG 5  ? A DG 5  ? 1_555 118.6 ? 
3  O6 ? A DG 2  ? A DG 2  ? 1_555 PB ? C PB . ? A PB 101 ? 1_555 O6 ? A DG 5  ? A DG 5  ? 1_555 73.3  ? 
4  O6 ? A DG 1  ? A DG 1  ? 1_555 PB ? C PB . ? A PB 101 ? 1_555 O6 ? A DG 6  ? A DG 6  ? 1_555 71.2  ? 
5  O6 ? A DG 2  ? A DG 2  ? 1_555 PB ? C PB . ? A PB 101 ? 1_555 O6 ? A DG 6  ? A DG 6  ? 1_555 98.1  ? 
6  O6 ? A DG 5  ? A DG 5  ? 1_555 PB ? C PB . ? A PB 101 ? 1_555 O6 ? A DG 6  ? A DG 6  ? 1_555 67.6  ? 
7  O6 ? A DG 1  ? A DG 1  ? 1_555 PB ? C PB . ? A PB 101 ? 1_555 O6 ? A DG 10 ? A DG 10 ? 1_555 112.8 ? 
8  O6 ? A DG 2  ? A DG 2  ? 1_555 PB ? C PB . ? A PB 101 ? 1_555 O6 ? A DG 10 ? A DG 10 ? 1_555 167.5 ? 
9  O6 ? A DG 5  ? A DG 5  ? 1_555 PB ? C PB . ? A PB 101 ? 1_555 O6 ? A DG 10 ? A DG 10 ? 1_555 95.5  ? 
10 O6 ? A DG 6  ? A DG 6  ? 1_555 PB ? C PB . ? A PB 101 ? 1_555 O6 ? A DG 10 ? A DG 10 ? 1_555 72.1  ? 
11 O6 ? A DG 1  ? A DG 1  ? 1_555 PB ? C PB . ? A PB 101 ? 1_555 O6 ? A DG 11 ? A DG 11 ? 1_555 167.6 ? 
12 O6 ? A DG 2  ? A DG 2  ? 1_555 PB ? C PB . ? A PB 101 ? 1_555 O6 ? A DG 11 ? A DG 11 ? 1_555 111.6 ? 
13 O6 ? A DG 5  ? A DG 5  ? 1_555 PB ? C PB . ? A PB 101 ? 1_555 O6 ? A DG 11 ? A DG 11 ? 1_555 72.8  ? 
14 O6 ? A DG 6  ? A DG 6  ? 1_555 PB ? C PB . ? A PB 101 ? 1_555 O6 ? A DG 11 ? A DG 11 ? 1_555 120.0 ? 
15 O6 ? A DG 10 ? A DG 10 ? 1_555 PB ? C PB . ? A PB 101 ? 1_555 O6 ? A DG 11 ? A DG 11 ? 1_555 68.9  ? 
16 O6 ? A DG 1  ? A DG 1  ? 1_555 PB ? C PB . ? A PB 101 ? 1_555 O6 ? A DG 14 ? A DG 14 ? 1_555 96.8  ? 
17 O6 ? A DG 2  ? A DG 2  ? 1_555 PB ? C PB . ? A PB 101 ? 1_555 O6 ? A DG 14 ? A DG 14 ? 1_555 72.9  ? 
18 O6 ? A DG 5  ? A DG 5  ? 1_555 PB ? C PB . ? A PB 101 ? 1_555 O6 ? A DG 14 ? A DG 14 ? 1_555 116.7 ? 
19 O6 ? A DG 6  ? A DG 6  ? 1_555 PB ? C PB . ? A PB 101 ? 1_555 O6 ? A DG 14 ? A DG 14 ? 1_555 167.2 ? 
20 O6 ? A DG 10 ? A DG 10 ? 1_555 PB ? C PB . ? A PB 101 ? 1_555 O6 ? A DG 14 ? A DG 14 ? 1_555 118.0 ? 
21 O6 ? A DG 11 ? A DG 11 ? 1_555 PB ? C PB . ? A PB 101 ? 1_555 O6 ? A DG 14 ? A DG 14 ? 1_555 72.4  ? 
22 O6 ? A DG 1  ? A DG 1  ? 1_555 PB ? C PB . ? A PB 101 ? 1_555 O6 ? A DG 15 ? A DG 15 ? 1_555 72.0  ? 
23 O6 ? A DG 2  ? A DG 2  ? 1_555 PB ? C PB . ? A PB 101 ? 1_555 O6 ? A DG 15 ? A DG 15 ? 1_555 119.7 ? 
24 O6 ? A DG 5  ? A DG 5  ? 1_555 PB ? C PB . ? A PB 101 ? 1_555 O6 ? A DG 15 ? A DG 15 ? 1_555 166.6 ? 
25 O6 ? A DG 6  ? A DG 6  ? 1_555 PB ? C PB . ? A PB 101 ? 1_555 O6 ? A DG 15 ? A DG 15 ? 1_555 111.3 ? 
26 O6 ? A DG 10 ? A DG 10 ? 1_555 PB ? C PB . ? A PB 101 ? 1_555 O6 ? A DG 15 ? A DG 15 ? 1_555 71.9  ? 
27 O6 ? A DG 11 ? A DG 11 ? 1_555 PB ? C PB . ? A PB 101 ? 1_555 O6 ? A DG 15 ? A DG 15 ? 1_555 97.7  ? 
28 O6 ? A DG 14 ? A DG 14 ? 1_555 PB ? C PB . ? A PB 101 ? 1_555 O6 ? A DG 15 ? A DG 15 ? 1_555 67.6  ? 
29 O6 ? B DG 1  ? B DG 1  ? 1_555 PB ? D PB . ? B PB 101 ? 1_555 O6 ? B DG 2  ? B DG 2  ? 1_555 69.2  ? 
30 O6 ? B DG 1  ? B DG 1  ? 1_555 PB ? D PB . ? B PB 101 ? 1_555 O6 ? B DG 5  ? B DG 5  ? 1_555 118.4 ? 
31 O6 ? B DG 2  ? B DG 2  ? 1_555 PB ? D PB . ? B PB 101 ? 1_555 O6 ? B DG 5  ? B DG 5  ? 1_555 72.6  ? 
32 O6 ? B DG 1  ? B DG 1  ? 1_555 PB ? D PB . ? B PB 101 ? 1_555 O6 ? B DG 6  ? B DG 6  ? 1_555 71.3  ? 
33 O6 ? B DG 2  ? B DG 2  ? 1_555 PB ? D PB . ? B PB 101 ? 1_555 O6 ? B DG 6  ? B DG 6  ? 1_555 98.2  ? 
34 O6 ? B DG 5  ? B DG 5  ? 1_555 PB ? D PB . ? B PB 101 ? 1_555 O6 ? B DG 6  ? B DG 6  ? 1_555 68.5  ? 
35 O6 ? B DG 1  ? B DG 1  ? 1_555 PB ? D PB . ? B PB 101 ? 1_555 O6 ? B DG 10 ? B DG 10 ? 1_555 112.4 ? 
36 O6 ? B DG 2  ? B DG 2  ? 1_555 PB ? D PB . ? B PB 101 ? 1_555 O6 ? B DG 10 ? B DG 10 ? 1_555 167.2 ? 
37 O6 ? B DG 5  ? B DG 5  ? 1_555 PB ? D PB . ? B PB 101 ? 1_555 O6 ? B DG 10 ? B DG 10 ? 1_555 96.3  ? 
38 O6 ? B DG 6  ? B DG 6  ? 1_555 PB ? D PB . ? B PB 101 ? 1_555 O6 ? B DG 10 ? B DG 10 ? 1_555 71.2  ? 
39 O6 ? B DG 1  ? B DG 1  ? 1_555 PB ? D PB . ? B PB 101 ? 1_555 O6 ? B DG 11 ? B DG 11 ? 1_555 168.4 ? 
40 O6 ? B DG 2  ? B DG 2  ? 1_555 PB ? D PB . ? B PB 101 ? 1_555 O6 ? B DG 11 ? B DG 11 ? 1_555 112.4 ? 
41 O6 ? B DG 5  ? B DG 5  ? 1_555 PB ? D PB . ? B PB 101 ? 1_555 O6 ? B DG 11 ? B DG 11 ? 1_555 72.2  ? 
42 O6 ? B DG 6  ? B DG 6  ? 1_555 PB ? D PB . ? B PB 101 ? 1_555 O6 ? B DG 11 ? B DG 11 ? 1_555 118.9 ? 
43 O6 ? B DG 10 ? B DG 10 ? 1_555 PB ? D PB . ? B PB 101 ? 1_555 O6 ? B DG 11 ? B DG 11 ? 1_555 68.7  ? 
44 O6 ? B DG 1  ? B DG 1  ? 1_555 PB ? D PB . ? B PB 101 ? 1_555 O6 ? B DG 14 ? B DG 14 ? 1_555 96.2  ? 
45 O6 ? B DG 2  ? B DG 2  ? 1_555 PB ? D PB . ? B PB 101 ? 1_555 O6 ? B DG 14 ? B DG 14 ? 1_555 73.1  ? 
46 O6 ? B DG 5  ? B DG 5  ? 1_555 PB ? D PB . ? B PB 101 ? 1_555 O6 ? B DG 14 ? B DG 14 ? 1_555 116.4 ? 
47 O6 ? B DG 6  ? B DG 6  ? 1_555 PB ? D PB . ? B PB 101 ? 1_555 O6 ? B DG 14 ? B DG 14 ? 1_555 166.9 ? 
48 O6 ? B DG 10 ? B DG 10 ? 1_555 PB ? D PB . ? B PB 101 ? 1_555 O6 ? B DG 14 ? B DG 14 ? 1_555 118.6 ? 
49 O6 ? B DG 11 ? B DG 11 ? 1_555 PB ? D PB . ? B PB 101 ? 1_555 O6 ? B DG 14 ? B DG 14 ? 1_555 73.9  ? 
50 O6 ? B DG 1  ? B DG 1  ? 1_555 PB ? D PB . ? B PB 101 ? 1_555 O6 ? B DG 15 ? B DG 15 ? 1_555 72.0  ? 
51 O6 ? B DG 2  ? B DG 2  ? 1_555 PB ? D PB . ? B PB 101 ? 1_555 O6 ? B DG 15 ? B DG 15 ? 1_555 119.6 ? 
52 O6 ? B DG 5  ? B DG 5  ? 1_555 PB ? D PB . ? B PB 101 ? 1_555 O6 ? B DG 15 ? B DG 15 ? 1_555 167.2 ? 
53 O6 ? B DG 6  ? B DG 6  ? 1_555 PB ? D PB . ? B PB 101 ? 1_555 O6 ? B DG 15 ? B DG 15 ? 1_555 111.0 ? 
54 O6 ? B DG 10 ? B DG 10 ? 1_555 PB ? D PB . ? B PB 101 ? 1_555 O6 ? B DG 15 ? B DG 15 ? 1_555 71.9  ? 
55 O6 ? B DG 11 ? B DG 11 ? 1_555 PB ? D PB . ? B PB 101 ? 1_555 O6 ? B DG 15 ? B DG 15 ? 1_555 98.1  ? 
56 O6 ? B DG 14 ? B DG 14 ? 1_555 PB ? D PB . ? B PB 101 ? 1_555 O6 ? B DG 15 ? B DG 15 ? 1_555 67.2  ? 
# 
loop_
_pdbx_validate_rmsd_angle.id 
_pdbx_validate_rmsd_angle.PDB_model_num 
_pdbx_validate_rmsd_angle.auth_atom_id_1 
_pdbx_validate_rmsd_angle.auth_asym_id_1 
_pdbx_validate_rmsd_angle.auth_comp_id_1 
_pdbx_validate_rmsd_angle.auth_seq_id_1 
_pdbx_validate_rmsd_angle.PDB_ins_code_1 
_pdbx_validate_rmsd_angle.label_alt_id_1 
_pdbx_validate_rmsd_angle.auth_atom_id_2 
_pdbx_validate_rmsd_angle.auth_asym_id_2 
_pdbx_validate_rmsd_angle.auth_comp_id_2 
_pdbx_validate_rmsd_angle.auth_seq_id_2 
_pdbx_validate_rmsd_angle.PDB_ins_code_2 
_pdbx_validate_rmsd_angle.label_alt_id_2 
_pdbx_validate_rmsd_angle.auth_atom_id_3 
_pdbx_validate_rmsd_angle.auth_asym_id_3 
_pdbx_validate_rmsd_angle.auth_comp_id_3 
_pdbx_validate_rmsd_angle.auth_seq_id_3 
_pdbx_validate_rmsd_angle.PDB_ins_code_3 
_pdbx_validate_rmsd_angle.label_alt_id_3 
_pdbx_validate_rmsd_angle.angle_value 
_pdbx_validate_rmsd_angle.angle_target_value 
_pdbx_validate_rmsd_angle.angle_deviation 
_pdbx_validate_rmsd_angle.angle_standard_deviation 
_pdbx_validate_rmsd_angle.linker_flag 
1 1 "O4'" A DG 2  ? ? "C1'" A DG 2  ? ? N9 A DG 2  ? ? 110.28 108.30 1.98 0.30 N 
2 1 "O4'" A DT 3  ? ? "C1'" A DT 3  ? ? N1 A DT 3  ? ? 111.11 108.30 2.81 0.30 N 
3 1 "O4'" A DG 11 ? ? "C1'" A DG 11 ? ? N9 A DG 11 ? ? 111.81 108.30 3.51 0.30 N 
4 1 "O4'" B DG 11 ? ? "C1'" B DG 11 ? ? N9 B DG 11 ? ? 111.54 108.30 3.24 0.30 N 
# 
_pdbx_entry_details.entry_id                 7D31 
_pdbx_entry_details.has_ligand_of_interest   Y 
_pdbx_entry_details.compound_details         ? 
_pdbx_entry_details.source_details           ? 
_pdbx_entry_details.nonpolymer_details       ? 
_pdbx_entry_details.sequence_details         ? 
# 
loop_
_chem_comp_atom.comp_id 
_chem_comp_atom.atom_id 
_chem_comp_atom.type_symbol 
_chem_comp_atom.pdbx_aromatic_flag 
_chem_comp_atom.pdbx_stereo_config 
_chem_comp_atom.pdbx_ordinal 
DG  OP3    O  N N 1  
DG  P      P  N N 2  
DG  OP1    O  N N 3  
DG  OP2    O  N N 4  
DG  "O5'"  O  N N 5  
DG  "C5'"  C  N N 6  
DG  "C4'"  C  N R 7  
DG  "O4'"  O  N N 8  
DG  "C3'"  C  N S 9  
DG  "O3'"  O  N N 10 
DG  "C2'"  C  N N 11 
DG  "C1'"  C  N R 12 
DG  N9     N  Y N 13 
DG  C8     C  Y N 14 
DG  N7     N  Y N 15 
DG  C5     C  Y N 16 
DG  C6     C  N N 17 
DG  O6     O  N N 18 
DG  N1     N  N N 19 
DG  C2     C  N N 20 
DG  N2     N  N N 21 
DG  N3     N  N N 22 
DG  C4     C  Y N 23 
DG  HOP3   H  N N 24 
DG  HOP2   H  N N 25 
DG  "H5'"  H  N N 26 
DG  "H5''" H  N N 27 
DG  "H4'"  H  N N 28 
DG  "H3'"  H  N N 29 
DG  "HO3'" H  N N 30 
DG  "H2'"  H  N N 31 
DG  "H2''" H  N N 32 
DG  "H1'"  H  N N 33 
DG  H8     H  N N 34 
DG  H1     H  N N 35 
DG  H21    H  N N 36 
DG  H22    H  N N 37 
DT  OP3    O  N N 38 
DT  P      P  N N 39 
DT  OP1    O  N N 40 
DT  OP2    O  N N 41 
DT  "O5'"  O  N N 42 
DT  "C5'"  C  N N 43 
DT  "C4'"  C  N R 44 
DT  "O4'"  O  N N 45 
DT  "C3'"  C  N S 46 
DT  "O3'"  O  N N 47 
DT  "C2'"  C  N N 48 
DT  "C1'"  C  N R 49 
DT  N1     N  N N 50 
DT  C2     C  N N 51 
DT  O2     O  N N 52 
DT  N3     N  N N 53 
DT  C4     C  N N 54 
DT  O4     O  N N 55 
DT  C5     C  N N 56 
DT  C7     C  N N 57 
DT  C6     C  N N 58 
DT  HOP3   H  N N 59 
DT  HOP2   H  N N 60 
DT  "H5'"  H  N N 61 
DT  "H5''" H  N N 62 
DT  "H4'"  H  N N 63 
DT  "H3'"  H  N N 64 
DT  "HO3'" H  N N 65 
DT  "H2'"  H  N N 66 
DT  "H2''" H  N N 67 
DT  "H1'"  H  N N 68 
DT  H3     H  N N 69 
DT  H71    H  N N 70 
DT  H72    H  N N 71 
DT  H73    H  N N 72 
DT  H6     H  N N 73 
HOH O      O  N N 74 
HOH H1     H  N N 75 
HOH H2     H  N N 76 
PB  PB     PB N N 77 
# 
loop_
_chem_comp_bond.comp_id 
_chem_comp_bond.atom_id_1 
_chem_comp_bond.atom_id_2 
_chem_comp_bond.value_order 
_chem_comp_bond.pdbx_aromatic_flag 
_chem_comp_bond.pdbx_stereo_config 
_chem_comp_bond.pdbx_ordinal 
DG  OP3   P      sing N N 1  
DG  OP3   HOP3   sing N N 2  
DG  P     OP1    doub N N 3  
DG  P     OP2    sing N N 4  
DG  P     "O5'"  sing N N 5  
DG  OP2   HOP2   sing N N 6  
DG  "O5'" "C5'"  sing N N 7  
DG  "C5'" "C4'"  sing N N 8  
DG  "C5'" "H5'"  sing N N 9  
DG  "C5'" "H5''" sing N N 10 
DG  "C4'" "O4'"  sing N N 11 
DG  "C4'" "C3'"  sing N N 12 
DG  "C4'" "H4'"  sing N N 13 
DG  "O4'" "C1'"  sing N N 14 
DG  "C3'" "O3'"  sing N N 15 
DG  "C3'" "C2'"  sing N N 16 
DG  "C3'" "H3'"  sing N N 17 
DG  "O3'" "HO3'" sing N N 18 
DG  "C2'" "C1'"  sing N N 19 
DG  "C2'" "H2'"  sing N N 20 
DG  "C2'" "H2''" sing N N 21 
DG  "C1'" N9     sing N N 22 
DG  "C1'" "H1'"  sing N N 23 
DG  N9    C8     sing Y N 24 
DG  N9    C4     sing Y N 25 
DG  C8    N7     doub Y N 26 
DG  C8    H8     sing N N 27 
DG  N7    C5     sing Y N 28 
DG  C5    C6     sing N N 29 
DG  C5    C4     doub Y N 30 
DG  C6    O6     doub N N 31 
DG  C6    N1     sing N N 32 
DG  N1    C2     sing N N 33 
DG  N1    H1     sing N N 34 
DG  C2    N2     sing N N 35 
DG  C2    N3     doub N N 36 
DG  N2    H21    sing N N 37 
DG  N2    H22    sing N N 38 
DG  N3    C4     sing N N 39 
DT  OP3   P      sing N N 40 
DT  OP3   HOP3   sing N N 41 
DT  P     OP1    doub N N 42 
DT  P     OP2    sing N N 43 
DT  P     "O5'"  sing N N 44 
DT  OP2   HOP2   sing N N 45 
DT  "O5'" "C5'"  sing N N 46 
DT  "C5'" "C4'"  sing N N 47 
DT  "C5'" "H5'"  sing N N 48 
DT  "C5'" "H5''" sing N N 49 
DT  "C4'" "O4'"  sing N N 50 
DT  "C4'" "C3'"  sing N N 51 
DT  "C4'" "H4'"  sing N N 52 
DT  "O4'" "C1'"  sing N N 53 
DT  "C3'" "O3'"  sing N N 54 
DT  "C3'" "C2'"  sing N N 55 
DT  "C3'" "H3'"  sing N N 56 
DT  "O3'" "HO3'" sing N N 57 
DT  "C2'" "C1'"  sing N N 58 
DT  "C2'" "H2'"  sing N N 59 
DT  "C2'" "H2''" sing N N 60 
DT  "C1'" N1     sing N N 61 
DT  "C1'" "H1'"  sing N N 62 
DT  N1    C2     sing N N 63 
DT  N1    C6     sing N N 64 
DT  C2    O2     doub N N 65 
DT  C2    N3     sing N N 66 
DT  N3    C4     sing N N 67 
DT  N3    H3     sing N N 68 
DT  C4    O4     doub N N 69 
DT  C4    C5     sing N N 70 
DT  C5    C7     sing N N 71 
DT  C5    C6     doub N N 72 
DT  C7    H71    sing N N 73 
DT  C7    H72    sing N N 74 
DT  C7    H73    sing N N 75 
DT  C6    H6     sing N N 76 
HOH O     H1     sing N N 77 
HOH O     H2     sing N N 78 
# 
loop_
_ndb_struct_conf_na.entry_id 
_ndb_struct_conf_na.feature 
7D31 'double helix'    
7D31 'quadruple helix' 
# 
_ndb_struct_na_base_pair.model_number      1 
_ndb_struct_na_base_pair.i_label_asym_id   A 
_ndb_struct_na_base_pair.i_label_comp_id   DG 
_ndb_struct_na_base_pair.i_label_seq_id    1 
_ndb_struct_na_base_pair.i_symmetry        1_555 
_ndb_struct_na_base_pair.j_label_asym_id   A 
_ndb_struct_na_base_pair.j_label_comp_id   DG 
_ndb_struct_na_base_pair.j_label_seq_id    6 
_ndb_struct_na_base_pair.j_symmetry        1_555 
_ndb_struct_na_base_pair.shear             1.451 
_ndb_struct_na_base_pair.stretch           3.479 
_ndb_struct_na_base_pair.stagger           0.366 
_ndb_struct_na_base_pair.buckle            -5.954 
_ndb_struct_na_base_pair.propeller         -6.712 
_ndb_struct_na_base_pair.opening           -91.870 
_ndb_struct_na_base_pair.pair_number       1 
_ndb_struct_na_base_pair.pair_name         A_DG1:DG6_A 
_ndb_struct_na_base_pair.i_auth_asym_id    A 
_ndb_struct_na_base_pair.i_auth_seq_id     1 
_ndb_struct_na_base_pair.i_PDB_ins_code    ? 
_ndb_struct_na_base_pair.j_auth_asym_id    A 
_ndb_struct_na_base_pair.j_auth_seq_id     6 
_ndb_struct_na_base_pair.j_PDB_ins_code    ? 
_ndb_struct_na_base_pair.hbond_type_28     6 
_ndb_struct_na_base_pair.hbond_type_12     3 
# 
_pdbx_audit_support.funding_organization   'Ministry of Science and Technology (MoST, China)' 
_pdbx_audit_support.country                China 
_pdbx_audit_support.grant_number           2019FY101506 
_pdbx_audit_support.ordinal                1 
# 
_pdbx_entity_instance_feature.ordinal        1 
_pdbx_entity_instance_feature.comp_id        PB 
_pdbx_entity_instance_feature.asym_id        ? 
_pdbx_entity_instance_feature.seq_num        ? 
_pdbx_entity_instance_feature.auth_comp_id   PB 
_pdbx_entity_instance_feature.auth_asym_id   ? 
_pdbx_entity_instance_feature.auth_seq_num   ? 
_pdbx_entity_instance_feature.feature_type   'SUBJECT OF INVESTIGATION' 
_pdbx_entity_instance_feature.details        ? 
# 
_atom_sites.entry_id                    7D31 
_atom_sites.Cartn_transf_matrix[1][1]   ? 
_atom_sites.Cartn_transf_matrix[1][2]   ? 
_atom_sites.Cartn_transf_matrix[1][3]   ? 
_atom_sites.Cartn_transf_matrix[2][1]   ? 
_atom_sites.Cartn_transf_matrix[2][2]   ? 
_atom_sites.Cartn_transf_matrix[2][3]   ? 
_atom_sites.Cartn_transf_matrix[3][1]   ? 
_atom_sites.Cartn_transf_matrix[3][2]   ? 
_atom_sites.Cartn_transf_matrix[3][3]   ? 
_atom_sites.Cartn_transf_vector[1]      ? 
_atom_sites.Cartn_transf_vector[2]      ? 
_atom_sites.Cartn_transf_vector[3]      ? 
_atom_sites.fract_transf_matrix[1][1]   0.02288778 
_atom_sites.fract_transf_matrix[1][2]   -0.00485178 
_atom_sites.fract_transf_matrix[1][3]   -0.00877838 
_atom_sites.fract_transf_matrix[2][1]   0.00762954 
_atom_sites.fract_transf_matrix[2][2]   0.02261886 
_atom_sites.fract_transf_matrix[2][3]   0.00739105 
_atom_sites.fract_transf_matrix[3][1]   0.00260805 
_atom_sites.fract_transf_matrix[3][2]   -0.00378534 
_atom_sites.fract_transf_matrix[3][3]   0.00889209 
_atom_sites.fract_transf_vector[1]      0.019275 
_atom_sites.fract_transf_vector[2]      0.528441 
_atom_sites.fract_transf_vector[3]      0.986051 
_atom_sites.solution_primary            ? 
_atom_sites.solution_secondary          ? 
_atom_sites.solution_hydrogens          ? 
_atom_sites.special_details             ? 
# 
loop_
_atom_type.symbol 
C  
N  
O  
P  
PB 
# 
loop_
_atom_site.group_PDB 
_atom_site.id 
_atom_site.type_symbol 
_atom_site.label_atom_id 
_atom_site.label_alt_id 
_atom_site.label_comp_id 
_atom_site.label_asym_id 
_atom_site.label_entity_id 
_atom_site.label_seq_id 
_atom_site.pdbx_PDB_ins_code 
_atom_site.Cartn_x 
_atom_site.Cartn_y 
_atom_site.Cartn_z 
_atom_site.occupancy 
_atom_site.B_iso_or_equiv 
_atom_site.pdbx_formal_charge 
_atom_site.auth_seq_id 
_atom_site.auth_comp_id 
_atom_site.auth_asym_id 
_atom_site.auth_atom_id 
_atom_site.pdbx_PDB_model_num 
ATOM   1   O  "O5'" . DG  A 1 1  ? 7.735   0.410   11.427  1.00 18.00 ? 1   DG  A "O5'" 1 
ATOM   2   C  "C5'" . DG  A 1 1  ? 8.131   0.431   10.067  1.00 18.45 ? 1   DG  A "C5'" 1 
ATOM   3   C  "C4'" . DG  A 1 1  ? 8.622   -0.937  9.647   1.00 16.57 ? 1   DG  A "C4'" 1 
ATOM   4   O  "O4'" . DG  A 1 1  ? 7.522   -1.877  9.662   1.00 16.14 ? 1   DG  A "O4'" 1 
ATOM   5   C  "C3'" . DG  A 1 1  ? 9.171   -1.017  8.241   1.00 16.81 ? 1   DG  A "C3'" 1 
ATOM   6   O  "O3'" . DG  A 1 1  ? 10.044  -2.147  8.178   1.00 18.45 ? 1   DG  A "O3'" 1 
ATOM   7   C  "C2'" . DG  A 1 1  ? 7.891   -1.226  7.427   1.00 15.94 ? 1   DG  A "C2'" 1 
ATOM   8   C  "C1'" . DG  A 1 1  ? 7.150   -2.202  8.330   1.00 15.29 ? 1   DG  A "C1'" 1 
ATOM   9   N  N9    . DG  A 1 1  ? 5.691   -2.155  8.250   1.00 13.92 ? 1   DG  A N9    1 
ATOM   10  C  C8    . DG  A 1 1  ? 4.855   -3.240  8.160   1.00 13.84 ? 1   DG  A C8    1 
ATOM   11  N  N7    . DG  A 1 1  ? 3.589   -2.925  8.147   1.00 13.25 ? 1   DG  A N7    1 
ATOM   12  C  C5    . DG  A 1 1  ? 3.575   -1.544  8.260   1.00 13.85 ? 1   DG  A C5    1 
ATOM   13  C  C6    . DG  A 1 1  ? 2.475   -0.646  8.296   1.00 12.58 ? 1   DG  A C6    1 
ATOM   14  O  O6    . DG  A 1 1  ? 1.264   -0.911  8.239   1.00 13.99 ? 1   DG  A O6    1 
ATOM   15  N  N1    . DG  A 1 1  ? 2.893   0.675   8.407   1.00 13.59 ? 1   DG  A N1    1 
ATOM   16  C  C2    . DG  A 1 1  ? 4.210   1.083   8.468   1.00 14.81 ? 1   DG  A C2    1 
ATOM   17  N  N2    . DG  A 1 1  ? 4.417   2.406   8.587   1.00 14.49 ? 1   DG  A N2    1 
ATOM   18  N  N3    . DG  A 1 1  ? 5.249   0.255   8.432   1.00 14.34 ? 1   DG  A N3    1 
ATOM   19  C  C4    . DG  A 1 1  ? 4.860   -1.042  8.319   1.00 12.95 ? 1   DG  A C4    1 
ATOM   20  P  P     . DG  A 1 2  ? 10.935  -2.434  6.878   1.00 20.27 ? 2   DG  A P     1 
ATOM   21  O  OP1   . DG  A 1 2  ? 12.047  -3.310  7.331   1.00 21.53 ? 2   DG  A OP1   1 
ATOM   22  O  OP2   . DG  A 1 2  ? 11.220  -1.137  6.224   1.00 21.75 ? 2   DG  A OP2   1 
ATOM   23  O  "O5'" . DG  A 1 2  ? 9.953   -3.220  5.913   1.00 20.06 ? 2   DG  A "O5'" 1 
ATOM   24  C  "C5'" . DG  A 1 2  ? 9.502   -4.503  6.252   1.00 20.12 ? 2   DG  A "C5'" 1 
ATOM   25  C  "C4'" . DG  A 1 2  ? 8.381   -4.896  5.329   1.00 19.34 ? 2   DG  A "C4'" 1 
ATOM   26  O  "O4'" . DG  A 1 2  ? 7.204   -4.121  5.654   1.00 16.79 ? 2   DG  A "O4'" 1 
ATOM   27  C  "C3'" . DG  A 1 2  ? 8.645   -4.631  3.836   1.00 19.69 ? 2   DG  A "C3'" 1 
ATOM   28  O  "O3'" . DG  A 1 2  ? 8.406   -5.812  3.106   1.00 20.94 ? 2   DG  A "O3'" 1 
ATOM   29  C  "C2'" . DG  A 1 2  ? 7.644   -3.534  3.468   1.00 16.82 ? 2   DG  A "C2'" 1 
ATOM   30  C  "C1'" . DG  A 1 2  ? 6.544   -3.852  4.449   1.00 16.58 ? 2   DG  A "C1'" 1 
ATOM   31  N  N9    . DG  A 1 2  ? 5.571   -2.791  4.634   1.00 14.72 ? 2   DG  A N9    1 
ATOM   32  C  C8    . DG  A 1 2  ? 5.771   -1.430  4.584   1.00 14.58 ? 2   DG  A C8    1 
ATOM   33  N  N7    . DG  A 1 2  ? 4.671   -0.744  4.776   1.00 14.12 ? 2   DG  A N7    1 
ATOM   34  C  C5    . DG  A 1 2  ? 3.689   -1.719  4.942   1.00 13.14 ? 2   DG  A C5    1 
ATOM   35  C  C6    . DG  A 1 2  ? 2.294   -1.594  5.173   1.00 13.71 ? 2   DG  A C6    1 
ATOM   36  O  O6    . DG  A 1 2  ? 1.620   -0.557  5.284   1.00 13.17 ? 2   DG  A O6    1 
ATOM   37  N  N1    . DG  A 1 2  ? 1.674   -2.842  5.282   1.00 13.75 ? 2   DG  A N1    1 
ATOM   38  C  C2    . DG  A 1 2  ? 2.325   -4.052  5.195   1.00 14.95 ? 2   DG  A C2    1 
ATOM   39  N  N2    . DG  A 1 2  ? 1.571   -5.153  5.332   1.00 14.96 ? 2   DG  A N2    1 
ATOM   40  N  N3    . DG  A 1 2  ? 3.626   -4.175  4.978   1.00 13.63 ? 2   DG  A N3    1 
ATOM   41  C  C4    . DG  A 1 2  ? 4.235   -2.976  4.858   1.00 14.31 ? 2   DG  A C4    1 
ATOM   42  P  P     . DT  A 1 3  ? 9.257   -6.137  1.790   1.00 24.27 ? 3   DT  A P     1 
ATOM   43  O  OP1   . DT  A 1 3  ? 8.816   -7.451  1.275   1.00 26.38 ? 3   DT  A OP1   1 
ATOM   44  O  OP2   . DT  A 1 3  ? 10.688  -5.916  2.105   1.00 25.75 ? 3   DT  A OP2   1 
ATOM   45  O  "O5'" . DT  A 1 3  ? 8.812   -4.956  0.799   1.00 25.29 ? 3   DT  A "O5'" 1 
ATOM   46  C  "C5'" . DT  A 1 3  ? 9.183   -4.983  -0.534  1.00 24.52 ? 3   DT  A "C5'" 1 
ATOM   47  C  "C4'" . DT  A 1 3  ? 8.812   -3.690  -1.231  1.00 22.32 ? 3   DT  A "C4'" 1 
ATOM   48  O  "O4'" . DT  A 1 3  ? 7.653   -3.923  -2.053  1.00 18.73 ? 3   DT  A "O4'" 1 
ATOM   49  C  "C3'" . DT  A 1 3  ? 8.470   -2.514  -0.305  1.00 20.89 ? 3   DT  A "C3'" 1 
ATOM   50  O  "O3'" . DT  A 1 3  ? 9.083   -1.314  -0.780  1.00 25.44 ? 3   DT  A "O3'" 1 
ATOM   51  C  "C2'" . DT  A 1 3  ? 6.947   -2.418  -0.350  1.00 18.43 ? 3   DT  A "C2'" 1 
ATOM   52  C  "C1'" . DT  A 1 3  ? 6.565   -3.120  -1.650  1.00 19.03 ? 3   DT  A "C1'" 1 
ATOM   53  N  N1    . DT  A 1 3  ? 5.306   -3.928  -1.550  1.00 16.23 ? 3   DT  A N1    1 
ATOM   54  C  C2    . DT  A 1 3  ? 4.123   -3.247  -1.520  1.00 15.49 ? 3   DT  A C2    1 
ATOM   55  O  O2    . DT  A 1 3  ? 4.063   -2.041  -1.626  1.00 16.21 ? 3   DT  A O2    1 
ATOM   56  N  N3    . DT  A 1 3  ? 3.004   -4.025  -1.410  1.00 15.70 ? 3   DT  A N3    1 
ATOM   57  C  C4    . DT  A 1 3  ? 2.948   -5.396  -1.305  1.00 15.46 ? 3   DT  A C4    1 
ATOM   58  O  O4    . DT  A 1 3  ? 1.882   -6.003  -1.207  1.00 16.91 ? 3   DT  A O4    1 
ATOM   59  C  C5    . DT  A 1 3  ? 4.232   -6.068  -1.316  1.00 15.96 ? 3   DT  A C5    1 
ATOM   60  C  C7    . DT  A 1 3  ? 4.296   -7.561  -1.198  1.00 17.20 ? 3   DT  A C7    1 
ATOM   61  C  C6    . DT  A 1 3  ? 5.345   -5.307  -1.425  1.00 15.08 ? 3   DT  A C6    1 
ATOM   62  P  P     . DT  A 1 4  ? 9.823   -0.323  0.257   1.00 24.48 ? 4   DT  A P     1 
ATOM   63  O  OP1   . DT  A 1 4  ? 10.919  0.316   -0.508  1.00 27.27 ? 4   DT  A OP1   1 
ATOM   64  O  OP2   . DT  A 1 4  ? 10.118  -1.061  1.507   1.00 27.86 ? 4   DT  A OP2   1 
ATOM   65  O  "O5'" . DT  A 1 4  ? 8.724   0.774   0.635   1.00 23.92 ? 4   DT  A "O5'" 1 
ATOM   66  C  "C5'" . DT  A 1 4  ? 8.396   1.776   -0.310  1.00 20.48 ? 4   DT  A "C5'" 1 
ATOM   67  C  "C4'" . DT  A 1 4  ? 7.458   2.811   0.284   1.00 17.64 ? 4   DT  A "C4'" 1 
ATOM   68  O  "O4'" . DT  A 1 4  ? 6.096   2.327   0.257   1.00 17.59 ? 4   DT  A "O4'" 1 
ATOM   69  C  "C3'" . DT  A 1 4  ? 7.727   3.210   1.736   1.00 17.35 ? 4   DT  A "C3'" 1 
ATOM   70  O  "O3'" . DT  A 1 4  ? 7.414   4.586   1.870   1.00 19.50 ? 4   DT  A "O3'" 1 
ATOM   71  C  "C2'" . DT  A 1 4  ? 6.722   2.343   2.502   1.00 17.01 ? 4   DT  A "C2'" 1 
ATOM   72  C  "C1'" . DT  A 1 4  ? 5.540   2.425   1.549   1.00 15.92 ? 4   DT  A "C1'" 1 
ATOM   73  N  N1    . DT  A 1 4  ? 4.507   1.363   1.670   1.00 15.21 ? 4   DT  A N1    1 
ATOM   74  C  C2    . DT  A 1 4  ? 4.871   0.031   1.654   1.00 14.84 ? 4   DT  A C2    1 
ATOM   75  O  O2    . DT  A 1 4  ? 6.022   -0.358  1.631   1.00 17.03 ? 4   DT  A O2    1 
ATOM   76  N  N3    . DT  A 1 4  ? 3.827   -0.845  1.708   1.00 14.72 ? 4   DT  A N3    1 
ATOM   77  C  C4    . DT  A 1 4  ? 2.484   -0.545  1.765   1.00 14.89 ? 4   DT  A C4    1 
ATOM   78  O  O4    . DT  A 1 4  ? 1.623   -1.413  1.811   1.00 15.81 ? 4   DT  A O4    1 
ATOM   79  C  C5    . DT  A 1 4  ? 2.162   0.860   1.755   1.00 14.46 ? 4   DT  A C5    1 
ATOM   80  C  C7    . DT  A 1 4  ? 0.729   1.305   1.801   1.00 15.76 ? 4   DT  A C7    1 
ATOM   81  C  C6    . DT  A 1 4  ? 3.176   1.738   1.691   1.00 14.88 ? 4   DT  A C6    1 
ATOM   82  P  P     . DG  A 1 5  ? 8.144   5.511   2.955   1.00 21.37 ? 5   DG  A P     1 
ATOM   83  O  OP1   . DG  A 1 5  ? 9.290   6.170   2.295   1.00 22.89 ? 5   DG  A OP1   1 
ATOM   84  O  OP2   . DG  A 1 5  ? 8.347   4.747   4.203   1.00 22.10 ? 5   DG  A OP2   1 
ATOM   85  O  "O5'" . DG  A 1 5  ? 7.061   6.634   3.237   1.00 21.52 ? 5   DG  A "O5'" 1 
ATOM   86  C  "C5'" . DG  A 1 5  ? 5.778   6.276   3.680   1.00 20.91 ? 5   DG  A "C5'" 1 
ATOM   87  C  "C4'" . DG  A 1 5  ? 5.101   7.497   4.240   1.00 18.86 ? 5   DG  A "C4'" 1 
ATOM   88  O  "O4'" . DG  A 1 5  ? 3.668   7.353   4.162   1.00 18.02 ? 5   DG  A "O4'" 1 
ATOM   89  C  "C3'" . DG  A 1 5  ? 5.409   7.784   5.693   1.00 18.56 ? 5   DG  A "C3'" 1 
ATOM   90  O  "O3'" . DG  A 1 5  ? 5.348   9.190   5.897   1.00 20.83 ? 5   DG  A "O3'" 1 
ATOM   91  C  "C2'" . DG  A 1 5  ? 4.282   7.041   6.417   1.00 17.13 ? 5   DG  A "C2'" 1 
ATOM   92  C  "C1'" . DG  A 1 5  ? 3.115   7.254   5.460   1.00 17.25 ? 5   DG  A "C1'" 1 
ATOM   93  N  N9    . DG  A 1 5  ? 2.130   6.175   5.432   1.00 16.68 ? 5   DG  A N9    1 
ATOM   94  C  C8    . DG  A 1 5  ? 0.761   6.321   5.413   1.00 15.67 ? 5   DG  A C8    1 
ATOM   95  N  N7    . DG  A 1 5  ? 0.115   5.188   5.355   1.00 14.36 ? 5   DG  A N7    1 
ATOM   96  C  C5    . DG  A 1 5  ? 1.116   4.222   5.309   1.00 14.24 ? 5   DG  A C5    1 
ATOM   97  C  C6    . DG  A 1 5  ? 1.015   2.807   5.246   1.00 14.54 ? 5   DG  A C6    1 
ATOM   98  O  O6    . DG  A 1 5  ? -0.016  2.108   5.206   1.00 14.50 ? 5   DG  A O6    1 
ATOM   99  N  N1    . DG  A 1 5  ? 2.268   2.200   5.218   1.00 13.25 ? 5   DG  A N1    1 
ATOM   100 C  C2    . DG  A 1 5  ? 3.467   2.873   5.266   1.00 14.15 ? 5   DG  A C2    1 
ATOM   101 N  N2    . DG  A 1 5  ? 4.574   2.114   5.233   1.00 13.32 ? 5   DG  A N2    1 
ATOM   102 N  N3    . DG  A 1 5  ? 3.574   4.201   5.332   1.00 14.60 ? 5   DG  A N3    1 
ATOM   103 C  C4    . DG  A 1 5  ? 2.364   4.810   5.347   1.00 15.66 ? 5   DG  A C4    1 
ATOM   104 P  P     . DG  A 1 6  ? 5.772   9.835   7.301   1.00 22.65 ? 6   DG  A P     1 
ATOM   105 O  OP1   . DG  A 1 6  ? 6.112   11.242  6.990   1.00 26.89 ? 6   DG  A OP1   1 
ATOM   106 O  OP2   . DG  A 1 6  ? 6.765   8.967   7.975   1.00 24.12 ? 6   DG  A OP2   1 
ATOM   107 O  "O5'" . DG  A 1 6  ? 4.433   9.772   8.171   1.00 20.95 ? 6   DG  A "O5'" 1 
ATOM   108 C  "C5'" . DG  A 1 6  ? 3.256   10.396  7.698   1.00 20.68 ? 6   DG  A "C5'" 1 
ATOM   109 C  "C4'" . DG  A 1 6  ? 2.074   9.954   8.526   1.00 18.83 ? 6   DG  A "C4'" 1 
ATOM   110 O  "O4'" . DG  A 1 6  ? 1.703   8.602   8.155   1.00 18.40 ? 6   DG  A "O4'" 1 
ATOM   111 C  "C3'" . DG  A 1 6  ? 2.322   9.921   10.038  1.00 20.50 ? 6   DG  A "C3'" 1 
ATOM   112 O  "O3'" . DG  A 1 6  ? 1.229   10.536  10.699  1.00 22.99 ? 6   DG  A "O3'" 1 
ATOM   113 C  "C2'" . DG  A 1 6  ? 2.377   8.427   10.348  1.00 18.57 ? 6   DG  A "C2'" 1 
ATOM   114 C  "C1'" . DG  A 1 6  ? 1.392   7.903   9.326   1.00 17.85 ? 6   DG  A "C1'" 1 
ATOM   115 N  N9    . DG  A 1 6  ? 1.488   6.470   9.073   1.00 15.84 ? 6   DG  A N9    1 
ATOM   116 C  C8    . DG  A 1 6  ? 2.619   5.681   9.099   1.00 16.48 ? 6   DG  A C8    1 
ATOM   117 N  N7    . DG  A 1 6  ? 2.379   4.423   8.828   1.00 13.91 ? 6   DG  A N7    1 
ATOM   118 C  C5    . DG  A 1 6  ? 0.998   4.381   8.622   1.00 14.32 ? 6   DG  A C5    1 
ATOM   119 C  C6    . DG  A 1 6  ? 0.145   3.290   8.307   1.00 14.31 ? 6   DG  A C6    1 
ATOM   120 O  O6    . DG  A 1 6  ? 0.447   2.096   8.145   1.00 14.16 ? 6   DG  A O6    1 
ATOM   121 N  N1    . DG  A 1 6  ? -1.183  3.690   8.191   1.00 14.35 ? 6   DG  A N1    1 
ATOM   122 C  C2    . DG  A 1 6  ? -1.632  4.977   8.355   1.00 15.42 ? 6   DG  A C2    1 
ATOM   123 N  N2    . DG  A 1 6  ? -2.953  5.170   8.204   1.00 16.80 ? 6   DG  A N2    1 
ATOM   124 N  N3    . DG  A 1 6  ? -0.849  6.006   8.648   1.00 15.01 ? 6   DG  A N3    1 
ATOM   125 C  C4    . DG  A 1 6  ? 0.444   5.636   8.770   1.00 14.21 ? 6   DG  A C4    1 
ATOM   126 P  P     . DT  A 1 7  ? 1.223   12.124  10.978  1.00 28.88 ? 7   DT  A P     1 
ATOM   127 O  OP1   . DT  A 1 7  ? 0.843   12.819  9.726   1.00 32.25 ? 7   DT  A OP1   1 
ATOM   128 O  OP2   . DT  A 1 7  ? 2.507   12.419  11.647  1.00 28.29 ? 7   DT  A OP2   1 
ATOM   129 O  "O5'" . DT  A 1 7  ? 0.033   12.307  12.036  1.00 25.80 ? 7   DT  A "O5'" 1 
ATOM   130 C  "C5'" . DT  A 1 7  ? 0.157   11.813  13.355  1.00 21.99 ? 7   DT  A "C5'" 1 
ATOM   131 C  "C4'" . DT  A 1 7  ? -1.020  10.916  13.709  1.00 18.34 ? 7   DT  A "C4'" 1 
ATOM   132 O  "O4'" . DT  A 1 7  ? -2.271  11.609  13.429  1.00 19.12 ? 7   DT  A "O4'" 1 
ATOM   133 C  "C3'" . DT  A 1 7  ? -1.109  9.618   12.919  1.00 19.45 ? 7   DT  A "C3'" 1 
ATOM   134 O  "O3'" . DT  A 1 7  ? -1.714  8.634   13.736  1.00 19.53 ? 7   DT  A "O3'" 1 
ATOM   135 C  "C2'" . DT  A 1 7  ? -2.014  10.001  11.758  1.00 17.26 ? 7   DT  A "C2'" 1 
ATOM   136 C  "C1'" . DT  A 1 7  ? -3.024  10.844  12.501  1.00 19.82 ? 7   DT  A "C1'" 1 
ATOM   137 N  N1    . DT  A 1 7  ? -3.811  11.780  11.651  1.00 18.32 ? 7   DT  A N1    1 
ATOM   138 C  C2    . DT  A 1 7  ? -5.181  11.694  11.666  1.00 20.94 ? 7   DT  A C2    1 
ATOM   139 O  O2    . DT  A 1 7  ? -5.791  10.845  12.288  1.00 23.64 ? 7   DT  A O2    1 
ATOM   140 N  N3    . DT  A 1 7  ? -5.821  12.608  10.887  1.00 18.85 ? 7   DT  A N3    1 
ATOM   141 C  C4    . DT  A 1 7  ? -5.246  13.610  10.140  1.00 19.69 ? 7   DT  A C4    1 
ATOM   142 O  O4    . DT  A 1 7  ? -5.917  14.397  9.489   1.00 20.98 ? 7   DT  A O4    1 
ATOM   143 C  C5    . DT  A 1 7  ? -3.802  13.675  10.191  1.00 17.96 ? 7   DT  A C5    1 
ATOM   144 C  C7    . DT  A 1 7  ? -3.070  14.729  9.420   1.00 19.89 ? 7   DT  A C7    1 
ATOM   145 C  C6    . DT  A 1 7  ? -3.160  12.771  10.948  1.00 19.95 ? 7   DT  A C6    1 
ATOM   146 P  P     . DG  A 1 8  ? -0.862  7.380   14.255  1.00 21.14 ? 8   DG  A P     1 
ATOM   147 O  OP1   . DG  A 1 8  ? -1.797  6.542   15.047  1.00 23.78 ? 8   DG  A OP1   1 
ATOM   148 O  OP2   . DG  A 1 8  ? 0.383   7.862   14.885  1.00 24.30 ? 8   DG  A OP2   1 
ATOM   149 O  "O5'" . DG  A 1 8  ? -0.472  6.626   12.909  1.00 18.64 ? 8   DG  A "O5'" 1 
ATOM   150 C  "C5'" . DG  A 1 8  ? -1.494  6.181   12.027  1.00 18.53 ? 8   DG  A "C5'" 1 
ATOM   151 C  "C4'" . DG  A 1 8  ? -1.428  4.679   11.857  1.00 18.55 ? 8   DG  A "C4'" 1 
ATOM   152 O  "O4'" . DG  A 1 8  ? -0.121  4.298   11.358  1.00 18.60 ? 8   DG  A "O4'" 1 
ATOM   153 C  "C3'" . DG  A 1 8  ? -1.646  3.887   13.135  1.00 17.65 ? 8   DG  A "C3'" 1 
ATOM   154 O  "O3'" . DG  A 1 8  ? -2.424  2.752   12.849  1.00 18.94 ? 8   DG  A "O3'" 1 
ATOM   155 C  "C2'" . DG  A 1 8  ? -0.229  3.509   13.573  1.00 17.47 ? 8   DG  A "C2'" 1 
ATOM   156 C  "C1'" . DG  A 1 8  ? 0.505   3.388   12.243  1.00 17.21 ? 8   DG  A "C1'" 1 
ATOM   157 N  N9    . DG  A 1 8  ? 1.914   3.765   12.325  1.00 15.88 ? 8   DG  A N9    1 
ATOM   158 C  C8    . DG  A 1 8  ? 2.413   5.022   12.580  1.00 18.32 ? 8   DG  A C8    1 
ATOM   159 N  N7    . DG  A 1 8  ? 3.712   5.073   12.580  1.00 18.56 ? 8   DG  A N7    1 
ATOM   160 C  C5    . DG  A 1 8  ? 4.110   3.765   12.315  1.00 16.14 ? 8   DG  A C5    1 
ATOM   161 C  C6    . DG  A 1 8  ? 5.406   3.217   12.198  1.00 16.52 ? 8   DG  A C6    1 
ATOM   162 O  O6    . DG  A 1 8  ? 6.497   3.801   12.311  1.00 18.02 ? 8   DG  A O6    1 
ATOM   163 N  N1    . DG  A 1 8  ? 5.367   1.854   11.913  1.00 14.71 ? 8   DG  A N1    1 
ATOM   164 C  C2    . DG  A 1 8  ? 4.217   1.118   11.769  1.00 14.43 ? 8   DG  A C2    1 
ATOM   165 N  N2    . DG  A 1 8  ? 4.377   -0.193  11.505  1.00 14.16 ? 8   DG  A N2    1 
ATOM   166 N  N3    . DG  A 1 8  ? 2.995   1.622   11.885  1.00 15.00 ? 8   DG  A N3    1 
ATOM   167 C  C4    . DG  A 1 8  ? 3.016   2.948   12.151  1.00 14.61 ? 8   DG  A C4    1 
ATOM   168 P  P     . DT  A 1 9  ? -3.757  2.480   13.690  1.00 18.42 ? 9   DT  A P     1 
ATOM   169 O  OP1   . DT  A 1 9  ? -4.609  3.693   13.582  1.00 18.83 ? 9   DT  A OP1   1 
ATOM   170 O  OP2   . DT  A 1 9  ? -3.351  2.033   15.045  1.00 22.73 ? 9   DT  A OP2   1 
ATOM   171 O  "O5'" . DT  A 1 9  ? -4.425  1.256   12.926  1.00 17.97 ? 9   DT  A "O5'" 1 
ATOM   172 C  "C5'" . DT  A 1 9  ? -5.304  1.463   11.838  1.00 17.37 ? 9   DT  A "C5'" 1 
ATOM   173 C  "C4'" . DT  A 1 9  ? -5.990  0.156   11.504  1.00 18.34 ? 9   DT  A "C4'" 1 
ATOM   174 O  "O4'" . DT  A 1 9  ? -5.007  -0.770  10.988  1.00 17.01 ? 9   DT  A "O4'" 1 
ATOM   175 C  "C3'" . DT  A 1 9  ? -6.632  -0.567  12.693  1.00 18.16 ? 9   DT  A "C3'" 1 
ATOM   176 O  "O3'" . DT  A 1 9  ? -7.731  -1.332  12.247  1.00 20.30 ? 9   DT  A "O3'" 1 
ATOM   177 C  "C2'" . DT  A 1 9  ? -5.511  -1.479  13.165  1.00 18.36 ? 9   DT  A "C2'" 1 
ATOM   178 C  "C1'" . DT  A 1 9  ? -4.927  -1.901  11.833  1.00 17.78 ? 9   DT  A "C1'" 1 
ATOM   179 N  N1    . DT  A 1 9  ? -3.522  -2.332  11.915  1.00 15.13 ? 9   DT  A N1    1 
ATOM   180 C  C2    . DT  A 1 9  ? -3.253  -3.626  12.281  1.00 15.28 ? 9   DT  A C2    1 
ATOM   181 O  O2    . DT  A 1 9  ? -4.123  -4.429  12.549  1.00 17.99 ? 9   DT  A O2    1 
ATOM   182 N  N3    . DT  A 1 9  ? -1.926  -3.950  12.317  1.00 14.74 ? 9   DT  A N3    1 
ATOM   183 C  C4    . DT  A 1 9  ? -0.859  -3.119  12.042  1.00 14.51 ? 9   DT  A C4    1 
ATOM   184 O  O4    . DT  A 1 9  ? 0.300   -3.509  12.103  1.00 15.89 ? 9   DT  A O4    1 
ATOM   185 C  C5    . DT  A 1 9  ? -1.208  -1.767  11.664  1.00 14.23 ? 9   DT  A C5    1 
ATOM   186 C  C7    . DT  A 1 9  ? -0.136  -0.772  11.325  1.00 15.46 ? 9   DT  A C7    1 
ATOM   187 C  C6    . DT  A 1 9  ? -2.512  -1.443  11.617  1.00 16.17 ? 9   DT  A C6    1 
ATOM   188 P  P     . DG  A 1 10 ? -9.236  -0.827  12.482  1.00 21.69 ? 10  DG  A P     1 
ATOM   189 O  OP1   . DG  A 1 10 ? -9.344  -0.231  13.832  1.00 23.00 ? 10  DG  A OP1   1 
ATOM   190 O  OP2   . DG  A 1 10 ? -10.111 -1.961  12.104  1.00 24.45 ? 10  DG  A OP2   1 
ATOM   191 O  "O5'" . DG  A 1 10 ? -9.427  0.349   11.418  1.00 21.98 ? 10  DG  A "O5'" 1 
ATOM   192 C  "C5'" . DG  A 1 10 ? -9.709  0.058   10.062  1.00 21.73 ? 10  DG  A "C5'" 1 
ATOM   193 C  "C4'" . DG  A 1 10 ? -10.000 1.345   9.327   1.00 22.02 ? 10  DG  A "C4'" 1 
ATOM   194 O  "O4'" . DG  A 1 10 ? -8.795  2.154   9.279   1.00 19.75 ? 10  DG  A "O4'" 1 
ATOM   195 C  "C3'" . DG  A 1 10 ? -10.452 1.195   7.886   1.00 22.46 ? 10  DG  A "C3'" 1 
ATOM   196 O  "O3'" . DG  A 1 10 ? -11.312 2.289   7.574   1.00 26.10 ? 10  DG  A "O3'" 1 
ATOM   197 C  "C2'" . DG  A 1 10 ? -9.130  1.285   7.125   1.00 21.27 ? 10  DG  A "C2'" 1 
ATOM   198 C  "C1'" . DG  A 1 10 ? -8.422  2.360   7.930   1.00 19.27 ? 10  DG  A "C1'" 1 
ATOM   199 N  N9    . DG  A 1 10 ? -6.963  2.333   7.873   1.00 16.74 ? 10  DG  A N9    1 
ATOM   200 C  C8    . DG  A 1 10 ? -6.138  3.425   7.791   1.00 17.54 ? 10  DG  A C8    1 
ATOM   201 N  N7    . DG  A 1 10 ? -4.875  3.126   7.796   1.00 16.49 ? 10  DG  A N7    1 
ATOM   202 C  C5    . DG  A 1 10 ? -4.851  1.742   7.906   1.00 14.80 ? 10  DG  A C5    1 
ATOM   203 C  C6    . DG  A 1 10 ? -3.751  0.855   7.968   1.00 14.21 ? 10  DG  A C6    1 
ATOM   204 O  O6    . DG  A 1 10 ? -2.535  1.125   7.928   1.00 13.73 ? 10  DG  A O6    1 
ATOM   205 N  N1    . DG  A 1 10 ? -4.161  -0.466  8.070   1.00 14.70 ? 10  DG  A N1    1 
ATOM   206 C  C2    . DG  A 1 10 ? -5.466  -0.886  8.114   1.00 15.88 ? 10  DG  A C2    1 
ATOM   207 N  N2    . DG  A 1 10 ? -5.658  -2.209  8.225   1.00 15.98 ? 10  DG  A N2    1 
ATOM   208 N  N3    . DG  A 1 10 ? -6.511  -0.065  8.066   1.00 15.81 ? 10  DG  A N3    1 
ATOM   209 C  C4    . DG  A 1 10 ? -6.128  1.233   7.960   1.00 14.56 ? 10  DG  A C4    1 
ATOM   210 P  P     . DG  A 1 11 ? -12.137 2.339   6.194   1.00 28.25 ? 11  DG  A P     1 
ATOM   211 O  OP1   . DG  A 1 11 ? -13.248 3.294   6.412   1.00 31.23 ? 11  DG  A OP1   1 
ATOM   212 O  OP2   . DG  A 1 11 ? -12.404 0.952   5.742   1.00 30.53 ? 11  DG  A OP2   1 
ATOM   213 O  "O5'" . DG  A 1 11 ? -11.121 2.989   5.155   1.00 25.66 ? 11  DG  A "O5'" 1 
ATOM   214 C  "C5'" . DG  A 1 11 ? -10.749 4.336   5.289   1.00 23.39 ? 11  DG  A "C5'" 1 
ATOM   215 C  "C4'" . DG  A 1 11 ? -9.566  4.636   4.404   1.00 21.88 ? 11  DG  A "C4'" 1 
ATOM   216 O  "O4'" . DG  A 1 11 ? -8.408  3.928   4.911   1.00 20.35 ? 11  DG  A "O4'" 1 
ATOM   217 C  "C3'" . DG  A 1 11 ? -9.724  4.177   2.938   1.00 22.07 ? 11  DG  A "C3'" 1 
ATOM   218 O  "O3'" . DG  A 1 11 ? -9.547  5.267   2.052   1.00 22.81 ? 11  DG  A "O3'" 1 
ATOM   219 C  "C2'" . DG  A 1 11 ? -8.606  3.144   2.756   1.00 20.95 ? 11  DG  A "C2'" 1 
ATOM   220 C  "C1'" . DG  A 1 11 ? -7.617  3.600   3.806   1.00 18.66 ? 11  DG  A "C1'" 1 
ATOM   221 N  N9    . DG  A 1 11 ? -6.615  2.586   4.137   1.00 17.45 ? 11  DG  A N9    1 
ATOM   222 C  C8    . DG  A 1 11 ? -6.787  1.221   4.165   1.00 17.05 ? 11  DG  A C8    1 
ATOM   223 N  N7    . DG  A 1 11 ? -5.689  0.566   4.427   1.00 16.25 ? 11  DG  A N7    1 
ATOM   224 C  C5    . DG  A 1 11 ? -4.723  1.563   4.560   1.00 14.45 ? 11  DG  A C5    1 
ATOM   225 C  C6    . DG  A 1 11 ? -3.333  1.466   4.845   1.00 11.47 ? 11  DG  A C6    1 
ATOM   226 O  O6    . DG  A 1 11 ? -2.646  0.444   5.042   1.00 13.84 ? 11  DG  A O6    1 
ATOM   227 N  N1    . DG  A 1 11 ? -2.730  2.724   4.888   1.00 12.41 ? 11  DG  A N1    1 
ATOM   228 C  C2    . DG  A 1 11 ? -3.383  3.921   4.686   1.00 14.66 ? 11  DG  A C2    1 
ATOM   229 N  N2    . DG  A 1 11 ? -2.634  5.030   4.777   1.00 15.88 ? 11  DG  A N2    1 
ATOM   230 N  N3    . DG  A 1 11 ? -4.680  4.022   4.423   1.00 15.84 ? 11  DG  A N3    1 
ATOM   231 C  C4    . DG  A 1 11 ? -5.283  2.808   4.376   1.00 15.47 ? 11  DG  A C4    1 
ATOM   232 P  P     . DT  A 1 12 ? -10.493 5.411   0.760   1.00 24.91 ? 12  DT  A P     1 
ATOM   233 O  OP1   . DT  A 1 12 ? -10.075 6.634   0.041   1.00 26.10 ? 12  DT  A OP1   1 
ATOM   234 O  OP2   . DT  A 1 12 ? -11.893 5.257   1.208   1.00 27.51 ? 12  DT  A OP2   1 
ATOM   235 O  "O5'" . DT  A 1 12 ? -10.152 4.122   -0.121  1.00 23.60 ? 12  DT  A "O5'" 1 
ATOM   236 C  "C5'" . DT  A 1 12 ? -9.055  4.130   -1.013  1.00 20.59 ? 12  DT  A "C5'" 1 
ATOM   237 C  "C4'" . DT  A 1 12 ? -9.136  2.938   -1.949  1.00 20.95 ? 12  DT  A "C4'" 1 
ATOM   238 O  "O4'" . DT  A 1 12 ? -8.107  3.055   -2.953  1.00 19.32 ? 12  DT  A "O4'" 1 
ATOM   239 C  "C3'" . DT  A 1 12 ? -8.903  1.587   -1.283  1.00 20.52 ? 12  DT  A "C3'" 1 
ATOM   240 O  "O3'" . DT  A 1 12 ? -9.590  0.556   -1.971  1.00 24.01 ? 12  DT  A "O3'" 1 
ATOM   241 C  "C2'" . DT  A 1 12 ? -7.401  1.404   -1.390  1.00 18.19 ? 12  DT  A "C2'" 1 
ATOM   242 C  "C1'" . DT  A 1 12 ? -7.018  2.216   -2.629  1.00 17.57 ? 12  DT  A "C1'" 1 
ATOM   243 N  N1    . DT  A 1 12 ? -5.805  3.043   -2.400  1.00 16.09 ? 12  DT  A N1    1 
ATOM   244 C  C2    . DT  A 1 12 ? -4.614  2.393   -2.190  1.00 14.71 ? 12  DT  A C2    1 
ATOM   245 O  O2    . DT  A 1 12 ? -4.514  1.182   -2.198  1.00 17.04 ? 12  DT  A O2    1 
ATOM   246 N  N3    . DT  A 1 12 ? -3.540  3.211   -1.972  1.00 15.07 ? 12  DT  A N3    1 
ATOM   247 C  C4    . DT  A 1 12 ? -3.539  4.590   -1.941  1.00 14.72 ? 12  DT  A C4    1 
ATOM   248 O  O4    . DT  A 1 12 ? -2.514  5.234   -1.741  1.00 16.60 ? 12  DT  A O4    1 
ATOM   249 C  C5    . DT  A 1 12 ? -4.820  5.220   -2.172  1.00 14.75 ? 12  DT  A C5    1 
ATOM   250 C  C7    . DT  A 1 12 ? -4.928  6.718   -2.166  1.00 16.46 ? 12  DT  A C7    1 
ATOM   251 C  C6    . DT  A 1 12 ? -5.885  4.423   -2.387  1.00 15.72 ? 12  DT  A C6    1 
ATOM   252 P  P     . DT  A 1 13 ? -10.506 -0.485  -1.159  1.00 25.65 ? 13  DT  A P     1 
ATOM   253 O  OP1   . DT  A 1 13 ? -11.297 -1.224  -2.170  1.00 30.11 ? 13  DT  A OP1   1 
ATOM   254 O  OP2   . DT  A 1 13 ? -11.165 0.228   -0.042  1.00 26.45 ? 13  DT  A OP2   1 
ATOM   255 O  "O5'" . DT  A 1 13 ? -9.473  -1.485  -0.464  1.00 22.73 ? 13  DT  A "O5'" 1 
ATOM   256 C  "C5'" . DT  A 1 13 ? -8.993  -2.602  -1.174  1.00 21.31 ? 13  DT  A "C5'" 1 
ATOM   257 C  "C4'" . DT  A 1 13 ? -8.052  -3.415  -0.307  1.00 17.84 ? 13  DT  A "C4'" 1 
ATOM   258 O  "O4'" . DT  A 1 13 ? -6.787  -2.732  -0.189  1.00 18.10 ? 13  DT  A "O4'" 1 
ATOM   259 C  "C3'" . DT  A 1 13 ? -8.523  -3.669  1.129   1.00 20.79 ? 13  DT  A "C3'" 1 
ATOM   260 O  "O3'" . DT  A 1 13 ? -8.199  -5.005  1.470   1.00 21.00 ? 13  DT  A "O3'" 1 
ATOM   261 C  "C2'" . DT  A 1 13 ? -7.684  -2.678  1.946   1.00 19.28 ? 13  DT  A "C2'" 1 
ATOM   262 C  "C1'" . DT  A 1 13 ? -6.385  -2.739  1.163   1.00 17.52 ? 13  DT  A "C1'" 1 
ATOM   263 N  N1    . DT  A 1 13 ? -5.408  -1.617  1.346   1.00 14.99 ? 13  DT  A N1    1 
ATOM   264 C  C2    . DT  A 1 13 ? -5.824  -0.297  1.292   1.00 14.93 ? 13  DT  A C2    1 
ATOM   265 O  O2    . DT  A 1 13 ? -6.988  0.044   1.195   1.00 16.32 ? 13  DT  A O2    1 
ATOM   266 N  N3    . DT  A 1 13 ? -4.811  0.623   1.410   1.00 14.89 ? 13  DT  A N3    1 
ATOM   267 C  C4    . DT  A 1 13 ? -3.458  0.362   1.549   1.00 15.60 ? 13  DT  A C4    1 
ATOM   268 O  O4    . DT  A 1 13 ? -2.622  1.249   1.639   1.00 17.09 ? 13  DT  A O4    1 
ATOM   269 C  C5    . DT  A 1 13 ? -3.095  -1.032  1.571   1.00 14.40 ? 13  DT  A C5    1 
ATOM   270 C  C7    . DT  A 1 13 ? -1.658  -1.437  1.722   1.00 16.13 ? 13  DT  A C7    1 
ATOM   271 C  C6    . DT  A 1 13 ? -4.071  -1.940  1.463   1.00 14.96 ? 13  DT  A C6    1 
ATOM   272 P  P     . DG  A 1 14 ? -9.027  -5.807  2.586   1.00 23.30 ? 14  DG  A P     1 
ATOM   273 O  OP1   . DG  A 1 14 ? -10.093 -6.563  1.881   1.00 23.80 ? 14  DG  A OP1   1 
ATOM   274 O  OP2   . DG  A 1 14 ? -9.406  -4.904  3.693   1.00 24.05 ? 14  DG  A OP2   1 
ATOM   275 O  "O5'" . DG  A 1 14 ? -7.974  -6.872  3.105   1.00 21.70 ? 14  DG  A "O5'" 1 
ATOM   276 C  "C5'" . DG  A 1 14 ? -6.719  -6.458  3.608   1.00 20.44 ? 14  DG  A "C5'" 1 
ATOM   277 C  "C4'" . DG  A 1 14 ? -6.095  -7.620  4.341   1.00 19.82 ? 14  DG  A "C4'" 1 
ATOM   278 O  "O4'" . DG  A 1 14 ? -4.659  -7.469  4.388   1.00 18.81 ? 14  DG  A "O4'" 1 
ATOM   279 C  "C3'" . DG  A 1 14 ? -6.539  -7.778  5.780   1.00 19.73 ? 14  DG  A "C3'" 1 
ATOM   280 O  "O3'" . DG  A 1 14 ? -6.470  -9.154  6.124   1.00 19.79 ? 14  DG  A "O3'" 1 
ATOM   281 C  "C2'" . DG  A 1 14 ? -5.496  -6.946  6.523   1.00 17.54 ? 14  DG  A "C2'" 1 
ATOM   282 C  "C1'" . DG  A 1 14 ? -4.240  -7.268  5.720   1.00 17.05 ? 14  DG  A "C1'" 1 
ATOM   283 N  N9    . DG  A 1 14 ? -3.234  -6.210  5.706   1.00 15.61 ? 14  DG  A N9    1 
ATOM   284 C  C8    . DG  A 1 14 ? -1.876  -6.365  5.873   1.00 17.16 ? 14  DG  A C8    1 
ATOM   285 N  N7    . DG  A 1 14 ? -1.210  -5.247  5.781   1.00 15.29 ? 14  DG  A N7    1 
ATOM   286 C  C5    . DG  A 1 14 ? -2.189  -4.286  5.526   1.00 14.24 ? 14  DG  A C5    1 
ATOM   287 C  C6    . DG  A 1 14 ? -2.067  -2.889  5.344   1.00 13.63 ? 14  DG  A C6    1 
ATOM   288 O  O6    . DG  A 1 14 ? -1.035  -2.197  5.371   1.00 12.92 ? 14  DG  A O6    1 
ATOM   289 N  N1    . DG  A 1 14 ? -3.308  -2.291  5.112   1.00 13.75 ? 14  DG  A N1    1 
ATOM   290 C  C2    . DG  A 1 14 ? -4.509  -2.964  5.070   1.00 15.13 ? 14  DG  A C2    1 
ATOM   291 N  N2    . DG  A 1 14 ? -5.609  -2.223  4.832   1.00 15.01 ? 14  DG  A N2    1 
ATOM   292 N  N3    . DG  A 1 14 ? -4.631  -4.268  5.251   1.00 13.50 ? 14  DG  A N3    1 
ATOM   293 C  C4    . DG  A 1 14 ? -3.436  -4.865  5.474   1.00 15.02 ? 14  DG  A C4    1 
ATOM   294 P  P     . DG  A 1 15 ? -6.975  -9.687  7.553   1.00 24.33 ? 15  DG  A P     1 
ATOM   295 O  OP1   . DG  A 1 15 ? -7.231  -11.132 7.386   1.00 26.88 ? 15  DG  A OP1   1 
ATOM   296 O  OP2   . DG  A 1 15 ? -8.036  -8.785  8.064   1.00 26.22 ? 15  DG  A OP2   1 
ATOM   297 O  "O5'" . DG  A 1 15 ? -5.711  -9.477  8.505   1.00 22.58 ? 15  DG  A "O5'" 1 
ATOM   298 C  "C5'" . DG  A 1 15 ? -4.502  -10.192 8.270   1.00 20.94 ? 15  DG  A "C5'" 1 
ATOM   299 C  "C4'" . DG  A 1 15 ? -3.406  -9.663  9.174   1.00 19.44 ? 15  DG  A "C4'" 1 
ATOM   300 O  "O4'" . DG  A 1 15 ? -2.990  -8.356  8.710   1.00 17.98 ? 15  DG  A "O4'" 1 
ATOM   301 C  "C3'" . DG  A 1 15 ? -3.815  -9.477  10.644  1.00 20.45 ? 15  DG  A "C3'" 1 
ATOM   302 O  "O3'" . DG  A 1 15 ? -2.868  -10.113 11.487  1.00 24.14 ? 15  DG  A "O3'" 1 
ATOM   303 C  "C2'" . DG  A 1 15 ? -3.796  -7.958  10.841  1.00 18.86 ? 15  DG  A "C2'" 1 
ATOM   304 C  "C1'" . DG  A 1 15 ? -2.742  -7.548  9.837   1.00 16.11 ? 15  DG  A "C1'" 1 
ATOM   305 N  N9    . DG  A 1 15 ? -2.808  -6.142  9.442   1.00 15.75 ? 15  DG  A N9    1 
ATOM   306 C  C8    . DG  A 1 15 ? -3.932  -5.371  9.284   1.00 16.39 ? 15  DG  A C8    1 
ATOM   307 N  N7    . DG  A 1 15 ? -3.669  -4.139  8.932   1.00 14.49 ? 15  DG  A N7    1 
ATOM   308 C  C5    . DG  A 1 15 ? -2.279  -4.097  8.868   1.00 13.81 ? 15  DG  A C5    1 
ATOM   309 C  C6    . DG  A 1 15 ? -1.414  -3.027  8.551   1.00 12.52 ? 15  DG  A C6    1 
ATOM   310 O  O6    . DG  A 1 15 ? -1.716  -1.866  8.236   1.00 13.21 ? 15  DG  A O6    1 
ATOM   311 N  N1    . DG  A 1 15 ? -0.077  -3.410  8.603   1.00 14.16 ? 15  DG  A N1    1 
ATOM   312 C  C2    . DG  A 1 15 ? 0.360   -4.673  8.940   1.00 12.56 ? 15  DG  A C2    1 
ATOM   313 N  N2    . DG  A 1 15 ? 1.682   -4.866  8.944   1.00 14.97 ? 15  DG  A N2    1 
ATOM   314 N  N3    . DG  A 1 15 ? -0.439  -5.676  9.238   1.00 14.56 ? 15  DG  A N3    1 
ATOM   315 C  C4    . DG  A 1 15 ? -1.742  -5.318  9.185   1.00 13.68 ? 15  DG  A C4    1 
ATOM   316 O  "O5'" . DG  B 1 1  ? 2.989   7.266   -11.166 1.00 20.55 ? 1   DG  B "O5'" 1 
ATOM   317 C  "C5'" . DG  B 1 1  ? 3.058   7.689   -9.826  1.00 18.77 ? 1   DG  B "C5'" 1 
ATOM   318 C  "C4'" . DG  B 1 1  ? 1.858   8.539   -9.491  1.00 17.30 ? 1   DG  B "C4'" 1 
ATOM   319 O  "O4'" . DG  B 1 1  ? 0.661   7.728   -9.552  1.00 16.18 ? 1   DG  B "O4'" 1 
ATOM   320 C  "C3'" . DG  B 1 1  ? 1.860   9.113   -8.094  1.00 16.50 ? 1   DG  B "C3'" 1 
ATOM   321 O  "O3'" . DG  B 1 1  ? 1.025   10.272  -8.077  1.00 17.15 ? 1   DG  B "O3'" 1 
ATOM   322 C  "C2'" . DG  B 1 1  ? 1.263   7.951   -7.289  1.00 15.44 ? 1   DG  B "C2'" 1 
ATOM   323 C  "C1'" . DG  B 1 1  ? 0.175   7.480   -8.239  1.00 15.37 ? 1   DG  B "C1'" 1 
ATOM   324 N  N9    . DG  B 1 1  ? -0.183  6.060   -8.165  1.00 13.40 ? 1   DG  B N9    1 
ATOM   325 C  C8    . DG  B 1 1  ? -1.459  5.551   -8.139  1.00 13.85 ? 1   DG  B C8    1 
ATOM   326 N  N7    . DG  B 1 1  ? -1.507  4.253   -8.158  1.00 13.79 ? 1   DG  B N7    1 
ATOM   327 C  C5    . DG  B 1 1  ? -0.178  3.861   -8.216  1.00 13.28 ? 1   DG  B C5    1 
ATOM   328 C  C6    . DG  B 1 1  ? 0.378   2.555   -8.256  1.00 13.36 ? 1   DG  B C6    1 
ATOM   329 O  O6    . DG  B 1 1  ? -0.219  1.458   -8.234  1.00 14.56 ? 1   DG  B O6    1 
ATOM   330 N  N1    . DG  B 1 1  ? 1.778   2.592   -8.309  1.00 13.30 ? 1   DG  B N1    1 
ATOM   331 C  C2    . DG  B 1 1  ? 2.531   3.744   -8.325  1.00 14.19 ? 1   DG  B C2    1 
ATOM   332 N  N2    . DG  B 1 1  ? 3.864   3.581   -8.398  1.00 13.40 ? 1   DG  B N2    1 
ATOM   333 N  N3    . DG  B 1 1  ? 2.017   4.976   -8.281  1.00 13.46 ? 1   DG  B N3    1 
ATOM   334 C  C4    . DG  B 1 1  ? 0.657   4.955   -8.231  1.00 13.44 ? 1   DG  B C4    1 
ATOM   335 P  P     . DG  B 1 2  ? 0.935   11.202  -6.774  1.00 18.17 ? 2   DG  B P     1 
ATOM   336 O  OP1   . DG  B 1 2  ? 0.362   12.497  -7.212  1.00 20.94 ? 2   DG  B OP1   1 
ATOM   337 O  OP2   . DG  B 1 2  ? 2.208   11.129  -6.013  1.00 19.60 ? 2   DG  B OP2   1 
ATOM   338 O  "O5'" . DG  B 1 2  ? -0.140  10.450  -5.864  1.00 19.82 ? 2   DG  B "O5'" 1 
ATOM   339 C  "C5'" . DG  B 1 2  ? -1.486  10.360  -6.286  1.00 20.03 ? 2   DG  B "C5'" 1 
ATOM   340 C  "C4'" . DG  B 1 2  ? -2.233  9.419   -5.374  1.00 18.63 ? 2   DG  B "C4'" 1 
ATOM   341 O  "O4'" . DG  B 1 2  ? -1.831  8.057   -5.653  1.00 16.64 ? 2   DG  B "O4'" 1 
ATOM   342 C  "C3'" . DG  B 1 2  ? -1.945  9.652   -3.883  1.00 16.30 ? 2   DG  B "C3'" 1 
ATOM   343 O  "O3'" . DG  B 1 2  ? -3.163  9.847   -3.184  1.00 17.29 ? 2   DG  B "O3'" 1 
ATOM   344 C  "C2'" . DG  B 1 2  ? -1.245  8.354   -3.444  1.00 16.14 ? 2   DG  B "C2'" 1 
ATOM   345 C  "C1'" . DG  B 1 2  ? -1.826  7.365   -4.438  1.00 15.90 ? 2   DG  B "C1'" 1 
ATOM   346 N  N9    . DG  B 1 2  ? -1.070  6.125   -4.605  1.00 14.08 ? 2   DG  B N9    1 
ATOM   347 C  C8    . DG  B 1 2  ? 0.293   5.949   -4.532  1.00 13.87 ? 2   DG  B C8    1 
ATOM   348 N  N7    . DG  B 1 2  ? 0.666   4.707   -4.720  1.00 13.61 ? 2   DG  B N7    1 
ATOM   349 C  C5    . DG  B 1 2  ? -0.529  4.017   -4.917  1.00 14.01 ? 2   DG  B C5    1 
ATOM   350 C  C6    . DG  B 1 2  ? -0.765  2.643   -5.177  1.00 13.06 ? 2   DG  B C6    1 
ATOM   351 O  O6    . DG  B 1 2  ? 0.069   1.719   -5.270  1.00 13.74 ? 2   DG  B O6    1 
ATOM   352 N  N1    . DG  B 1 2  ? -2.133  2.371   -5.325  1.00 13.61 ? 2   DG  B N1    1 
ATOM   353 C  C2    . DG  B 1 2  ? -3.132  3.318   -5.240  1.00 13.32 ? 2   DG  B C2    1 
ATOM   354 N  N2    . DG  B 1 2  ? -4.393  2.889   -5.414  1.00 14.56 ? 2   DG  B N2    1 
ATOM   355 N  N3    . DG  B 1 2  ? -2.912  4.599   -5.009  1.00 13.93 ? 2   DG  B N3    1 
ATOM   356 C  C4    . DG  B 1 2  ? -1.599  4.877   -4.855  1.00 13.73 ? 2   DG  B C4    1 
ATOM   357 P  P     . DT  B 1 3  ? -3.267  10.972  -2.049  1.00 18.80 ? 3   DT  B P     1 
ATOM   358 O  OP1   . DT  B 1 3  ? -4.648  10.892  -1.521  1.00 22.65 ? 3   DT  B OP1   1 
ATOM   359 O  OP2   . DT  B 1 3  ? -2.728  12.237  -2.583  1.00 21.16 ? 3   DT  B OP2   1 
ATOM   360 O  "O5'" . DT  B 1 3  ? -2.196  10.509  -0.965  1.00 18.14 ? 3   DT  B "O5'" 1 
ATOM   361 C  "C5'" . DT  B 1 3  ? -2.565  9.607   0.040   1.00 17.98 ? 3   DT  B "C5'" 1 
ATOM   362 C  "C4'" . DT  B 1 3  ? -1.399  9.328   0.972   1.00 16.31 ? 3   DT  B "C4'" 1 
ATOM   363 O  "O4'" . DT  B 1 3  ? -1.847  8.417   1.997   1.00 16.79 ? 3   DT  B "O4'" 1 
ATOM   364 C  "C3'" . DT  B 1 3  ? -0.189  8.685   0.304   1.00 17.21 ? 3   DT  B "C3'" 1 
ATOM   365 O  "O3'" . DT  B 1 3  ? 1.027   9.168   0.855   1.00 18.28 ? 3   DT  B "O3'" 1 
ATOM   366 C  "C2'" . DT  B 1 3  ? -0.380  7.201   0.579   1.00 16.64 ? 3   DT  B "C2'" 1 
ATOM   367 C  "C1'" . DT  B 1 3  ? -1.256  7.152   1.826   1.00 15.79 ? 3   DT  B "C1'" 1 
ATOM   368 N  N1    . DT  B 1 3  ? -2.354  6.161   1.666   1.00 15.27 ? 3   DT  B N1    1 
ATOM   369 C  C2    . DT  B 1 3  ? -2.037  4.831   1.648   1.00 16.31 ? 3   DT  B C2    1 
ATOM   370 O  O2    . DT  B 1 3  ? -0.902  4.427   1.747   1.00 16.38 ? 3   DT  B O2    1 
ATOM   371 N  N3    . DT  B 1 3  ? -3.094  3.985   1.474   1.00 15.57 ? 3   DT  B N3    1 
ATOM   372 C  C4    . DT  B 1 3  ? -4.423  4.328   1.337   1.00 14.62 ? 3   DT  B C4    1 
ATOM   373 O  O4    . DT  B 1 3  ? -5.306  3.488   1.201   1.00 16.84 ? 3   DT  B O4    1 
ATOM   374 C  C5    . DT  B 1 3  ? -4.701  5.744   1.383   1.00 15.13 ? 3   DT  B C5    1 
ATOM   375 C  C7    . DT  B 1 3  ? -6.110  6.241   1.248   1.00 17.37 ? 3   DT  B C7    1 
ATOM   376 C  C6    . DT  B 1 3  ? -3.660  6.587   1.538   1.00 16.21 ? 3   DT  B C6    1 
ATOM   377 P  P     . DT  B 1 4  ? 2.236   9.616   -0.109  1.00 19.40 ? 4   DT  B P     1 
ATOM   378 O  OP1   . DT  B 1 4  ? 3.100   10.482  0.724   1.00 22.05 ? 4   DT  B OP1   1 
ATOM   379 O  OP2   . DT  B 1 4  ? 1.693   10.092  -1.410  1.00 20.55 ? 4   DT  B OP2   1 
ATOM   380 O  "O5'" . DT  B 1 4  ? 3.038   8.265   -0.413  1.00 18.46 ? 4   DT  B "O5'" 1 
ATOM   381 C  "C5'" . DT  B 1 4  ? 3.842   7.670   0.576   1.00 18.25 ? 4   DT  B "C5'" 1 
ATOM   382 C  "C4'" . DT  B 1 4  ? 4.592   6.476   0.005   1.00 16.41 ? 4   DT  B "C4'" 1 
ATOM   383 O  "O4'" . DT  B 1 4  ? 3.735   5.305   -0.033  1.00 16.34 ? 4   DT  B "O4'" 1 
ATOM   384 C  "C3'" . DT  B 1 4  ? 5.119   6.638   -1.420  1.00 15.36 ? 4   DT  B "C3'" 1 
ATOM   385 O  "O3'" . DT  B 1 4  ? 6.345   5.952   -1.494  1.00 18.30 ? 4   DT  B "O3'" 1 
ATOM   386 C  "C2'" . DT  B 1 4  ? 4.050   5.924   -2.257  1.00 15.42 ? 4   DT  B "C2'" 1 
ATOM   387 C  "C1'" . DT  B 1 4  ? 3.751   4.755   -1.340  1.00 13.81 ? 4   DT  B "C1'" 1 
ATOM   388 N  N1    . DT  B 1 4  ? 2.451   4.050   -1.544  1.00 14.51 ? 4   DT  B N1    1 
ATOM   389 C  C2    . DT  B 1 4  ? 1.270   4.758   -1.585  1.00 12.94 ? 4   DT  B C2    1 
ATOM   390 O  O2    . DT  B 1 4  ? 1.213   5.972   -1.559  1.00 14.86 ? 4   DT  B O2    1 
ATOM   391 N  N3    . DT  B 1 4  ? 0.147   3.989   -1.695  1.00 14.88 ? 4   DT  B N3    1 
ATOM   392 C  C4    . DT  B 1 4  ? 0.077   2.610   -1.766  1.00 14.83 ? 4   DT  B C4    1 
ATOM   393 O  O4    . DT  B 1 4  ? -0.994  2.015   -1.867  1.00 16.55 ? 4   DT  B O4    1 
ATOM   394 C  C5    . DT  B 1 4  ? 1.351   1.924   -1.694  1.00 13.92 ? 4   DT  B C5    1 
ATOM   395 C  C7    . DT  B 1 4  ? 1.424   0.418   -1.743  1.00 15.30 ? 4   DT  B C7    1 
ATOM   396 C  C6    . DT  B 1 4  ? 2.456   2.670   -1.575  1.00 14.90 ? 4   DT  B C6    1 
ATOM   397 P  P     . DG  B 1 5  ? 7.481   6.410   -2.523  1.00 20.63 ? 5   DG  B P     1 
ATOM   398 O  OP1   . DG  B 1 5  ? 8.399   7.320   -1.798  1.00 22.55 ? 5   DG  B OP1   1 
ATOM   399 O  OP2   . DG  B 1 5  ? 6.835   6.874   -3.774  1.00 26.05 ? 5   DG  B OP2   1 
ATOM   400 O  "O5'" . DG  B 1 5  ? 8.287   5.068   -2.799  1.00 19.88 ? 5   DG  B "O5'" 1 
ATOM   401 C  "C5'" . DG  B 1 5  ? 7.624   3.922   -3.297  1.00 20.00 ? 5   DG  B "C5'" 1 
ATOM   402 C  "C4'" . DG  B 1 5  ? 8.647   2.937   -3.805  1.00 19.81 ? 5   DG  B "C4'" 1 
ATOM   403 O  "O4'" . DG  B 1 5  ? 8.118   1.596   -3.753  1.00 19.60 ? 5   DG  B "O4'" 1 
ATOM   404 C  "C3'" . DG  B 1 5  ? 9.083   3.154   -5.237  1.00 20.06 ? 5   DG  B "C3'" 1 
ATOM   405 O  "O3'" . DG  B 1 5  ? 10.425  2.716   -5.368  1.00 21.43 ? 5   DG  B "O3'" 1 
ATOM   406 C  "C2'" . DG  B 1 5  ? 8.107   2.270   -6.013  1.00 18.99 ? 5   DG  B "C2'" 1 
ATOM   407 C  "C1'" . DG  B 1 5  ? 7.951   1.088   -5.062  1.00 16.38 ? 5   DG  B "C1'" 1 
ATOM   408 N  N9    . DG  B 1 5  ? 6.657   0.409   -5.108  1.00 15.84 ? 5   DG  B N9    1 
ATOM   409 C  C8    . DG  B 1 5  ? 6.450   -0.950  -5.113  1.00 15.05 ? 5   DG  B C8    1 
ATOM   410 N  N7    . DG  B 1 5  ? 5.191   -1.287  -5.121  1.00 14.95 ? 5   DG  B N7    1 
ATOM   411 C  C5    . DG  B 1 5  ? 4.511   -0.073  -5.108  1.00 14.02 ? 5   DG  B C5    1 
ATOM   412 C  C6    . DG  B 1 5  ? 3.113   0.195   -5.118  1.00 14.35 ? 5   DG  B C6    1 
ATOM   413 O  O6    . DG  B 1 5  ? 2.163   -0.616  -5.130  1.00 14.17 ? 5   DG  B O6    1 
ATOM   414 N  N1    . DG  B 1 5  ? 2.857   1.565   -5.083  1.00 13.66 ? 5   DG  B N1    1 
ATOM   415 C  C2    . DG  B 1 5  ? 3.826   2.550   -5.079  1.00 12.80 ? 5   DG  B C2    1 
ATOM   416 N  N2    . DG  B 1 5  ? 3.393   3.818   -5.061  1.00 14.35 ? 5   DG  B N2    1 
ATOM   417 N  N3    . DG  B 1 5  ? 5.128   2.305   -5.077  1.00 14.10 ? 5   DG  B N3    1 
ATOM   418 C  C4    . DG  B 1 5  ? 5.400   0.983   -5.092  1.00 13.48 ? 5   DG  B C4    1 
ATOM   419 P  P     . DG  B 1 6  ? 11.245  2.948   -6.725  1.00 23.62 ? 6   DG  B P     1 
ATOM   420 O  OP1   . DG  B 1 6  ? 12.681  2.887   -6.358  1.00 26.42 ? 6   DG  B OP1   1 
ATOM   421 O  OP2   . DG  B 1 6  ? 10.714  4.132   -7.438  1.00 24.78 ? 6   DG  B OP2   1 
ATOM   422 O  "O5'" . DG  B 1 6  ? 10.884  1.659   -7.599  1.00 22.97 ? 6   DG  B "O5'" 1 
ATOM   423 C  "C5'" . DG  B 1 6  ? 11.148  0.353   -7.086  1.00 23.83 ? 6   DG  B "C5'" 1 
ATOM   424 C  "C4'" . DG  B 1 6  ? 10.461  -0.697  -7.935  1.00 20.99 ? 6   DG  B "C4'" 1 
ATOM   425 O  "O4'" . DG  B 1 6  ? 9.037   -0.693  -7.655  1.00 19.98 ? 6   DG  B "O4'" 1 
ATOM   426 C  "C3'" . DG  B 1 6  ? 10.590  -0.490  -9.450  1.00 21.80 ? 6   DG  B "C3'" 1 
ATOM   427 O  "O3'" . DG  B 1 6  ? 10.912  -1.713  -10.077 1.00 25.58 ? 6   DG  B "O3'" 1 
ATOM   428 C  "C2'" . DG  B 1 6  ? 9.189   -0.038  -9.863  1.00 18.13 ? 6   DG  B "C2'" 1 
ATOM   429 C  "C1'" . DG  B 1 6  ? 8.359   -0.832  -8.876  1.00 17.64 ? 6   DG  B "C1'" 1 
ATOM   430 N  N9    . DG  B 1 6  ? 6.994   -0.353  -8.716  1.00 16.06 ? 6   DG  B N9    1 
ATOM   431 C  C8    . DG  B 1 6  ? 6.547   0.950   -8.775  1.00 17.95 ? 6   DG  B C8    1 
ATOM   432 N  N7    . DG  B 1 6  ? 5.257   1.059   -8.595  1.00 15.70 ? 6   DG  B N7    1 
ATOM   433 C  C5    . DG  B 1 6  ? 4.827   -0.249  -8.415  1.00 14.22 ? 6   DG  B C5    1 
ATOM   434 C  C6    . DG  B 1 6  ? 3.525   -0.761  -8.196  1.00 13.81 ? 6   DG  B C6    1 
ATOM   435 O  O6    . DG  B 1 6  ? 2.448   -0.129  -8.097  1.00 13.60 ? 6   DG  B O6    1 
ATOM   436 N  N1    . DG  B 1 6  ? 3.533   -2.154  -8.077  1.00 13.78 ? 6   DG  B N1    1 
ATOM   437 C  C2    . DG  B 1 6  ? 4.658   -2.944  -8.166  1.00 15.09 ? 6   DG  B C2    1 
ATOM   438 N  N2    . DG  B 1 6  ? 4.472   -4.266  -8.035  1.00 15.44 ? 6   DG  B N2    1 
ATOM   439 N  N3    . DG  B 1 6  ? 5.878   -2.472  -8.374  1.00 14.87 ? 6   DG  B N3    1 
ATOM   440 C  C4    . DG  B 1 6  ? 5.885   -1.127  -8.495  1.00 15.91 ? 6   DG  B C4    1 
ATOM   441 P  P     . DT  B 1 7  ? 12.441  -2.188  -10.207 1.00 30.51 ? 7   DT  B P     1 
ATOM   442 O  OP1   . DT  B 1 7  ? 12.809  -2.863  -8.938  1.00 30.19 ? 7   DT  B OP1   1 
ATOM   443 O  OP2   . DT  B 1 7  ? 13.222  -1.042  -10.729 1.00 31.15 ? 7   DT  B OP2   1 
ATOM   444 O  "O5'" . DT  B 1 7  ? 12.390  -3.275  -11.374 1.00 28.43 ? 7   DT  B "O5'" 1 
ATOM   445 C  "C5'" . DT  B 1 7  ? 12.067  -2.856  -12.700 1.00 25.41 ? 7   DT  B "C5'" 1 
ATOM   446 C  "C4'" . DT  B 1 7  ? 10.988  -3.732  -13.306 1.00 24.81 ? 7   DT  B "C4'" 1 
ATOM   447 O  "O4'" . DT  B 1 7  ? 11.421  -5.113  -13.268 1.00 29.30 ? 7   DT  B "O4'" 1 
ATOM   448 C  "C3'" . DT  B 1 7  ? 9.641   -3.701  -12.585 1.00 24.45 ? 7   DT  B "C3'" 1 
ATOM   449 O  "O3'" . DT  B 1 7  ? 8.608   -3.922  -13.516 1.00 25.55 ? 7   DT  B "O3'" 1 
ATOM   450 C  "C2'" . DT  B 1 7  ? 9.759   -4.897  -11.650 1.00 24.88 ? 7   DT  B "C2'" 1 
ATOM   451 C  "C1'" . DT  B 1 7  ? 10.470  -5.879  -12.573 1.00 28.50 ? 7   DT  B "C1'" 1 
ATOM   452 N  N1    . DT  B 1 7  ? 11.181  -6.944  -11.869 1.00 30.63 ? 7   DT  B N1    1 
ATOM   453 C  C2    . DT  B 1 7  ? 10.994  -8.240  -12.273 1.00 32.80 ? 7   DT  B C2    1 
ATOM   454 O  O2    . DT  B 1 7  ? 10.285  -8.550  -13.216 1.00 32.79 ? 7   DT  B O2    1 
ATOM   455 N  N3    . DT  B 1 7  ? 11.697  -9.165  -11.556 1.00 32.12 ? 7   DT  B N3    1 
ATOM   456 C  C4    . DT  B 1 7  ? 12.535  -8.926  -10.478 1.00 33.15 ? 7   DT  B C4    1 
ATOM   457 O  O4    . DT  B 1 7  ? 13.121  -9.828  -9.890  1.00 32.28 ? 7   DT  B O4    1 
ATOM   458 C  C5    . DT  B 1 7  ? 12.672  -7.537  -10.097 1.00 30.60 ? 7   DT  B C5    1 
ATOM   459 C  C7    . DT  B 1 7  ? 13.553  -7.150  -8.947  1.00 29.26 ? 7   DT  B C7    1 
ATOM   460 C  C6    . DT  B 1 7  ? 11.994  -6.624  -10.804 1.00 28.54 ? 7   DT  B C6    1 
ATOM   461 P  P     . DG  B 1 8  ? 7.659   -2.721  -13.977 1.00 26.92 ? 8   DG  B P     1 
ATOM   462 O  OP1   . DG  B 1 8  ? 6.639   -3.335  -14.864 1.00 28.65 ? 8   DG  B OP1   1 
ATOM   463 O  OP2   . DG  B 1 8  ? 8.509   -1.625  -14.504 1.00 28.94 ? 8   DG  B OP2   1 
ATOM   464 O  "O5'" . DG  B 1 8  ? 6.957   -2.233  -12.627 1.00 23.01 ? 8   DG  B "O5'" 1 
ATOM   465 C  "C5'" . DG  B 1 8  ? 6.195   -3.136  -11.836 1.00 19.63 ? 8   DG  B "C5'" 1 
ATOM   466 C  "C4'" . DG  B 1 8  ? 4.756   -2.655  -11.724 1.00 19.67 ? 8   DG  B "C4'" 1 
ATOM   467 O  "O4'" . DG  B 1 8  ? 4.730   -1.297  -11.204 1.00 18.59 ? 8   DG  B "O4'" 1 
ATOM   468 C  "C3'" . DG  B 1 8  ? 3.990   -2.613  -13.036 1.00 19.80 ? 8   DG  B "C3'" 1 
ATOM   469 O  "O3'" . DG  B 1 8  ? 2.657   -3.044  -12.825 1.00 20.43 ? 8   DG  B "O3'" 1 
ATOM   470 C  "C2'" . DG  B 1 8  ? 4.055   -1.142  -13.450 1.00 19.55 ? 8   DG  B "C2'" 1 
ATOM   471 C  "C1'" . DG  B 1 8  ? 4.068   -0.431  -12.107 1.00 17.16 ? 8   DG  B "C1'" 1 
ATOM   472 N  N9    . DG  B 1 8  ? 4.794   0.834   -12.131 1.00 17.97 ? 8   DG  B N9    1 
ATOM   473 C  C8    . DG  B 1 8  ? 6.145   1.005   -12.318 1.00 19.52 ? 8   DG  B C8    1 
ATOM   474 N  N7    . DG  B 1 8  ? 6.523   2.252   -12.280 1.00 20.78 ? 8   DG  B N7    1 
ATOM   475 C  C5    . DG  B 1 8  ? 5.347   2.961   -12.058 1.00 15.97 ? 8   DG  B C5    1 
ATOM   476 C  C6    . DG  B 1 8  ? 5.135   4.355   -11.925 1.00 16.17 ? 8   DG  B C6    1 
ATOM   477 O  O6    . DG  B 1 8  ? 5.973   5.273   -11.985 1.00 19.02 ? 8   DG  B O6    1 
ATOM   478 N  N1    . DG  B 1 8  ? 3.793   4.649   -11.706 1.00 14.62 ? 8   DG  B N1    1 
ATOM   479 C  C2    . DG  B 1 8  ? 2.781   3.717   -11.627 1.00 14.02 ? 8   DG  B C2    1 
ATOM   480 N  N2    . DG  B 1 8  ? 1.541   4.194   -11.410 1.00 14.62 ? 8   DG  B N2    1 
ATOM   481 N  N3    . DG  B 1 8  ? 2.966   2.408   -11.756 1.00 14.57 ? 8   DG  B N3    1 
ATOM   482 C  C4    . DG  B 1 8  ? 4.270   2.101   -11.968 1.00 16.95 ? 8   DG  B C4    1 
ATOM   483 P  P     . DT  B 1 9  ? 2.015   -4.165  -13.775 1.00 20.55 ? 9   DT  B P     1 
ATOM   484 O  OP1   . DT  B 1 9  ? 2.876   -5.371  -13.752 1.00 22.26 ? 9   DT  B OP1   1 
ATOM   485 O  OP2   . DT  B 1 9  ? 1.727   -3.519  -15.075 1.00 21.49 ? 9   DT  B OP2   1 
ATOM   486 O  "O5'" . DT  B 1 9  ? 0.625   -4.497  -13.073 1.00 19.18 ? 9   DT  B "O5'" 1 
ATOM   487 C  "C5'" . DT  B 1 9  ? 0.540   -5.460  -12.029 1.00 18.58 ? 9   DT  B "C5'" 1 
ATOM   488 C  "C4'" . DT  B 1 9  ? -0.912  -5.797  -11.770 1.00 18.80 ? 9   DT  B "C4'" 1 
ATOM   489 O  "O4'" . DT  B 1 9  ? -1.583  -4.619  -11.268 1.00 18.61 ? 9   DT  B "O4'" 1 
ATOM   490 C  "C3'" . DT  B 1 9  ? -1.706  -6.211  -13.011 1.00 20.53 ? 9   DT  B "C3'" 1 
ATOM   491 O  "O3'" . DT  B 1 9  ? -2.746  -7.086  -12.641 1.00 23.61 ? 9   DT  B "O3'" 1 
ATOM   492 C  "C2'" . DT  B 1 9  ? -2.277  -4.882  -13.495 1.00 17.93 ? 9   DT  B "C2'" 1 
ATOM   493 C  "C1'" . DT  B 1 9  ? -2.608  -4.230  -12.163 1.00 18.53 ? 9   DT  B "C1'" 1 
ATOM   494 N  N1    . DT  B 1 9  ? -2.649  -2.756  -12.210 1.00 15.29 ? 9   DT  B N1    1 
ATOM   495 C  C2    . DT  B 1 9  ? -3.803  -2.140  -12.615 1.00 17.05 ? 9   DT  B C2    1 
ATOM   496 O  O2    . DT  B 1 9  ? -4.790  -2.748  -12.961 1.00 19.34 ? 9   DT  B O2    1 
ATOM   497 N  N3    . DT  B 1 9  ? -3.762  -0.777  -12.595 1.00 16.39 ? 9   DT  B N3    1 
ATOM   498 C  C4    . DT  B 1 9  ? -2.702  0.018   -12.232 1.00 15.71 ? 9   DT  B C4    1 
ATOM   499 O  O4    . DT  B 1 9  ? -2.773  1.237   -12.255 1.00 17.79 ? 9   DT  B O4    1 
ATOM   500 C  C5    . DT  B 1 9  ? -1.507  -0.687  -11.813 1.00 14.23 ? 9   DT  B C5    1 
ATOM   501 C  C7    . DT  B 1 9  ? -0.286  0.072   -11.377 1.00 14.99 ? 9   DT  B C7    1 
ATOM   502 C  C6    . DT  B 1 9  ? -1.543  -2.028  -11.809 1.00 15.71 ? 9   DT  B C6    1 
ATOM   503 P  P     . DG  B 1 10 ? -2.603  -8.668  -12.866 1.00 27.92 ? 10  DG  B P     1 
ATOM   504 O  OP1   . DG  B 1 10 ? -1.899  -8.906  -14.139 1.00 32.11 ? 10  DG  B OP1   1 
ATOM   505 O  OP2   . DG  B 1 10 ? -3.947  -9.248  -12.651 1.00 31.11 ? 10  DG  B OP2   1 
ATOM   506 O  "O5'" . DG  B 1 10 ? -1.637  -9.142  -11.681 1.00 25.12 ? 10  DG  B "O5'" 1 
ATOM   507 C  "C5'" . DG  B 1 10 ? -2.141  -9.330  -10.368 1.00 22.96 ? 10  DG  B "C5'" 1 
ATOM   508 C  "C4'" . DG  B 1 10 ? -1.074  -9.978  -9.512  1.00 20.42 ? 10  DG  B "C4'" 1 
ATOM   509 O  "O4'" . DG  B 1 10 ? 0.049   -9.074  -9.375  1.00 20.58 ? 10  DG  B "O4'" 1 
ATOM   510 C  "C3'" . DG  B 1 10 ? -1.485  -10.345 -8.098  1.00 21.46 ? 10  DG  B "C3'" 1 
ATOM   511 O  "O3'" . DG  B 1 10 ? -0.738  -11.490 -7.706  1.00 21.12 ? 10  DG  B "O3'" 1 
ATOM   512 C  "C2'" . DG  B 1 10 ? -1.068  -9.098  -7.310  1.00 18.85 ? 10  DG  B "C2'" 1 
ATOM   513 C  "C1'" . DG  B 1 10 ? 0.237   -8.749  -8.010  1.00 17.90 ? 10  DG  B "C1'" 1 
ATOM   514 N  N9    . DG  B 1 10 ? 0.622   -7.338  -7.951  1.00 17.10 ? 10  DG  B N9    1 
ATOM   515 C  C8    . DG  B 1 10 ? 1.896   -6.851  -7.780  1.00 16.68 ? 10  DG  B C8    1 
ATOM   516 N  N7    . DG  B 1 10 ? 1.965   -5.556  -7.807  1.00 15.21 ? 10  DG  B N7    1 
ATOM   517 C  C5    . DG  B 1 10 ? 0.655   -5.148  -8.016  1.00 14.87 ? 10  DG  B C5    1 
ATOM   518 C  C6    . DG  B 1 10 ? 0.117   -3.850  -8.128  1.00 16.08 ? 10  DG  B C6    1 
ATOM   519 O  O6    . DG  B 1 10 ? 0.715   -2.765  -8.063  1.00 16.04 ? 10  DG  B O6    1 
ATOM   520 N  N1    . DG  B 1 10 ? -1.254  -3.877  -8.326  1.00 13.47 ? 10  DG  B N1    1 
ATOM   521 C  C2    . DG  B 1 10 ? -2.018  -5.012  -8.416  1.00 15.11 ? 10  DG  B C2    1 
ATOM   522 N  N2    . DG  B 1 10 ? -3.333  -4.830  -8.620  1.00 16.93 ? 10  DG  B N2    1 
ATOM   523 N  N3    . DG  B 1 10 ? -1.529  -6.238  -8.319  1.00 15.93 ? 10  DG  B N3    1 
ATOM   524 C  C4    . DG  B 1 10 ? -0.188  -6.232  -8.112  1.00 16.19 ? 10  DG  B C4    1 
ATOM   525 P  P     . DG  B 1 11 ? -1.048  -12.263 -6.339  1.00 23.09 ? 11  DG  B P     1 
ATOM   526 O  OP1   . DG  B 1 11 ? -0.500  -13.633 -6.477  1.00 24.14 ? 11  DG  B OP1   1 
ATOM   527 O  OP2   . DG  B 1 11 ? -2.473  -12.053 -5.985  1.00 27.18 ? 11  DG  B OP2   1 
ATOM   528 O  "O5'" . DG  B 1 11 ? -0.177  -11.492 -5.261  1.00 21.60 ? 11  DG  B "O5'" 1 
ATOM   529 C  "C5'" . DG  B 1 11 ? 1.241   -11.559 -5.318  1.00 21.97 ? 11  DG  B "C5'" 1 
ATOM   530 C  "C4'" . DG  B 1 11 ? 1.840   -10.511 -4.412  1.00 20.65 ? 11  DG  B "C4'" 1 
ATOM   531 O  "O4'" . DG  B 1 11 ? 1.560   -9.189  -4.942  1.00 18.22 ? 11  DG  B "O4'" 1 
ATOM   532 C  "C3'" . DG  B 1 11 ? 1.285   -10.513 -2.982  1.00 19.61 ? 11  DG  B "C3'" 1 
ATOM   533 O  "O3'" . DG  B 1 11 ? 2.353   -10.626 -2.059  1.00 21.68 ? 11  DG  B "O3'" 1 
ATOM   534 C  "C2'" . DG  B 1 11 ? 0.593   -9.155  -2.861  1.00 18.10 ? 11  DG  B "C2'" 1 
ATOM   535 C  "C1'" . DG  B 1 11 ? 1.402   -8.337  -3.848  1.00 18.23 ? 11  DG  B "C1'" 1 
ATOM   536 N  N9    . DG  B 1 11 ? 0.756   -7.085  -4.233  1.00 15.11 ? 11  DG  B N9    1 
ATOM   537 C  C8    . DG  B 1 11 ? -0.591  -6.856  -4.362  1.00 16.72 ? 11  DG  B C8    1 
ATOM   538 N  N7    . DG  B 1 11 ? -0.879  -5.620  -4.655  1.00 15.34 ? 11  DG  B N7    1 
ATOM   539 C  C5    . DG  B 1 11 ? 0.353   -4.982  -4.693  1.00 14.53 ? 11  DG  B C5    1 
ATOM   540 C  C6    . DG  B 1 11 ? 0.673   -3.625  -4.954  1.00 13.41 ? 11  DG  B C6    1 
ATOM   541 O  O6    . DG  B 1 11 ? -0.097  -2.687  -5.210  1.00 15.43 ? 11  DG  B O6    1 
ATOM   542 N  N1    . DG  B 1 11 ? 2.044   -3.398  -4.895  1.00 14.76 ? 11  DG  B N1    1 
ATOM   543 C  C2    . DG  B 1 11 ? 2.988   -4.363  -4.623  1.00 15.06 ? 11  DG  B C2    1 
ATOM   544 N  N2    . DG  B 1 11 ? 4.266   -3.954  -4.619  1.00 16.21 ? 11  DG  B N2    1 
ATOM   545 N  N3    . DG  B 1 11 ? 2.698   -5.637  -4.377  1.00 14.89 ? 11  DG  B N3    1 
ATOM   546 C  C4    . DG  B 1 11 ? 1.369   -5.870  -4.423  1.00 14.85 ? 11  DG  B C4    1 
ATOM   547 P  P     . DT  B 1 12 ? 2.204   -11.541 -0.748  1.00 22.91 ? 12  DT  B P     1 
ATOM   548 O  OP1   . DT  B 1 12 ? 3.496   -11.408 -0.041  1.00 23.79 ? 12  DT  B OP1   1 
ATOM   549 O  OP2   . DT  B 1 12 ? 1.648   -12.863 -1.105  1.00 24.03 ? 12  DT  B OP2   1 
ATOM   550 O  "O5'" . DT  B 1 12 ? 1.055   -10.833 0.084   1.00 25.03 ? 12  DT  B "O5'" 1 
ATOM   551 C  "C5'" . DT  B 1 12 ? 1.360   -9.790  0.944   1.00 24.21 ? 12  DT  B "C5'" 1 
ATOM   552 C  "C4'" . DT  B 1 12 ? 0.184   -9.523  1.851   1.00 20.25 ? 12  DT  B "C4'" 1 
ATOM   553 O  "O4'" . DT  B 1 12 ? 0.575   -8.561  2.849   1.00 20.01 ? 12  DT  B "O4'" 1 
ATOM   554 C  "C3'" . DT  B 1 12 ? -1.022  -8.926  1.142   1.00 20.09 ? 12  DT  B "C3'" 1 
ATOM   555 O  "O3'" . DT  B 1 12 ? -2.227  -9.285  1.800   1.00 22.22 ? 12  DT  B "O3'" 1 
ATOM   556 C  "C2'" . DT  B 1 12 ? -0.766  -7.430  1.237   1.00 19.31 ? 12  DT  B "C2'" 1 
ATOM   557 C  "C1'" . DT  B 1 12 ? 0.091   -7.280  2.499   1.00 18.34 ? 12  DT  B "C1'" 1 
ATOM   558 N  N1    . DT  B 1 12 ? 1.244   -6.343  2.307   1.00 16.26 ? 12  DT  B N1    1 
ATOM   559 C  C2    . DT  B 1 12 ? 0.967   -5.014  2.116   1.00 16.95 ? 12  DT  B C2    1 
ATOM   560 O  O2    . DT  B 1 12 ? -0.162  -4.572  2.116   1.00 17.78 ? 12  DT  B O2    1 
ATOM   561 N  N3    . DT  B 1 12 ? 2.057   -4.214  1.938   1.00 15.60 ? 12  DT  B N3    1 
ATOM   562 C  C4    . DT  B 1 12 ? 3.382   -4.598  1.923   1.00 15.27 ? 12  DT  B C4    1 
ATOM   563 O  O4    . DT  B 1 12 ? 4.290   -3.791  1.759   1.00 16.68 ? 12  DT  B O4    1 
ATOM   564 C  C5    . DT  B 1 12 ? 3.622   -6.011  2.123   1.00 15.38 ? 12  DT  B C5    1 
ATOM   565 C  C7    . DT  B 1 12 ? 5.028   -6.537  2.132   1.00 15.97 ? 12  DT  B C7    1 
ATOM   566 C  C6    . DT  B 1 12 ? 2.551   -6.816  2.298   1.00 15.33 ? 12  DT  B C6    1 
ATOM   567 P  P     . DT  B 1 13 ? -3.443  -9.924  0.969   1.00 25.02 ? 13  DT  B P     1 
ATOM   568 O  OP1   . DT  B 1 13 ? -4.405  -10.456 1.967   1.00 30.29 ? 13  DT  B OP1   1 
ATOM   569 O  OP2   . DT  B 1 13 ? -2.875  -10.806 -0.076  1.00 28.97 ? 13  DT  B OP2   1 
ATOM   570 O  "O5'" . DT  B 1 13 ? -4.089  -8.696  0.182   1.00 24.15 ? 13  DT  B "O5'" 1 
ATOM   571 C  "C5'" . DT  B 1 13 ? -5.057  -7.916  0.816   1.00 20.60 ? 13  DT  B "C5'" 1 
ATOM   572 C  "C4'" . DT  B 1 13 ? -5.534  -6.803  -0.086  1.00 19.00 ? 13  DT  B "C4'" 1 
ATOM   573 O  "O4'" . DT  B 1 13 ? -4.536  -5.763  -0.159  1.00 17.44 ? 13  DT  B "O4'" 1 
ATOM   574 C  "C3'" . DT  B 1 13 ? -5.831  -7.197  -1.529  1.00 19.10 ? 13  DT  B "C3'" 1 
ATOM   575 O  "O3'" . DT  B 1 13 ? -7.002  -6.534  -1.905  1.00 21.09 ? 13  DT  B "O3'" 1 
ATOM   576 C  "C2'" . DT  B 1 13 ? -4.622  -6.646  -2.297  1.00 18.33 ? 13  DT  B "C2'" 1 
ATOM   577 C  "C1'" . DT  B 1 13 ? -4.380  -5.377  -1.503  1.00 16.67 ? 13  DT  B "C1'" 1 
ATOM   578 N  N1    . DT  B 1 13 ? -3.038  -4.728  -1.625  1.00 16.04 ? 13  DT  B N1    1 
ATOM   579 C  C2    . DT  B 1 13 ? -1.873  -5.474  -1.513  1.00 17.40 ? 13  DT  B C2    1 
ATOM   580 O  O2    . DT  B 1 13 ? -1.852  -6.689  -1.409  1.00 19.97 ? 13  DT  B O2    1 
ATOM   581 N  N3    . DT  B 1 13 ? -0.717  -4.740  -1.578  1.00 16.19 ? 13  DT  B N3    1 
ATOM   582 C  C4    . DT  B 1 13 ? -0.605  -3.369  -1.700  1.00 15.97 ? 13  DT  B C4    1 
ATOM   583 O  O4    . DT  B 1 13 ? 0.484   -2.803  -1.740  1.00 16.72 ? 13  DT  B O4    1 
ATOM   584 C  C5    . DT  B 1 13 ? -1.860  -2.650  -1.790  1.00 15.51 ? 13  DT  B C5    1 
ATOM   585 C  C7    . DT  B 1 13 ? -1.874  -1.158  -1.933  1.00 15.71 ? 13  DT  B C7    1 
ATOM   586 C  C6    . DT  B 1 13 ? -2.995  -3.355  -1.734  1.00 15.94 ? 13  DT  B C6    1 
ATOM   587 P  P     . DG  B 1 14 ? -7.956  -7.118  -3.051  1.00 23.93 ? 14  DG  B P     1 
ATOM   588 O  OP1   . DG  B 1 14 ? -9.002  -7.946  -2.418  1.00 25.05 ? 14  DG  B OP1   1 
ATOM   589 O  OP2   . DG  B 1 14 ? -7.123  -7.699  -4.129  1.00 28.16 ? 14  DG  B OP2   1 
ATOM   590 O  "O5'" . DG  B 1 14 ? -8.686  -5.817  -3.597  1.00 24.28 ? 14  DG  B "O5'" 1 
ATOM   591 C  "C5'" . DG  B 1 14 ? -7.936  -4.716  -4.087  1.00 21.56 ? 14  DG  B "C5'" 1 
ATOM   592 C  "C4'" . DG  B 1 14 ? -8.858  -3.787  -4.839  1.00 20.38 ? 14  DG  B "C4'" 1 
ATOM   593 O  "O4'" . DG  B 1 14 ? -8.319  -2.449  -4.862  1.00 19.54 ? 14  DG  B "O4'" 1 
ATOM   594 C  "C3'" . DG  B 1 14 ? -9.113  -4.148  -6.288  1.00 20.29 ? 14  DG  B "C3'" 1 
ATOM   595 O  "O3'" . DG  B 1 14 ? -10.392 -3.653  -6.630  1.00 22.40 ? 14  DG  B "O3'" 1 
ATOM   596 C  "C2'" . DG  B 1 14 ? -7.998  -3.385  -6.997  1.00 18.97 ? 14  DG  B "C2'" 1 
ATOM   597 C  "C1'" . DG  B 1 14 ? -7.968  -2.094  -6.181  1.00 18.39 ? 14  DG  B "C1'" 1 
ATOM   598 N  N9    . DG  B 1 14 ? -6.669  -1.439  -6.107  1.00 16.16 ? 14  DG  B N9    1 
ATOM   599 C  C8    . DG  B 1 14 ? -6.434  -0.096  -6.227  1.00 16.79 ? 14  DG  B C8    1 
ATOM   600 N  N7    . DG  B 1 14 ? -5.190  0.232   -6.079  1.00 15.17 ? 14  DG  B N7    1 
ATOM   601 C  C5    . DG  B 1 14 ? -4.542  -0.973  -5.828  1.00 14.34 ? 14  DG  B C5    1 
ATOM   602 C  C6    . DG  B 1 14 ? -3.167  -1.234  -5.595  1.00 13.13 ? 14  DG  B C6    1 
ATOM   603 O  O6    . DG  B 1 14 ? -2.221  -0.427  -5.566  1.00 12.45 ? 14  DG  B O6    1 
ATOM   604 N  N1    . DG  B 1 14 ? -2.931  -2.593  -5.390  1.00 14.71 ? 14  DG  B N1    1 
ATOM   605 C  C2    . DG  B 1 14 ? -3.903  -3.573  -5.414  1.00 15.30 ? 14  DG  B C2    1 
ATOM   606 N  N2    . DG  B 1 14 ? -3.492  -4.831  -5.196  1.00 16.58 ? 14  DG  B N2    1 
ATOM   607 N  N3    . DG  B 1 14 ? -5.193  -3.336  -5.632  1.00 16.38 ? 14  DG  B N3    1 
ATOM   608 C  C4    . DG  B 1 14 ? -5.438  -2.017  -5.837  1.00 15.85 ? 14  DG  B C4    1 
ATOM   609 P  P     . DG  B 1 15 ? -11.057 -3.923  -8.067  1.00 26.67 ? 15  DG  B P     1 
ATOM   610 O  OP1   . DG  B 1 15 ? -12.504 -3.660  -7.889  1.00 30.18 ? 15  DG  B OP1   1 
ATOM   611 O  OP2   . DG  B 1 15 ? -10.576 -5.208  -8.614  1.00 26.57 ? 15  DG  B OP2   1 
ATOM   612 O  "O5'" . DG  B 1 15 ? -10.450 -2.778  -9.005  1.00 23.60 ? 15  DG  B "O5'" 1 
ATOM   613 C  "C5'" . DG  B 1 15 ? -10.741 -1.405  -8.760  1.00 21.42 ? 15  DG  B "C5'" 1 
ATOM   614 C  "C4'" . DG  B 1 15 ? -9.878  -0.519  -9.643  1.00 21.04 ? 15  DG  B "C4'" 1 
ATOM   615 O  "O4'" . DG  B 1 15 ? -8.520  -0.534  -9.150  1.00 19.80 ? 15  DG  B "O4'" 1 
ATOM   616 C  "C3'" . DG  B 1 15 ? -9.796  -0.944  -11.116 1.00 22.77 ? 15  DG  B "C3'" 1 
ATOM   617 O  "O3'" . DG  B 1 15 ? -10.105 0.165   -11.955 1.00 24.71 ? 15  DG  B "O3'" 1 
ATOM   618 C  "C2'" . DG  B 1 15 ? -8.335  -1.382  -11.292 1.00 19.45 ? 15  DG  B "C2'" 1 
ATOM   619 C  "C1'" . DG  B 1 15 ? -7.651  -0.509  -10.259 1.00 17.95 ? 15  DG  B "C1'" 1 
ATOM   620 N  N9    . DG  B 1 15 ? -6.323  -0.966  -9.838  1.00 15.55 ? 15  DG  B N9    1 
ATOM   621 C  C8    . DG  B 1 15 ? -5.894  -2.261  -9.690  1.00 16.78 ? 15  DG  B C8    1 
ATOM   622 N  N7    . DG  B 1 15 ? -4.653  -2.352  -9.290  1.00 14.69 ? 15  DG  B N7    1 
ATOM   623 C  C5    . DG  B 1 15 ? -4.234  -1.031  -9.159  1.00 13.51 ? 15  DG  B C5    1 
ATOM   624 C  C6    . DG  B 1 15 ? -2.981  -0.502  -8.752  1.00 14.43 ? 15  DG  B C6    1 
ATOM   625 O  O6    . DG  B 1 15 ? -1.958  -1.116  -8.416  1.00 14.11 ? 15  DG  B O6    1 
ATOM   626 N  N1    . DG  B 1 15 ? -2.983  0.885   -8.754  1.00 12.97 ? 15  DG  B N1    1 
ATOM   627 C  C2    . DG  B 1 15 ? -4.067  1.663   -9.106  1.00 13.72 ? 15  DG  B C2    1 
ATOM   628 N  N2    . DG  B 1 15 ? -3.892  2.989   -9.058  1.00 15.16 ? 15  DG  B N2    1 
ATOM   629 N  N3    . DG  B 1 15 ? -5.239  1.178   -9.484  1.00 14.54 ? 15  DG  B N3    1 
ATOM   630 C  C4    . DG  B 1 15 ? -5.252  -0.170  -9.490  1.00 14.42 ? 15  DG  B C4    1 
HETATM 631 PB PB    . PB  C 2 .  ? -0.571  0.026   6.651   1.00 15.28 ? 101 PB  A PB    1 
HETATM 632 PB PB    . PB  D 2 .  ? 0.099   -0.569  -6.709  1.00 15.78 ? 101 PB  B PB    1 
HETATM 633 O  O     . HOH E 3 .  ? 7.229   3.182   6.003   1.00 21.62 ? 201 HOH A O     1 
HETATM 634 O  O     . HOH E 3 .  ? 7.290   -9.169  2.610   1.00 27.83 ? 202 HOH A O     1 
HETATM 635 O  O     . HOH E 3 .  ? -3.722  -9.670  13.991  1.00 23.04 ? 203 HOH A O     1 
HETATM 636 O  O     . HOH E 3 .  ? -6.502  -5.644  12.210  1.00 22.78 ? 204 HOH A O     1 
HETATM 637 O  O     . HOH E 3 .  ? -8.338  -3.169  5.490   1.00 23.21 ? 205 HOH A O     1 
HETATM 638 O  O     . HOH E 3 .  ? -10.319 -3.265  9.686   1.00 29.40 ? 206 HOH A O     1 
HETATM 639 O  O     . HOH E 3 .  ? 5.288   7.317   12.204  1.00 26.16 ? 207 HOH A O     1 
HETATM 640 O  O     . HOH E 3 .  ? -8.042  3.931   11.263  1.00 28.76 ? 208 HOH A O     1 
HETATM 641 O  O     . HOH E 3 .  ? -8.805  -4.264  12.999  1.00 28.81 ? 209 HOH A O     1 
HETATM 642 O  O     . HOH E 3 .  ? -5.453  1.095   16.689  1.00 26.37 ? 210 HOH A O     1 
HETATM 643 O  O     . HOH E 3 .  ? 6.756   5.647   14.468  1.00 27.90 ? 211 HOH A O     1 
HETATM 644 O  O     . HOH E 3 .  ? 5.195   0.634   -1.858  1.00 17.59 ? 212 HOH A O     1 
HETATM 645 O  O     . HOH E 3 .  ? -5.228  14.274  6.712   1.00 23.63 ? 213 HOH A O     1 
HETATM 646 O  O     . HOH E 3 .  ? -5.634  -1.444  -2.482  1.00 19.00 ? 214 HOH A O     1 
HETATM 647 O  O     . HOH E 3 .  ? 4.922   -6.609  5.852   1.00 18.98 ? 215 HOH A O     1 
HETATM 648 O  O     . HOH E 3 .  ? -8.636  12.175  10.295  1.00 19.63 ? 216 HOH A O     1 
HETATM 649 O  O     . HOH E 3 .  ? 0.648   -7.576  11.168  1.00 18.79 ? 217 HOH A O     1 
HETATM 650 O  O     . HOH E 3 .  ? -8.191  -3.680  8.273   1.00 23.66 ? 218 HOH A O     1 
HETATM 651 O  O     . HOH E 3 .  ? 5.733   6.708   9.559   1.00 22.39 ? 219 HOH A O     1 
HETATM 652 O  O     . HOH E 3 .  ? 6.785   4.194   8.601   1.00 21.93 ? 220 HOH A O     1 
HETATM 653 O  O     . HOH E 3 .  ? 2.486   -7.985  5.596   1.00 20.36 ? 221 HOH A O     1 
HETATM 654 O  O     . HOH E 3 .  ? 9.102   -0.250  4.215   1.00 21.77 ? 222 HOH A O     1 
HETATM 655 O  O     . HOH E 3 .  ? 9.212   -3.066  -4.574  1.00 26.36 ? 223 HOH A O     1 
HETATM 656 O  O     . HOH E 3 .  ? -7.098  -6.091  9.416   1.00 21.93 ? 224 HOH A O     1 
HETATM 657 O  O     . HOH E 3 .  ? -8.483  9.517   11.151  1.00 29.39 ? 225 HOH A O     1 
HETATM 658 O  O     . HOH E 3 .  ? -6.280  -8.166  13.640  1.00 25.35 ? 226 HOH A O     1 
HETATM 659 O  O     . HOH E 3 .  ? -2.705  13.090  6.532   1.00 25.22 ? 227 HOH A O     1 
HETATM 660 O  O     . HOH F 3 .  ? -6.375  9.876   0.099   1.00 25.80 ? 201 HOH B O     1 
HETATM 661 O  O     . HOH F 3 .  ? 5.242   6.071   -5.661  1.00 21.27 ? 202 HOH B O     1 
HETATM 662 O  O     . HOH F 3 .  ? 2.429   -14.108 -3.274  1.00 26.03 ? 203 HOH B O     1 
HETATM 663 O  O     . HOH F 3 .  ? -5.015  -7.354  -5.678  1.00 24.35 ? 204 HOH B O     1 
HETATM 664 O  O     . HOH F 3 .  ? 1.982   13.986  -8.685  1.00 24.24 ? 205 HOH B O     1 
HETATM 665 O  O     . HOH F 3 .  ? -3.639  13.268  -4.869  1.00 24.15 ? 206 HOH B O     1 
HETATM 666 O  O     . HOH F 3 .  ? 2.000   -8.654  -11.278 1.00 26.57 ? 207 HOH B O     1 
HETATM 667 O  O     . HOH F 3 .  ? -1.150  3.498   -12.113 1.00 16.17 ? 208 HOH B O     1 
HETATM 668 O  O     . HOH F 3 .  ? 0.199   12.399  -1.970  1.00 23.81 ? 209 HOH B O     1 
HETATM 669 O  O     . HOH F 3 .  ? 9.158   3.117   -11.775 1.00 24.94 ? 210 HOH B O     1 
HETATM 670 O  O     . HOH F 3 .  ? -6.191  0.609   -13.114 1.00 18.32 ? 211 HOH B O     1 
HETATM 671 O  O     . HOH F 3 .  ? -2.981  -5.019  2.230   1.00 18.93 ? 212 HOH B O     1 
HETATM 672 O  O     . HOH F 3 .  ? 8.152   5.367   -13.846 1.00 25.73 ? 213 HOH B O     1 
HETATM 673 O  O     . HOH F 3 .  ? 1.908   4.899   2.154   1.00 17.07 ? 214 HOH B O     1 
HETATM 674 O  O     . HOH F 3 .  ? -4.905  6.499   -5.909  1.00 18.83 ? 215 HOH B O     1 
HETATM 675 O  O     . HOH F 3 .  ? 2.310   8.933   -3.996  1.00 20.28 ? 216 HOH B O     1 
HETATM 676 O  O     . HOH F 3 .  ? -9.713  -0.749  -14.683 1.00 23.56 ? 217 HOH B O     1 
HETATM 677 O  O     . HOH F 3 .  ? -6.615  2.672   -11.572 1.00 18.45 ? 218 HOH B O     1 
HETATM 678 O  O     . HOH F 3 .  ? 6.106   5.493   -8.246  1.00 21.58 ? 219 HOH B O     1 
HETATM 679 O  O     . HOH F 3 .  ? 4.639   -7.705  -5.206  1.00 21.96 ? 220 HOH B O     1 
HETATM 680 O  O     . HOH F 3 .  ? 7.881   -3.930  -6.755  1.00 23.66 ? 221 HOH B O     1 
HETATM 681 O  O     . HOH F 3 .  ? 6.823   -5.455  -4.687  1.00 22.05 ? 222 HOH B O     1 
HETATM 682 O  O     . HOH F 3 .  ? 8.316   3.764   -9.185  1.00 22.56 ? 223 HOH B O     1 
HETATM 683 O  O     . HOH F 3 .  ? -6.943  4.491   -5.778  1.00 20.90 ? 224 HOH B O     1 
HETATM 684 O  O     . HOH F 3 .  ? -2.957  -9.428  -4.355  1.00 25.67 ? 225 HOH B O     1 
HETATM 685 O  O     . HOH F 3 .  ? 3.680   -9.862  -7.235  1.00 26.54 ? 226 HOH B O     1 
HETATM 686 O  O     . HOH F 3 .  ? -7.611  -5.001  -10.171 1.00 25.93 ? 227 HOH B O     1 
HETATM 687 O  O     . HOH F 3 .  ? -4.309  7.010   -8.607  1.00 18.43 ? 228 HOH B O     1 
HETATM 688 O  O     . HOH F 3 .  ? 5.880   -9.585  -4.061  1.00 29.98 ? 229 HOH B O     1 
HETATM 689 O  O     . HOH F 3 .  ? -9.014  -3.279  -14.348 1.00 27.08 ? 230 HOH B O     1 
# 
loop_
_atom_site_anisotrop.id 
_atom_site_anisotrop.type_symbol 
_atom_site_anisotrop.pdbx_label_atom_id 
_atom_site_anisotrop.pdbx_label_alt_id 
_atom_site_anisotrop.pdbx_label_comp_id 
_atom_site_anisotrop.pdbx_label_asym_id 
_atom_site_anisotrop.pdbx_label_seq_id 
_atom_site_anisotrop.pdbx_PDB_ins_code 
_atom_site_anisotrop.U[1][1] 
_atom_site_anisotrop.U[2][2] 
_atom_site_anisotrop.U[3][3] 
_atom_site_anisotrop.U[1][2] 
_atom_site_anisotrop.U[1][3] 
_atom_site_anisotrop.U[2][3] 
_atom_site_anisotrop.pdbx_auth_seq_id 
_atom_site_anisotrop.pdbx_auth_comp_id 
_atom_site_anisotrop.pdbx_auth_asym_id 
_atom_site_anisotrop.pdbx_auth_atom_id 
1   O  "O5'" . DG  A 1  ? 0.2034 0.2584 0.2222 0.0118  0.0349  -0.0048 1   DG  A "O5'" 
2   C  "C5'" . DG  A 1  ? 0.2079 0.2558 0.2371 0.0263  0.0096  -0.0132 1   DG  A "C5'" 
3   C  "C4'" . DG  A 1  ? 0.1865 0.2236 0.2195 0.0190  -0.0035 -0.0184 1   DG  A "C4'" 
4   O  "O4'" . DG  A 1  ? 0.2067 0.1938 0.2127 0.0211  -0.0093 -0.0097 1   DG  A "O4'" 
5   C  "C3'" . DG  A 1  ? 0.1963 0.2255 0.2169 0.0364  -0.0034 -0.0174 1   DG  A "C3'" 
6   O  "O3'" . DG  A 1  ? 0.1930 0.2716 0.2364 0.0485  -0.0220 -0.0231 1   DG  A "O3'" 
7   C  "C2'" . DG  A 1  ? 0.1819 0.2097 0.2140 -0.0162 0.0069  0.0106  1   DG  A "C2'" 
8   C  "C1'" . DG  A 1  ? 0.1762 0.2057 0.1989 0.0119  0.0065  0.0043  1   DG  A "C1'" 
9   N  N9    . DG  A 1  ? 0.1646 0.1835 0.1809 0.0293  0.0046  0.0043  1   DG  A N9    
10  C  C8    . DG  A 1  ? 0.1752 0.1875 0.1632 0.0111  -0.0051 0.0026  1   DG  A C8    
11  N  N7    . DG  A 1  ? 0.1778 0.1592 0.1664 0.0218  -0.0244 0.0030  1   DG  A N7    
12  C  C5    . DG  A 1  ? 0.1708 0.1816 0.1737 0.0158  -0.0158 0.0036  1   DG  A C5    
13  C  C6    . DG  A 1  ? 0.1494 0.1785 0.1502 0.0181  0.0037  -0.0020 1   DG  A C6    
14  O  O6    . DG  A 1  ? 0.1635 0.1932 0.1748 -0.0146 -0.0012 0.0085  1   DG  A O6    
15  N  N1    . DG  A 1  ? 0.1882 0.1735 0.1547 0.0093  0.0083  0.0083  1   DG  A N1    
16  C  C2    . DG  A 1  ? 0.1843 0.2005 0.1779 -0.0113 0.0116  0.0251  1   DG  A C2    
17  N  N2    . DG  A 1  ? 0.1703 0.1987 0.1816 -0.0180 0.0179  0.0254  1   DG  A N2    
18  N  N3    . DG  A 1  ? 0.1661 0.2029 0.1756 -0.0083 0.0026  0.0260  1   DG  A N3    
19  C  C4    . DG  A 1  ? 0.1682 0.1620 0.1617 0.0103  -0.0044 0.0152  1   DG  A C4    
20  P  P     . DG  A 2  ? 0.2127 0.3028 0.2549 0.0390  -0.0067 -0.0174 2   DG  A P     
21  O  OP1   . DG  A 2  ? 0.2163 0.3226 0.2792 0.0640  -0.0022 -0.0031 2   DG  A OP1   
22  O  OP2   . DG  A 2  ? 0.2136 0.3153 0.2977 0.0345  -0.0111 0.0128  2   DG  A OP2   
23  O  "O5'" . DG  A 2  ? 0.2245 0.2861 0.2519 0.0388  0.0036  -0.0180 2   DG  A "O5'" 
24  C  "C5'" . DG  A 2  ? 0.2305 0.2870 0.2471 0.0349  -0.0153 -0.0207 2   DG  A "C5'" 
25  C  "C4'" . DG  A 2  ? 0.2199 0.2671 0.2478 0.0431  -0.0093 -0.0064 2   DG  A "C4'" 
26  O  "O4'" . DG  A 2  ? 0.2029 0.2093 0.2260 0.0592  -0.0163 -0.0088 2   DG  A "O4'" 
27  C  "C3'" . DG  A 2  ? 0.2362 0.2655 0.2465 0.0509  -0.0026 -0.0229 2   DG  A "C3'" 
28  O  "O3'" . DG  A 2  ? 0.2667 0.2828 0.2462 0.0680  0.0103  -0.0367 2   DG  A "O3'" 
29  C  "C2'" . DG  A 2  ? 0.2109 0.2062 0.2220 0.0546  0.0045  -0.0199 2   DG  A "C2'" 
30  C  "C1'" . DG  A 2  ? 0.1949 0.2137 0.2215 0.0394  0.0032  0.0020  2   DG  A "C1'" 
31  N  N9    . DG  A 2  ? 0.1667 0.1968 0.1960 0.0158  -0.0075 0.0112  2   DG  A N9    
32  C  C8    . DG  A 2  ? 0.1745 0.2096 0.1698 0.0129  -0.0086 0.0092  2   DG  A C8    
33  N  N7    . DG  A 2  ? 0.1784 0.1851 0.1734 -0.0099 -0.0133 0.0172  2   DG  A N7    
34  C  C5    . DG  A 2  ? 0.1743 0.1701 0.1549 0.0052  -0.0004 0.0042  2   DG  A C5    
35  C  C6    . DG  A 2  ? 0.1850 0.1804 0.1557 0.0211  0.0043  -0.0019 2   DG  A C6    
36  O  O6    . DG  A 2  ? 0.1539 0.1607 0.1861 -0.0017 -0.0008 0.0152  2   DG  A O6    
37  N  N1    . DG  A 2  ? 0.1874 0.1881 0.1471 -0.0060 -0.0069 0.0054  2   DG  A N1    
38  C  C2    . DG  A 2  ? 0.2086 0.1820 0.1773 0.0053  -0.0107 -0.0094 2   DG  A C2    
39  N  N2    . DG  A 2  ? 0.2346 0.1510 0.1830 0.0116  -0.0005 -0.0047 2   DG  A N2    
40  N  N3    . DG  A 2  ? 0.1630 0.1717 0.1833 0.0127  -0.0190 -0.0045 2   DG  A N3    
41  C  C4    . DG  A 2  ? 0.1559 0.2044 0.1834 0.0182  -0.0066 0.0097  2   DG  A C4    
42  P  P     . DT  A 3  ? 0.3426 0.3326 0.2469 0.0978  0.0125  -0.0346 3   DT  A P     
43  O  OP1   . DT  A 3  ? 0.3757 0.3310 0.2956 0.0855  -0.0045 -0.0293 3   DT  A OP1   
44  O  OP2   . DT  A 3  ? 0.3556 0.3577 0.2653 0.1012  0.0254  -0.0365 3   DT  A OP2   
45  O  "O5'" . DT  A 3  ? 0.3622 0.3224 0.2762 0.0964  0.0253  -0.0206 3   DT  A "O5'" 
46  C  "C5'" . DT  A 3  ? 0.3290 0.3127 0.2901 0.0853  0.0059  -0.0193 3   DT  A "C5'" 
47  C  "C4'" . DT  A 3  ? 0.2843 0.2935 0.2701 0.0579  0.0024  -0.0333 3   DT  A "C4'" 
48  O  "O4'" . DT  A 3  ? 0.2035 0.2648 0.2434 0.0544  -0.0004 -0.0374 3   DT  A "O4'" 
49  C  "C3'" . DT  A 3  ? 0.2181 0.3011 0.2746 0.0115  -0.0191 -0.0299 3   DT  A "C3'" 
50  O  "O3'" . DT  A 3  ? 0.2923 0.3463 0.3279 0.0387  -0.0074 -0.0395 3   DT  A "O3'" 
51  C  "C2'" . DT  A 3  ? 0.1944 0.2657 0.2402 0.0164  -0.0159 -0.0538 3   DT  A "C2'" 
52  C  "C1'" . DT  A 3  ? 0.2232 0.2613 0.2386 0.0279  -0.0135 -0.0418 3   DT  A "C1'" 
53  N  N1    . DT  A 3  ? 0.2223 0.1986 0.1958 0.0270  0.0069  -0.0273 3   DT  A N1    
54  C  C2    . DT  A 3  ? 0.2198 0.1851 0.1836 0.0250  -0.0074 -0.0293 3   DT  A C2    
55  O  O2    . DT  A 3  ? 0.1941 0.2184 0.2033 0.0167  0.0136  0.0005  3   DT  A O2    
56  N  N3    . DT  A 3  ? 0.2171 0.2032 0.1764 0.0366  0.0100  -0.0198 3   DT  A N3    
57  C  C4    . DT  A 3  ? 0.2144 0.2024 0.1706 0.0112  0.0019  -0.0169 3   DT  A C4    
58  O  O4    . DT  A 3  ? 0.2576 0.2080 0.1768 0.0018  0.0071  -0.0161 3   DT  A O4    
59  C  C5    . DT  A 3  ? 0.2273 0.1842 0.1950 0.0135  -0.0017 -0.0170 3   DT  A C5    
60  C  C7    . DT  A 3  ? 0.2599 0.1889 0.2045 0.0068  0.0019  -0.0197 3   DT  A C7    
61  C  C6    . DT  A 3  ? 0.1965 0.1876 0.1889 0.0166  0.0060  -0.0223 3   DT  A C6    
62  P  P     . DT  A 4  ? 0.2630 0.3306 0.3366 0.0116  0.0057  -0.0179 4   DT  A P     
63  O  OP1   . DT  A 4  ? 0.2788 0.3848 0.3723 -0.0253 0.0340  0.0134  4   DT  A OP1   
64  O  OP2   . DT  A 4  ? 0.2814 0.3886 0.3884 -0.0094 -0.0084 -0.0035 4   DT  A OP2   
65  O  "O5'" . DT  A 4  ? 0.2793 0.3121 0.3176 -0.0181 -0.0025 -0.0226 4   DT  A "O5'" 
66  C  "C5'" . DT  A 4  ? 0.2628 0.2445 0.2709 -0.0137 0.0142  -0.0076 4   DT  A "C5'" 
67  C  "C4'" . DT  A 4  ? 0.2277 0.2192 0.2234 -0.0233 0.0187  -0.0129 4   DT  A "C4'" 
68  O  "O4'" . DT  A 4  ? 0.2366 0.2352 0.1964 -0.0116 0.0280  -0.0183 4   DT  A "O4'" 
69  C  "C3'" . DT  A 4  ? 0.2113 0.2282 0.2196 -0.0381 0.0196  0.0008  4   DT  A "C3'" 
70  O  "O3'" . DT  A 4  ? 0.2641 0.2331 0.2437 -0.0496 0.0262  0.0052  4   DT  A "O3'" 
71  C  "C2'" . DT  A 4  ? 0.1841 0.2668 0.1954 -0.0375 0.0136  -0.0020 4   DT  A "C2'" 
72  C  "C1'" . DT  A 4  ? 0.1825 0.2302 0.1921 -0.0211 0.0152  -0.0063 4   DT  A "C1'" 
73  N  N1    . DT  A 4  ? 0.1752 0.2116 0.1909 -0.0080 -0.0024 0.0011  4   DT  A N1    
74  C  C2    . DT  A 4  ? 0.1855 0.2036 0.1746 0.0098  0.0230  0.0053  4   DT  A C2    
75  O  O2    . DT  A 4  ? 0.2185 0.2299 0.1986 0.0476  0.0282  0.0111  4   DT  A O2    
76  N  N3    . DT  A 4  ? 0.1873 0.2061 0.1661 0.0119  0.0138  -0.0066 4   DT  A N3    
77  C  C4    . DT  A 4  ? 0.1942 0.1976 0.1739 -0.0022 0.0073  -0.0094 4   DT  A C4    
78  O  O4    . DT  A 4  ? 0.1998 0.2019 0.1990 -0.0130 0.0030  0.0027  4   DT  A O4    
79  C  C5    . DT  A 4  ? 0.1667 0.1884 0.1945 -0.0052 0.0078  0.0034  4   DT  A C5    
80  C  C7    . DT  A 4  ? 0.1793 0.1977 0.2217 0.0032  0.0206  0.0197  4   DT  A C7    
81  C  C6    . DT  A 4  ? 0.1560 0.2095 0.1998 -0.0302 0.0010  0.0176  4   DT  A C6    
82  P  P     . DG  A 5  ? 0.2619 0.2821 0.2678 -0.0505 0.0395  -0.0078 5   DG  A P     
83  O  OP1   . DG  A 5  ? 0.2643 0.3147 0.2908 -0.0637 0.0490  0.0181  5   DG  A OP1   
84  O  OP2   . DG  A 5  ? 0.2476 0.3261 0.2660 -0.0556 0.0434  0.0132  5   DG  A OP2   
85  O  "O5'" . DG  A 5  ? 0.2455 0.2828 0.2895 -0.0720 0.0245  -0.0034 5   DG  A "O5'" 
86  C  "C5'" . DG  A 5  ? 0.2673 0.2453 0.2820 -0.0433 0.0369  -0.0156 5   DG  A "C5'" 
87  C  "C4'" . DG  A 5  ? 0.2472 0.2193 0.2501 -0.0012 0.0310  -0.0232 5   DG  A "C4'" 
88  O  "O4'" . DG  A 5  ? 0.2240 0.2309 0.2297 -0.0293 0.0143  -0.0158 5   DG  A "O4'" 
89  C  "C3'" . DG  A 5  ? 0.2357 0.2013 0.2682 -0.0176 0.0159  -0.0178 5   DG  A "C3'" 
90  O  "O3'" . DG  A 5  ? 0.2866 0.2204 0.2844 -0.0438 0.0285  -0.0224 5   DG  A "O3'" 
91  C  "C2'" . DG  A 5  ? 0.1783 0.2198 0.2527 -0.0366 0.0093  0.0038  5   DG  A "C2'" 
92  C  "C1'" . DG  A 5  ? 0.1921 0.2213 0.2420 -0.0289 0.0030  0.0035  5   DG  A "C1'" 
93  N  N9    . DG  A 5  ? 0.1863 0.2196 0.2277 -0.0159 0.0087  0.0097  5   DG  A N9    
94  C  C8    . DG  A 5  ? 0.1812 0.2064 0.2076 0.0106  0.0083  -0.0020 5   DG  A C8    
95  N  N7    . DG  A 5  ? 0.1587 0.1872 0.1997 -0.0050 0.0028  0.0202  5   DG  A N7    
96  C  C5    . DG  A 5  ? 0.1554 0.1885 0.1972 -0.0108 -0.0132 0.0007  5   DG  A C5    
97  C  C6    . DG  A 5  ? 0.1694 0.1987 0.1844 0.0058  -0.0136 -0.0075 5   DG  A C6    
98  O  O6    . DG  A 5  ? 0.1735 0.2009 0.1765 0.0138  -0.0018 -0.0148 5   DG  A O6    
99  N  N1    . DG  A 5  ? 0.1700 0.1550 0.1782 0.0032  0.0106  -0.0046 5   DG  A N1    
100 C  C2    . DG  A 5  ? 0.1775 0.1703 0.1899 -0.0119 0.0078  0.0047  5   DG  A C2    
101 N  N2    . DG  A 5  ? 0.1516 0.1776 0.1766 -0.0006 0.0314  0.0027  5   DG  A N2    
102 N  N3    . DG  A 5  ? 0.1818 0.1740 0.1991 -0.0184 0.0163  0.0062  5   DG  A N3    
103 C  C4    . DG  A 5  ? 0.1950 0.1948 0.2052 -0.0060 0.0045  -0.0016 5   DG  A C4    
104 P  P     . DG  A 6  ? 0.3090 0.2485 0.3030 -0.0526 0.0464  -0.0267 6   DG  A P     
105 O  OP1   . DG  A 6  ? 0.4024 0.2709 0.3485 -0.0512 0.0468  -0.0065 6   DG  A OP1   
106 O  OP2   . DG  A 6  ? 0.3026 0.2825 0.3312 -0.0366 0.0011  -0.0323 6   DG  A OP2   
107 O  "O5'" . DG  A 6  ? 0.2528 0.2462 0.2971 -0.0444 0.0317  -0.0113 6   DG  A "O5'" 
108 C  "C5'" . DG  A 6  ? 0.2500 0.2471 0.2884 -0.0388 0.0391  -0.0017 6   DG  A "C5'" 
109 C  "C4'" . DG  A 6  ? 0.2300 0.2093 0.2763 -0.0202 0.0331  -0.0093 6   DG  A "C4'" 
110 O  "O4'" . DG  A 6  ? 0.2430 0.1953 0.2607 0.0055  0.0422  -0.0112 6   DG  A "O4'" 
111 C  "C3'" . DG  A 6  ? 0.2811 0.2044 0.2933 0.0178  0.0276  -0.0204 6   DG  A "C3'" 
112 O  "O3'" . DG  A 6  ? 0.3215 0.2340 0.3180 0.0407  0.0342  -0.0291 6   DG  A "O3'" 
113 C  "C2'" . DG  A 6  ? 0.2545 0.1912 0.2598 0.0079  0.0242  -0.0292 6   DG  A "C2'" 
114 C  "C1'" . DG  A 6  ? 0.2527 0.1795 0.2458 0.0201  0.0291  -0.0170 6   DG  A "C1'" 
115 N  N9    . DG  A 6  ? 0.1995 0.1694 0.2328 0.0002  0.0149  -0.0079 6   DG  A N9    
116 C  C8    . DG  A 6  ? 0.1936 0.2042 0.2284 -0.0103 0.0066  0.0065  6   DG  A C8    
117 N  N7    . DG  A 6  ? 0.1477 0.1929 0.1878 -0.0013 0.0215  0.0027  6   DG  A N7    
118 C  C5    . DG  A 6  ? 0.1536 0.1848 0.2058 0.0002  0.0189  -0.0013 6   DG  A C5    
119 C  C6    . DG  A 6  ? 0.1767 0.1808 0.1864 0.0162  0.0227  -0.0016 6   DG  A C6    
120 O  O6    . DG  A 6  ? 0.1633 0.1726 0.2021 0.0010  0.0038  0.0033  6   DG  A O6    
121 N  N1    . DG  A 6  ? 0.1732 0.1849 0.1871 0.0162  0.0052  0.0009  6   DG  A N1    
122 C  C2    . DG  A 6  ? 0.1535 0.1957 0.2366 0.0022  -0.0050 0.0382  6   DG  A C2    
123 N  N2    . DG  A 6  ? 0.1638 0.2263 0.2480 0.0224  -0.0183 0.0277  6   DG  A N2    
124 N  N3    . DG  A 6  ? 0.1630 0.1939 0.2133 0.0111  0.0123  0.0096  6   DG  A N3    
125 C  C4    . DG  A 6  ? 0.1607 0.1714 0.2075 0.0049  0.0126  0.0010  6   DG  A C4    
126 P  P     . DT  A 7  ? 0.4185 0.3039 0.3748 0.0505  0.0465  -0.0406 7   DT  A P     
127 O  OP1   . DT  A 7  ? 0.4599 0.3560 0.4096 0.0315  0.0449  -0.0241 7   DT  A OP1   
128 O  OP2   . DT  A 7  ? 0.3861 0.3357 0.3529 0.0237  -0.0025 -0.0927 7   DT  A OP2   
129 O  "O5'" . DT  A 7  ? 0.3707 0.2790 0.3308 0.0598  0.0434  -0.0347 7   DT  A "O5'" 
130 C  "C5'" . DT  A 7  ? 0.2957 0.2410 0.2988 0.0286  0.0172  -0.0001 7   DT  A "C5'" 
131 C  "C4'" . DT  A 7  ? 0.2434 0.2078 0.2457 0.0491  0.0249  -0.0091 7   DT  A "C4'" 
132 O  "O4'" . DT  A 7  ? 0.2674 0.2326 0.2265 0.0342  0.0111  -0.0274 7   DT  A "O4'" 
133 C  "C3'" . DT  A 7  ? 0.2455 0.2372 0.2562 0.0267  0.0206  0.0039  7   DT  A "C3'" 
134 O  "O3'" . DT  A 7  ? 0.2745 0.2290 0.2384 0.0515  0.0183  -0.0108 7   DT  A "O3'" 
135 C  "C2'" . DT  A 7  ? 0.2383 0.1975 0.2200 0.0594  0.0192  -0.0177 7   DT  A "C2'" 
136 C  "C1'" . DT  A 7  ? 0.2744 0.2367 0.2421 0.0552  0.0072  -0.0169 7   DT  A "C1'" 
137 N  N1    . DT  A 7  ? 0.2544 0.2205 0.2211 0.0536  0.0124  -0.0003 7   DT  A N1    
138 C  C2    . DT  A 7  ? 0.2860 0.2500 0.2597 0.0476  0.0071  0.0191  7   DT  A C2    
139 O  O2    . DT  A 7  ? 0.2701 0.3075 0.3208 0.0124  -0.0054 0.0630  7   DT  A O2    
140 N  N3    . DT  A 7  ? 0.2629 0.2090 0.2442 0.0452  0.0179  0.0241  7   DT  A N3    
141 C  C4    . DT  A 7  ? 0.2644 0.2434 0.2404 0.0535  0.0134  0.0220  7   DT  A C4    
142 O  O4    . DT  A 7  ? 0.2726 0.2702 0.2542 0.0625  -0.0167 0.0452  7   DT  A O4    
143 C  C5    . DT  A 7  ? 0.2386 0.2266 0.2174 0.0590  0.0175  0.0089  7   DT  A C5    
144 C  C7    . DT  A 7  ? 0.2338 0.2488 0.2732 0.0540  0.0176  0.0278  7   DT  A C7    
145 C  C6    . DT  A 7  ? 0.2846 0.2502 0.2234 0.0412  0.0206  0.0040  7   DT  A C6    
146 P  P     . DG  A 8  ? 0.2754 0.2560 0.2719 0.0217  -0.0037 -0.0015 8   DG  A P     
147 O  OP1   . DG  A 8  ? 0.3320 0.3087 0.2631 -0.0081 0.0231  0.0013  8   DG  A OP1   
148 O  OP2   . DG  A 8  ? 0.2856 0.2966 0.3409 -0.0009 -0.0438 0.0169  8   DG  A OP2   
149 O  "O5'" . DG  A 8  ? 0.2075 0.2370 0.2639 0.0431  -0.0219 -0.0195 8   DG  A "O5'" 
150 C  "C5'" . DG  A 8  ? 0.2096 0.2430 0.2515 0.0393  -0.0037 0.0033  8   DG  A "C5'" 
151 C  "C4'" . DG  A 8  ? 0.2006 0.2521 0.2521 0.0119  0.0071  0.0180  8   DG  A "C4'" 
152 O  "O4'" . DG  A 8  ? 0.1861 0.2639 0.2567 0.0353  0.0052  0.0238  8   DG  A "O4'" 
153 C  "C3'" . DG  A 8  ? 0.1728 0.2570 0.2407 0.0019  0.0025  0.0183  8   DG  A "C3'" 
154 O  "O3'" . DG  A 8  ? 0.2168 0.2484 0.2542 0.0168  0.0114  0.0046  8   DG  A "O3'" 
155 C  "C2'" . DG  A 8  ? 0.1674 0.2544 0.2420 0.0203  0.0021  0.0285  8   DG  A "C2'" 
156 C  "C1'" . DG  A 8  ? 0.1652 0.2340 0.2546 0.0397  0.0004  0.0262  8   DG  A "C1'" 
157 N  N9    . DG  A 8  ? 0.1698 0.1911 0.2424 0.0001  0.0032  0.0285  8   DG  A N9    
158 C  C8    . DG  A 8  ? 0.2051 0.2315 0.2597 0.0012  -0.0153 0.0056  8   DG  A C8    
159 N  N7    . DG  A 8  ? 0.2229 0.2194 0.2630 -0.0094 -0.0203 -0.0034 8   DG  A N7    
160 C  C5    . DG  A 8  ? 0.1806 0.1968 0.2359 0.0115  -0.0084 0.0111  8   DG  A C5    
161 C  C6    . DG  A 8  ? 0.1936 0.2076 0.2266 0.0079  -0.0057 0.0049  8   DG  A C6    
162 O  O6    . DG  A 8  ? 0.1978 0.2250 0.2618 -0.0023 -0.0261 0.0035  8   DG  A O6    
163 N  N1    . DG  A 8  ? 0.1915 0.1776 0.1897 -0.0106 0.0014  0.0033  8   DG  A N1    
164 C  C2    . DG  A 8  ? 0.1957 0.1752 0.1775 0.0128  -0.0004 0.0053  8   DG  A C2    
165 N  N2    . DG  A 8  ? 0.2077 0.1653 0.1650 0.0151  -0.0028 0.0002  8   DG  A N2    
166 N  N3    . DG  A 8  ? 0.1731 0.1884 0.2083 0.0205  -0.0171 0.0021  8   DG  A N3    
167 C  C4    . DG  A 8  ? 0.1596 0.1810 0.2147 0.0053  -0.0086 0.0210  8   DG  A C4    
168 P  P     . DT  A 9  ? 0.2092 0.2331 0.2576 0.0034  -0.0024 0.0205  9   DT  A P     
169 O  OP1   . DT  A 9  ? 0.2023 0.2018 0.3113 0.0214  0.0124  0.0235  9   DT  A OP1   
170 O  OP2   . DT  A 9  ? 0.2869 0.2875 0.2893 0.0269  -0.0313 0.0357  9   DT  A OP2   
171 O  "O5'" . DT  A 9  ? 0.1980 0.2418 0.2429 0.0035  -0.0290 0.0176  9   DT  A "O5'" 
172 C  "C5'" . DT  A 9  ? 0.1920 0.2463 0.2218 0.0014  -0.0070 0.0347  9   DT  A "C5'" 
173 C  "C4'" . DT  A 9  ? 0.2165 0.2493 0.2310 0.0056  0.0064  0.0314  9   DT  A "C4'" 
174 O  "O4'" . DT  A 9  ? 0.1759 0.2512 0.2192 -0.0022 0.0061  0.0438  9   DT  A "O4'" 
175 C  "C3'" . DT  A 9  ? 0.1871 0.2697 0.2332 -0.0073 0.0040  0.0494  9   DT  A "C3'" 
176 O  "O3'" . DT  A 9  ? 0.1881 0.3075 0.2757 -0.0352 -0.0207 0.0718  9   DT  A "O3'" 
177 C  "C2'" . DT  A 9  ? 0.2122 0.2727 0.2127 -0.0004 0.0127  0.0337  9   DT  A "C2'" 
178 C  "C1'" . DT  A 9  ? 0.2009 0.2529 0.2219 -0.0094 0.0134  0.0497  9   DT  A "C1'" 
179 N  N1    . DT  A 9  ? 0.1878 0.1904 0.1969 -0.0072 0.0097  0.0328  9   DT  A N1    
180 C  C2    . DT  A 9  ? 0.2016 0.1928 0.1860 -0.0165 -0.0013 0.0240  9   DT  A C2    
181 O  O2    . DT  A 9  ? 0.2318 0.2338 0.2178 -0.0145 0.0031  0.0259  9   DT  A O2    
182 N  N3    . DT  A 9  ? 0.1846 0.2139 0.1615 -0.0201 0.0034  0.0156  9   DT  A N3    
183 C  C4    . DT  A 9  ? 0.1572 0.2174 0.1768 -0.0143 0.0001  0.0188  9   DT  A C4    
184 O  O4    . DT  A 9  ? 0.1681 0.2416 0.1938 -0.0226 0.0149  0.0226  9   DT  A O4    
185 C  C5    . DT  A 9  ? 0.1631 0.2036 0.1739 -0.0058 0.0026  0.0122  9   DT  A C5    
186 C  C7    . DT  A 9  ? 0.1662 0.2329 0.1885 -0.0177 -0.0055 0.0199  9   DT  A C7    
187 C  C6    . DT  A 9  ? 0.1922 0.2393 0.1828 0.0032  0.0230  0.0142  9   DT  A C6    
188 P  P     . DG  A 10 ? 0.1882 0.3401 0.2957 -0.0214 -0.0022 0.0856  10  DG  A P     
189 O  OP1   . DG  A 10 ? 0.2275 0.3873 0.2591 0.0222  0.0267  0.0619  10  DG  A OP1   
190 O  OP2   . DG  A 10 ? 0.2104 0.4003 0.3182 -0.0393 -0.0290 0.0914  10  DG  A OP2   
191 O  "O5'" . DG  A 10 ? 0.1964 0.3482 0.2904 0.0016  -0.0041 0.0985  10  DG  A "O5'" 
192 C  "C5'" . DG  A 10 ? 0.2206 0.3099 0.2950 0.0137  -0.0065 0.0897  10  DG  A "C5'" 
193 C  "C4'" . DG  A 10 ? 0.1982 0.3198 0.3185 0.0034  0.0038  0.0905  10  DG  A "C4'" 
194 O  "O4'" . DG  A 10 ? 0.1925 0.2642 0.2937 0.0287  0.0290  0.0602  10  DG  A "O4'" 
195 C  "C3'" . DG  A 10 ? 0.1985 0.3527 0.3021 0.0178  0.0163  0.0856  10  DG  A "C3'" 
196 O  "O3'" . DG  A 10 ? 0.2225 0.4207 0.3483 0.0114  0.0066  0.1117  10  DG  A "O3'" 
197 C  "C2'" . DG  A 10 ? 0.1835 0.3350 0.2894 0.0168  0.0138  0.0657  10  DG  A "C2'" 
198 C  "C1'" . DG  A 10 ? 0.1690 0.2834 0.2796 0.0151  0.0234  0.0558  10  DG  A "C1'" 
199 N  N9    . DG  A 10 ? 0.1425 0.2393 0.2541 0.0117  0.0203  0.0483  10  DG  A N9    
200 C  C8    . DG  A 10 ? 0.1898 0.2304 0.2461 0.0172  0.0125  0.0405  10  DG  A C8    
201 N  N7    . DG  A 10 ? 0.1762 0.2233 0.2269 0.0290  0.0097  0.0284  10  DG  A N7    
202 C  C5    . DG  A 10 ? 0.1487 0.2046 0.2091 0.0004  0.0089  0.0337  10  DG  A C5    
203 C  C6    . DG  A 10 ? 0.1410 0.2076 0.1914 -0.0057 0.0206  0.0380  10  DG  A C6    
204 O  O6    . DG  A 10 ? 0.1361 0.1896 0.1957 0.0001  0.0315  0.0358  10  DG  A O6    
205 N  N1    . DG  A 10 ? 0.1453 0.2140 0.1991 -0.0133 0.0218  0.0400  10  DG  A N1    
206 C  C2    . DG  A 10 ? 0.1502 0.2202 0.2328 -0.0159 0.0015  0.0456  10  DG  A C2    
207 N  N2    . DG  A 10 ? 0.1523 0.2338 0.2211 -0.0342 0.0025  0.0300  10  DG  A N2    
208 N  N3    . DG  A 10 ? 0.1365 0.2178 0.2463 0.0057  -0.0075 0.0542  10  DG  A N3    
209 C  C4    . DG  A 10 ? 0.1265 0.2026 0.2241 0.0158  0.0033  0.0460  10  DG  A C4    
210 P  P     . DG  A 11 ? 0.2321 0.4600 0.3815 0.0164  -0.0070 0.1177  11  DG  A P     
211 O  OP1   . DG  A 11 ? 0.2802 0.5017 0.4045 0.0578  -0.0041 0.1131  11  DG  A OP1   
212 O  OP2   . DG  A 11 ? 0.2840 0.4793 0.3966 0.0044  -0.0341 0.0969  11  DG  A OP2   
213 O  "O5'" . DG  A 11 ? 0.2187 0.3958 0.3603 0.0172  -0.0096 0.1114  11  DG  A "O5'" 
214 C  "C5'" . DG  A 11 ? 0.2108 0.3539 0.3240 0.0344  0.0010  0.0765  11  DG  A "C5'" 
215 C  "C4'" . DG  A 11 ? 0.2165 0.3035 0.3112 0.0414  0.0028  0.0707  11  DG  A "C4'" 
216 O  "O4'" . DG  A 11 ? 0.1990 0.2770 0.2970 0.0569  -0.0017 0.0510  11  DG  A "O4'" 
217 C  "C3'" . DG  A 11 ? 0.2153 0.2926 0.3306 0.0341  -0.0136 0.0812  11  DG  A "C3'" 
218 O  "O3'" . DG  A 11 ? 0.2191 0.3137 0.3340 0.0295  -0.0161 0.0954  11  DG  A "O3'" 
219 C  "C2'" . DG  A 11 ? 0.1992 0.2843 0.3125 0.0239  -0.0362 0.0622  11  DG  A "C2'" 
220 C  "C1'" . DG  A 11 ? 0.1960 0.2440 0.2691 0.0394  -0.0144 0.0450  11  DG  A "C1'" 
221 N  N9    . DG  A 11 ? 0.1924 0.2229 0.2476 0.0080  -0.0104 0.0389  11  DG  A N9    
222 C  C8    . DG  A 11 ? 0.1589 0.2393 0.2495 -0.0124 -0.0118 0.0566  11  DG  A C8    
223 N  N7    . DG  A 11 ? 0.1675 0.2323 0.2176 -0.0064 -0.0048 0.0356  11  DG  A N7    
224 C  C5    . DG  A 11 ? 0.1603 0.2081 0.1807 -0.0041 -0.0095 0.0277  11  DG  A C5    
225 C  C6    . DG  A 11 ? 0.1384 0.1359 0.1614 0.0231  -0.0140 0.0291  11  DG  A C6    
226 O  O6    . DG  A 11 ? 0.1912 0.1501 0.1844 0.0055  -0.0055 0.0188  11  DG  A O6    
227 N  N1    . DG  A 11 ? 0.1418 0.1543 0.1752 0.0182  -0.0097 0.0290  11  DG  A N1    
228 C  C2    . DG  A 11 ? 0.1679 0.2110 0.1781 0.0167  -0.0060 0.0454  11  DG  A C2    
229 N  N2    . DG  A 11 ? 0.2264 0.1889 0.1883 0.0421  -0.0023 0.0400  11  DG  A N2    
230 N  N3    . DG  A 11 ? 0.1975 0.2195 0.1849 0.0329  -0.0039 0.0357  11  DG  A N3    
231 C  C4    . DG  A 11 ? 0.1749 0.2208 0.1922 0.0052  -0.0024 0.0321  11  DG  A C4    
232 P  P     . DT  A 12 ? 0.2540 0.3690 0.3233 0.0401  -0.0339 0.0821  12  DT  A P     
233 O  OP1   . DT  A 12 ? 0.3076 0.3478 0.3363 0.0301  -0.0124 0.0857  12  DT  A OP1   
234 O  OP2   . DT  A 12 ? 0.2658 0.4299 0.3494 0.0367  -0.0343 0.0992  12  DT  A OP2   
235 O  "O5'" . DT  A 12 ? 0.2530 0.3523 0.2913 0.0142  -0.0157 0.0620  12  DT  A "O5'" 
236 C  "C5'" . DT  A 12 ? 0.2241 0.3003 0.2578 -0.0042 0.0032  0.0515  12  DT  A "C5'" 
237 C  "C4'" . DT  A 12 ? 0.2606 0.2705 0.2648 0.0090  -0.0041 0.0500  12  DT  A "C4'" 
238 O  "O4'" . DT  A 12 ? 0.2131 0.2579 0.2631 -0.0025 -0.0200 0.0484  12  DT  A "O4'" 
239 C  "C3'" . DT  A 12 ? 0.2190 0.2843 0.2764 -0.0074 -0.0260 0.0609  12  DT  A "C3'" 
240 O  "O3'" . DT  A 12 ? 0.2390 0.3464 0.3269 -0.0244 -0.0402 0.0763  12  DT  A "O3'" 
241 C  "C2'" . DT  A 12 ? 0.1839 0.2660 0.2410 -0.0240 -0.0087 0.0578  12  DT  A "C2'" 
242 C  "C1'" . DT  A 12 ? 0.1786 0.2448 0.2442 -0.0073 -0.0067 0.0568  12  DT  A "C1'" 
243 N  N1    . DT  A 12 ? 0.1902 0.2099 0.2113 0.0107  0.0122  0.0323  12  DT  A N1    
244 C  C2    . DT  A 12 ? 0.1777 0.1792 0.2021 -0.0001 -0.0088 0.0323  12  DT  A C2    
245 O  O2    . DT  A 12 ? 0.1960 0.2034 0.2479 -0.0063 -0.0230 0.0394  12  DT  A O2    
246 N  N3    . DT  A 12 ? 0.1941 0.1942 0.1842 -0.0164 -0.0116 0.0189  12  DT  A N3    
247 C  C4    . DT  A 12 ? 0.1788 0.2040 0.1766 -0.0018 0.0091  0.0166  12  DT  A C4    
248 O  O4    . DT  A 12 ? 0.2111 0.2272 0.1922 0.0058  0.0161  0.0023  12  DT  A O4    
249 C  C5    . DT  A 12 ? 0.1706 0.2062 0.1834 0.0108  0.0123  0.0180  12  DT  A C5    
250 C  C7    . DT  A 12 ? 0.2040 0.2132 0.2083 0.0436  0.0120  0.0225  12  DT  A C7    
251 C  C6    . DT  A 12 ? 0.1862 0.2138 0.1972 0.0075  0.0115  0.0287  12  DT  A C6    
252 P  P     . DT  A 13 ? 0.2423 0.3561 0.3762 -0.0376 -0.0502 0.0855  13  DT  A P     
253 O  OP1   . DT  A 13 ? 0.2890 0.4275 0.4279 -0.0575 -0.0686 0.0965  13  DT  A OP1   
254 O  OP2   . DT  A 13 ? 0.2800 0.3627 0.3622 -0.0268 -0.0211 0.0680  13  DT  A OP2   
255 O  "O5'" . DT  A 13 ? 0.2285 0.3003 0.3349 -0.0220 -0.0511 0.0797  13  DT  A "O5'" 
256 C  "C5'" . DT  A 13 ? 0.2298 0.2833 0.2967 -0.0014 -0.0454 0.0533  13  DT  A "C5'" 
257 C  "C4'" . DT  A 13 ? 0.1986 0.2423 0.2370 -0.0230 -0.0277 0.0445  13  DT  A "C4'" 
258 O  "O4'" . DT  A 13 ? 0.2160 0.2581 0.2136 -0.0440 -0.0144 0.0298  13  DT  A "O4'" 
259 C  "C3'" . DT  A 13 ? 0.2440 0.2754 0.2706 -0.0339 -0.0314 0.0427  13  DT  A "C3'" 
260 O  "O3'" . DT  A 13 ? 0.2384 0.2728 0.2867 -0.0710 -0.0565 0.0709  13  DT  A "O3'" 
261 C  "C2'" . DT  A 13 ? 0.2101 0.2713 0.2510 -0.0600 -0.0373 0.0253  13  DT  A "C2'" 
262 C  "C1'" . DT  A 13 ? 0.2038 0.2499 0.2120 -0.0554 -0.0149 0.0289  13  DT  A "C1'" 
263 N  N1    . DT  A 13 ? 0.1571 0.2265 0.1861 -0.0355 -0.0077 0.0227  13  DT  A N1    
264 C  C2    . DT  A 13 ? 0.1408 0.2340 0.1924 -0.0364 -0.0222 0.0218  13  DT  A C2    
265 O  O2    . DT  A 13 ? 0.1550 0.2515 0.2136 -0.0389 -0.0297 0.0478  13  DT  A O2    
266 N  N3    . DT  A 13 ? 0.1460 0.2403 0.1795 -0.0399 -0.0138 0.0087  13  DT  A N3    
267 C  C4    . DT  A 13 ? 0.1575 0.2412 0.1940 -0.0177 -0.0160 -0.0048 13  DT  A C4    
268 O  O4    . DT  A 13 ? 0.1811 0.2462 0.2222 -0.0241 -0.0299 0.0082  13  DT  A O4    
269 C  C5    . DT  A 13 ? 0.1439 0.2069 0.1963 -0.0224 -0.0195 0.0084  13  DT  A C5    
270 C  C7    . DT  A 13 ? 0.1654 0.2173 0.2304 0.0065  -0.0158 0.0094  13  DT  A C7    
271 C  C6    . DT  A 13 ? 0.1566 0.2213 0.1906 -0.0533 -0.0141 0.0132  13  DT  A C6    
272 P  P     . DG  A 14 ? 0.2785 0.3114 0.2954 -0.0886 -0.0654 0.0547  14  DG  A P     
273 O  OP1   . DG  A 14 ? 0.2701 0.3167 0.3175 -0.0927 -0.0759 0.0740  14  DG  A OP1   
274 O  OP2   . DG  A 14 ? 0.2965 0.3223 0.2949 -0.0697 -0.0210 0.0662  14  DG  A OP2   
275 O  "O5'" . DG  A 14 ? 0.2506 0.2800 0.2938 -0.0847 -0.0626 0.0582  14  DG  A "O5'" 
276 C  "C5'" . DG  A 14 ? 0.2466 0.2590 0.2709 -0.0700 -0.0542 0.0568  14  DG  A "C5'" 
277 C  "C4'" . DG  A 14 ? 0.2416 0.2657 0.2456 -0.0624 -0.0425 0.0522  14  DG  A "C4'" 
278 O  "O4'" . DG  A 14 ? 0.2244 0.2646 0.2257 -0.0574 -0.0468 0.0243  14  DG  A "O4'" 
279 C  "C3'" . DG  A 14 ? 0.2450 0.2645 0.2400 -0.0568 -0.0309 0.0510  14  DG  A "C3'" 
280 O  "O3'" . DG  A 14 ? 0.2650 0.2366 0.2501 -0.0584 -0.0425 0.0557  14  DG  A "O3'" 
281 C  "C2'" . DG  A 14 ? 0.2040 0.2428 0.2196 -0.0689 -0.0324 0.0365  14  DG  A "C2'" 
282 C  "C1'" . DG  A 14 ? 0.2116 0.2315 0.2044 -0.0622 -0.0348 0.0330  14  DG  A "C1'" 
283 N  N9    . DG  A 14 ? 0.1976 0.1985 0.1967 -0.0368 -0.0337 0.0123  14  DG  A N9    
284 C  C8    . DG  A 14 ? 0.2215 0.2151 0.2151 -0.0184 -0.0338 0.0130  14  DG  A C8    
285 N  N7    . DG  A 14 ? 0.2085 0.1648 0.2075 -0.0036 -0.0238 0.0194  14  DG  A N7    
286 C  C5    . DG  A 14 ? 0.1881 0.1676 0.1851 -0.0145 -0.0151 0.0330  14  DG  A C5    
287 C  C6    . DG  A 14 ? 0.1682 0.1727 0.1768 -0.0313 -0.0116 0.0225  14  DG  A C6    
288 O  O6    . DG  A 14 ? 0.1635 0.1558 0.1716 -0.0322 -0.0225 0.0036  14  DG  A O6    
289 N  N1    . DG  A 14 ? 0.1682 0.1810 0.1732 -0.0250 -0.0132 0.0150  14  DG  A N1    
290 C  C2    . DG  A 14 ? 0.1641 0.2163 0.1942 -0.0247 -0.0278 0.0218  14  DG  A C2    
291 N  N2    . DG  A 14 ? 0.1469 0.2285 0.1949 -0.0239 -0.0359 0.0082  14  DG  A N2    
292 N  N3    . DG  A 14 ? 0.1490 0.1770 0.1866 -0.0182 -0.0189 0.0274  14  DG  A N3    
293 C  C4    . DG  A 14 ? 0.1827 0.1937 0.1942 -0.0184 -0.0263 0.0255  14  DG  A C4    
294 P  P     . DG  A 15 ? 0.2818 0.3270 0.3154 -0.0763 -0.0498 0.0953  15  DG  A P     
295 O  OP1   . DG  A 15 ? 0.3252 0.3504 0.3458 -0.1002 -0.1010 0.0967  15  DG  A OP1   
296 O  OP2   . DG  A 15 ? 0.2809 0.3817 0.3335 -0.0663 -0.0290 0.1180  15  DG  A OP2   
297 O  "O5'" . DG  A 15 ? 0.2670 0.3075 0.2834 -0.0723 -0.0498 0.0881  15  DG  A "O5'" 
298 C  "C5'" . DG  A 15 ? 0.2603 0.2640 0.2711 -0.0725 -0.0530 0.0643  15  DG  A "C5'" 
299 C  "C4'" . DG  A 15 ? 0.2667 0.2366 0.2353 -0.0272 -0.0400 0.0504  15  DG  A "C4'" 
300 O  "O4'" . DG  A 15 ? 0.2554 0.2005 0.2272 -0.0320 -0.0260 0.0149  15  DG  A "O4'" 
301 C  "C3'" . DG  A 15 ? 0.3132 0.2223 0.2416 -0.0177 -0.0315 0.0549  15  DG  A "C3'" 
302 O  "O3'" . DG  A 15 ? 0.3558 0.2672 0.2941 -0.0221 -0.0380 0.0721  15  DG  A "O3'" 
303 C  "C2'" . DG  A 15 ? 0.2776 0.2086 0.2306 -0.0114 -0.0129 0.0509  15  DG  A "C2'" 
304 C  "C1'" . DG  A 15 ? 0.2237 0.1914 0.1969 -0.0221 -0.0172 0.0239  15  DG  A "C1'" 
305 N  N9    . DG  A 15 ? 0.1818 0.2101 0.2065 -0.0062 -0.0301 0.0143  15  DG  A N9    
306 C  C8    . DG  A 15 ? 0.2199 0.2076 0.1951 -0.0284 -0.0287 0.0150  15  DG  A C8    
307 N  N7    . DG  A 15 ? 0.1640 0.1915 0.1951 -0.0401 -0.0179 0.0307  15  DG  A N7    
308 C  C5    . DG  A 15 ? 0.1634 0.1737 0.1877 -0.0151 -0.0090 0.0165  15  DG  A C5    
309 C  C6    . DG  A 15 ? 0.1451 0.1525 0.1782 -0.0025 -0.0079 0.0279  15  DG  A C6    
310 O  O6    . DG  A 15 ? 0.1889 0.1548 0.1584 0.0307  0.0067  0.0087  15  DG  A O6    
311 N  N1    . DG  A 15 ? 0.1696 0.1751 0.1931 -0.0058 -0.0269 0.0316  15  DG  A N1    
312 C  C2    . DG  A 15 ? 0.1663 0.1479 0.1631 -0.0159 -0.0108 0.0273  15  DG  A C2    
313 N  N2    . DG  A 15 ? 0.1772 0.1809 0.2106 0.0044  0.0047  0.0275  15  DG  A N2    
314 N  N3    . DG  A 15 ? 0.1740 0.1886 0.1905 -0.0180 -0.0162 0.0277  15  DG  A N3    
315 C  C4    . DG  A 15 ? 0.1668 0.1846 0.1685 -0.0129 -0.0172 0.0144  15  DG  A C4    
316 O  "O5'" . DG  B 1  ? 0.3296 0.2303 0.2211 0.0305  0.0266  -0.0054 1   DG  B "O5'" 
317 C  "C5'" . DG  B 1  ? 0.2715 0.2138 0.2281 0.0311  0.0325  0.0058  1   DG  B "C5'" 
318 C  "C4'" . DG  B 1  ? 0.2395 0.2044 0.2135 0.0141  0.0204  0.0120  1   DG  B "C4'" 
319 O  "O4'" . DG  B 1  ? 0.2193 0.2087 0.1869 0.0097  0.0126  0.0105  1   DG  B "O4'" 
320 C  "C3'" . DG  B 1  ? 0.2257 0.1925 0.2088 -0.0002 0.0182  0.0052  1   DG  B "C3'" 
321 O  "O3'" . DG  B 1  ? 0.2525 0.1873 0.2117 -0.0080 0.0142  -0.0169 1   DG  B "O3'" 
322 C  "C2'" . DG  B 1  ? 0.1767 0.2047 0.2054 -0.0437 -0.0152 0.0120  1   DG  B "C2'" 
323 C  "C1'" . DG  B 1  ? 0.2122 0.1806 0.1911 -0.0105 0.0068  0.0107  1   DG  B "C1'" 
324 N  N9    . DG  B 1  ? 0.1884 0.1338 0.1871 -0.0064 0.0077  -0.0002 1   DG  B N9    
325 C  C8    . DG  B 1  ? 0.1769 0.1673 0.1819 -0.0125 0.0050  0.0214  1   DG  B C8    
326 N  N7    . DG  B 1  ? 0.1811 0.1698 0.1729 0.0155  -0.0079 0.0101  1   DG  B N7    
327 C  C5    . DG  B 1  ? 0.1685 0.1707 0.1656 0.0041  -0.0030 0.0191  1   DG  B C5    
328 C  C6    . DG  B 1  ? 0.1785 0.1466 0.1826 -0.0047 -0.0095 0.0301  1   DG  B C6    
329 O  O6    . DG  B 1  ? 0.1884 0.1772 0.1876 0.0090  -0.0115 0.0067  1   DG  B O6    
330 N  N1    . DG  B 1  ? 0.1606 0.1758 0.1689 -0.0128 -0.0041 0.0131  1   DG  B N1    
331 C  C2    . DG  B 1  ? 0.1597 0.1971 0.1826 -0.0295 -0.0072 0.0315  1   DG  B C2    
332 N  N2    . DG  B 1  ? 0.1772 0.1606 0.1713 -0.0056 0.0004  0.0023  1   DG  B N2    
333 N  N3    . DG  B 1  ? 0.1735 0.1649 0.1730 0.0020  -0.0112 0.0044  1   DG  B N3    
334 C  C4    . DG  B 1  ? 0.1698 0.1667 0.1742 0.0126  0.0054  0.0093  1   DG  B C4    
335 P  P     . DG  B 2  ? 0.2648 0.2097 0.2156 -0.0038 0.0120  -0.0064 2   DG  B P     
336 O  OP1   . DG  B 2  ? 0.3538 0.2055 0.2362 0.0328  0.0352  0.0077  2   DG  B OP1   
337 O  OP2   . DG  B 2  ? 0.2877 0.2064 0.2504 -0.0145 -0.0024 -0.0091 2   DG  B OP2   
338 O  "O5'" . DG  B 2  ? 0.2785 0.2352 0.2393 0.0039  0.0041  -0.0055 2   DG  B "O5'" 
339 C  "C5'" . DG  B 2  ? 0.2966 0.2165 0.2478 0.0071  0.0151  0.0154  2   DG  B "C5'" 
340 C  "C4'" . DG  B 2  ? 0.2876 0.1970 0.2232 0.0110  0.0185  0.0032  2   DG  B "C4'" 
341 O  "O4'" . DG  B 2  ? 0.2647 0.1684 0.1991 0.0125  0.0222  0.0141  2   DG  B "O4'" 
342 C  "C3'" . DG  B 2  ? 0.2441 0.1939 0.1811 0.0215  0.0144  -0.0112 2   DG  B "C3'" 
343 O  "O3'" . DG  B 2  ? 0.2296 0.2250 0.2022 0.0159  0.0212  -0.0127 2   DG  B "O3'" 
344 C  "C2'" . DG  B 2  ? 0.2389 0.1914 0.1830 0.0021  0.0059  -0.0025 2   DG  B "C2'" 
345 C  "C1'" . DG  B 2  ? 0.2327 0.1893 0.1821 -0.0098 0.0100  0.0128  2   DG  B "C1'" 
346 N  N9    . DG  B 2  ? 0.2127 0.1719 0.1501 0.0017  -0.0096 -0.0052 2   DG  B N9    
347 C  C8    . DG  B 2  ? 0.1950 0.1868 0.1450 0.0057  -0.0023 -0.0031 2   DG  B C8    
348 N  N7    . DG  B 2  ? 0.1801 0.1844 0.1523 0.0070  -0.0040 0.0006  2   DG  B N7    
349 C  C5    . DG  B 2  ? 0.1917 0.1916 0.1488 0.0153  -0.0015 -0.0054 2   DG  B C5    
350 C  C6    . DG  B 2  ? 0.1633 0.1703 0.1624 0.0073  -0.0137 0.0028  2   DG  B C6    
351 O  O6    . DG  B 2  ? 0.1580 0.1698 0.1940 -0.0061 -0.0304 0.0050  2   DG  B O6    
352 N  N1    . DG  B 2  ? 0.1689 0.1817 0.1662 0.0126  -0.0074 0.0011  2   DG  B N1    
353 C  C2    . DG  B 2  ? 0.1697 0.1866 0.1498 -0.0142 -0.0136 -0.0079 2   DG  B C2    
354 N  N2    . DG  B 2  ? 0.1709 0.2267 0.1556 -0.0107 -0.0129 0.0019  2   DG  B N2    
355 N  N3    . DG  B 2  ? 0.1947 0.1783 0.1560 -0.0033 -0.0060 -0.0027 2   DG  B N3    
356 C  C4    . DG  B 2  ? 0.1907 0.1795 0.1512 0.0096  0.0056  -0.0027 2   DG  B C4    
357 P  P     . DT  B 3  ? 0.2733 0.2538 0.1873 0.0319  0.0202  0.0006  3   DT  B P     
358 O  OP1   . DT  B 3  ? 0.3112 0.2995 0.2500 0.0181  0.0343  0.0281  3   DT  B OP1   
359 O  OP2   . DT  B 3  ? 0.3347 0.2376 0.2319 0.0105  0.0226  0.0200  3   DT  B OP2   
360 O  "O5'" . DT  B 3  ? 0.2728 0.2131 0.2034 0.0137  0.0198  0.0143  3   DT  B "O5'" 
361 C  "C5'" . DT  B 3  ? 0.2529 0.2069 0.2237 -0.0050 0.0336  0.0354  3   DT  B "C5'" 
362 C  "C4'" . DT  B 3  ? 0.1985 0.2027 0.2185 0.0163  0.0174  0.0021  3   DT  B "C4'" 
363 O  "O4'" . DT  B 3  ? 0.1978 0.1894 0.2509 0.0175  0.0073  0.0182  3   DT  B "O4'" 
364 C  "C3'" . DT  B 3  ? 0.2093 0.2070 0.2378 0.0129  0.0150  0.0032  3   DT  B "C3'" 
365 O  "O3'" . DT  B 3  ? 0.2318 0.1996 0.2631 0.0003  0.0149  0.0060  3   DT  B "O3'" 
366 C  "C2'" . DT  B 3  ? 0.2280 0.1975 0.2069 0.0220  0.0319  -0.0061 3   DT  B "C2'" 
367 C  "C1'" . DT  B 3  ? 0.2133 0.1650 0.2218 0.0261  0.0188  0.0032  3   DT  B "C1'" 
368 N  N1    . DT  B 3  ? 0.1817 0.1992 0.1995 0.0149  0.0096  0.0172  3   DT  B N1    
369 C  C2    . DT  B 3  ? 0.2232 0.2001 0.1963 0.0223  0.0227  0.0159  3   DT  B C2    
370 O  O2    . DT  B 3  ? 0.2101 0.2150 0.1975 0.0027  0.0033  -0.0065 3   DT  B O2    
371 N  N3    . DT  B 3  ? 0.1723 0.2149 0.2045 0.0012  0.0129  0.0302  3   DT  B N3    
372 C  C4    . DT  B 3  ? 0.1605 0.2038 0.1911 -0.0067 0.0126  0.0429  3   DT  B C4    
373 O  O4    . DT  B 3  ? 0.1897 0.2312 0.2191 -0.0075 -0.0013 0.0505  3   DT  B O4    
374 C  C5    . DT  B 3  ? 0.1718 0.1926 0.2106 0.0113  0.0096  0.0295  3   DT  B C5    
375 C  C7    . DT  B 3  ? 0.1975 0.2268 0.2358 0.0228  -0.0146 0.0285  3   DT  B C7    
376 C  C6    . DT  B 3  ? 0.1971 0.2184 0.2003 0.0027  0.0300  0.0214  3   DT  B C6    
377 P  P     . DT  B 4  ? 0.2345 0.2262 0.2763 -0.0119 -0.0015 0.0080  4   DT  B P     
378 O  OP1   . DT  B 4  ? 0.2691 0.2633 0.3055 -0.0462 -0.0327 -0.0162 4   DT  B OP1   
379 O  OP2   . DT  B 4  ? 0.2668 0.2301 0.2839 -0.0143 -0.0174 0.0326  4   DT  B OP2   
380 O  "O5'" . DT  B 4  ? 0.2301 0.2287 0.2425 -0.0172 -0.0125 0.0031  4   DT  B "O5'" 
381 C  "C5'" . DT  B 4  ? 0.2164 0.2252 0.2517 0.0031  -0.0058 -0.0068 4   DT  B "C5'" 
382 C  "C4'" . DT  B 4  ? 0.1725 0.2387 0.2121 -0.0295 0.0207  -0.0100 4   DT  B "C4'" 
383 O  "O4'" . DT  B 4  ? 0.1889 0.2464 0.1855 -0.0199 0.0297  -0.0245 4   DT  B "O4'" 
384 C  "C3'" . DT  B 4  ? 0.1792 0.1982 0.2062 -0.0348 0.0232  -0.0091 4   DT  B "C3'" 
385 O  "O3'" . DT  B 4  ? 0.1968 0.2409 0.2576 -0.0161 0.0271  0.0113  4   DT  B "O3'" 
386 C  "C2'" . DT  B 4  ? 0.1861 0.2000 0.1999 -0.0509 0.0271  0.0075  4   DT  B "C2'" 
387 C  "C1'" . DT  B 4  ? 0.1739 0.1769 0.1740 -0.0311 0.0180  -0.0272 4   DT  B "C1'" 
388 N  N1    . DT  B 4  ? 0.1857 0.1734 0.1921 -0.0216 0.0158  -0.0004 4   DT  B N1    
389 C  C2    . DT  B 4  ? 0.1873 0.1398 0.1644 -0.0216 0.0154  -0.0181 4   DT  B C2    
390 O  O2    . DT  B 4  ? 0.2024 0.1674 0.1948 -0.0064 0.0276  -0.0039 4   DT  B O2    
391 N  N3    . DT  B 4  ? 0.1819 0.2010 0.1823 -0.0423 0.0064  0.0029  4   DT  B N3    
392 C  C4    . DT  B 4  ? 0.2072 0.1797 0.1765 -0.0134 0.0032  -0.0074 4   DT  B C4    
393 O  O4    . DT  B 4  ? 0.2265 0.2060 0.1962 -0.0178 0.0059  0.0024  4   DT  B O4    
394 C  C5    . DT  B 4  ? 0.1903 0.1618 0.1767 -0.0165 -0.0027 -0.0071 4   DT  B C5    
395 C  C7    . DT  B 4  ? 0.2052 0.1875 0.1884 -0.0030 -0.0045 -0.0052 4   DT  B C7    
396 C  C6    . DT  B 4  ? 0.2035 0.1788 0.1839 -0.0265 0.0072  -0.0131 4   DT  B C6    
397 P  P     . DG  B 5  ? 0.2138 0.3044 0.2657 -0.0297 0.0175  -0.0131 5   DG  B P     
398 O  OP1   . DG  B 5  ? 0.2381 0.3111 0.3076 -0.0561 -0.0039 -0.0053 5   DG  B OP1   
399 O  OP2   . DG  B 5  ? 0.2676 0.4173 0.3049 -0.0460 0.0198  0.0127  5   DG  B OP2   
400 O  "O5'" . DG  B 5  ? 0.1924 0.3037 0.2592 -0.0358 0.0175  -0.0151 5   DG  B "O5'" 
401 C  "C5'" . DG  B 5  ? 0.2315 0.2684 0.2599 -0.0192 0.0210  -0.0220 5   DG  B "C5'" 
402 C  "C4'" . DG  B 5  ? 0.2324 0.2647 0.2556 -0.0059 0.0116  -0.0183 5   DG  B "C4'" 
403 O  "O4'" . DG  B 5  ? 0.2406 0.2576 0.2464 -0.0005 0.0012  -0.0124 5   DG  B "O4'" 
404 C  "C3'" . DG  B 5  ? 0.2233 0.2649 0.2739 -0.0149 0.0170  -0.0091 5   DG  B "C3'" 
405 O  "O3'" . DG  B 5  ? 0.2210 0.2954 0.2979 -0.0052 0.0203  -0.0310 5   DG  B "O3'" 
406 C  "C2'" . DG  B 5  ? 0.2140 0.2464 0.2612 -0.0011 0.0105  -0.0027 5   DG  B "C2'" 
407 C  "C1'" . DG  B 5  ? 0.1966 0.2057 0.2202 -0.0024 0.0186  -0.0052 5   DG  B "C1'" 
408 N  N9    . DG  B 5  ? 0.1907 0.1991 0.2121 -0.0045 0.0009  -0.0016 5   DG  B N9    
409 C  C8    . DG  B 5  ? 0.1910 0.1713 0.2096 -0.0167 -0.0129 -0.0031 5   DG  B C8    
410 N  N7    . DG  B 5  ? 0.1733 0.2017 0.1932 -0.0069 -0.0149 -0.0186 5   DG  B N7    
411 C  C5    . DG  B 5  ? 0.1735 0.1814 0.1777 -0.0121 0.0032  -0.0012 5   DG  B C5    
412 C  C6    . DG  B 5  ? 0.1935 0.1889 0.1628 -0.0150 0.0310  0.0173  5   DG  B C6    
413 O  O6    . DG  B 5  ? 0.2188 0.1548 0.1648 -0.0003 0.0293  0.0133  5   DG  B O6    
414 N  N1    . DG  B 5  ? 0.1768 0.1836 0.1585 -0.0200 0.0222  0.0068  5   DG  B N1    
415 C  C2    . DG  B 5  ? 0.1640 0.1667 0.1557 -0.0119 0.0040  -0.0124 5   DG  B C2    
416 N  N2    . DG  B 5  ? 0.1935 0.1791 0.1727 0.0307  0.0084  -0.0231 5   DG  B N2    
417 N  N3    . DG  B 5  ? 0.1649 0.1834 0.1875 -0.0233 0.0063  -0.0002 5   DG  B N3    
418 C  C4    . DG  B 5  ? 0.1600 0.1638 0.1883 -0.0294 -0.0010 0.0081  5   DG  B C4    
419 P  P     . DG  B 6  ? 0.2372 0.3461 0.3142 -0.0237 0.0340  -0.0492 6   DG  B P     
420 O  OP1   . DG  B 6  ? 0.2717 0.3984 0.3337 -0.0090 0.0150  -0.0622 6   DG  B OP1   
421 O  OP2   . DG  B 6  ? 0.2621 0.3368 0.3426 -0.0489 0.0307  -0.0254 6   DG  B OP2   
422 O  "O5'" . DG  B 6  ? 0.2369 0.3389 0.2969 -0.0318 0.0301  -0.0457 6   DG  B "O5'" 
423 C  "C5'" . DG  B 6  ? 0.2496 0.3558 0.3000 -0.0117 0.0263  -0.0304 6   DG  B "C5'" 
424 C  "C4'" . DG  B 6  ? 0.2366 0.2801 0.2807 0.0178  0.0289  -0.0334 6   DG  B "C4'" 
425 O  "O4'" . DG  B 6  ? 0.2359 0.2348 0.2884 0.0147  0.0201  -0.0181 6   DG  B "O4'" 
426 C  "C3'" . DG  B 6  ? 0.2285 0.2968 0.3030 0.0141  0.0307  -0.0181 6   DG  B "C3'" 
427 O  "O3'" . DG  B 6  ? 0.2728 0.3358 0.3634 0.0693  0.0425  -0.0274 6   DG  B "O3'" 
428 C  "C2'" . DG  B 6  ? 0.1892 0.2253 0.2742 0.0034  0.0289  -0.0010 6   DG  B "C2'" 
429 C  "C1'" . DG  B 6  ? 0.2066 0.1989 0.2647 0.0119  0.0176  0.0022  6   DG  B "C1'" 
430 N  N9    . DG  B 6  ? 0.1970 0.1816 0.2317 0.0163  0.0102  0.0006  6   DG  B N9    
431 C  C8    . DG  B 6  ? 0.2204 0.2236 0.2381 0.0238  0.0023  -0.0005 6   DG  B C8    
432 N  N7    . DG  B 6  ? 0.1791 0.2023 0.2152 -0.0149 -0.0156 0.0040  6   DG  B N7    
433 C  C5    . DG  B 6  ? 0.1771 0.1722 0.1910 0.0049  -0.0053 -0.0119 6   DG  B C5    
434 C  C6    . DG  B 6  ? 0.1642 0.1850 0.1753 -0.0008 0.0128  -0.0017 6   DG  B C6    
435 O  O6    . DG  B 6  ? 0.1560 0.1891 0.1716 0.0020  -0.0044 -0.0065 6   DG  B O6    
436 N  N1    . DG  B 6  ? 0.1769 0.1738 0.1726 0.0342  0.0156  -0.0075 6   DG  B N1    
437 C  C2    . DG  B 6  ? 0.2051 0.1807 0.1875 0.0263  0.0110  -0.0020 6   DG  B C2    
438 N  N2    . DG  B 6  ? 0.2266 0.1586 0.2014 -0.0061 0.0040  -0.0080 6   DG  B N2    
439 N  N3    . DG  B 6  ? 0.1921 0.1727 0.2002 -0.0006 -0.0003 0.0098  6   DG  B N3    
440 C  C4    . DG  B 6  ? 0.2035 0.1878 0.2134 -0.0002 -0.0020 -0.0047 6   DG  B C4    
441 P  P     . DT  B 7  ? 0.3570 0.4136 0.3888 0.0852  0.0279  -0.0284 7   DT  B P     
442 O  OP1   . DT  B 7  ? 0.3533 0.4239 0.3698 0.1236  0.0330  -0.0558 7   DT  B OP1   
443 O  OP2   . DT  B 7  ? 0.3716 0.4139 0.3984 0.0561  0.0461  -0.0290 7   DT  B OP2   
444 O  "O5'" . DT  B 7  ? 0.3659 0.3663 0.3479 0.1016  0.0248  -0.0654 7   DT  B "O5'" 
445 C  "C5'" . DT  B 7  ? 0.3216 0.3280 0.3159 0.0606  0.0201  -0.0272 7   DT  B "C5'" 
446 C  "C4'" . DT  B 7  ? 0.3374 0.2865 0.3187 0.0711  0.0226  -0.0275 7   DT  B "C4'" 
447 O  "O4'" . DT  B 7  ? 0.3947 0.3473 0.3713 0.0733  0.0158  -0.0177 7   DT  B "O4'" 
448 C  "C3'" . DT  B 7  ? 0.3492 0.2724 0.3076 0.0825  0.0172  -0.0400 7   DT  B "C3'" 
449 O  "O3'" . DT  B 7  ? 0.3551 0.2871 0.3288 0.0918  -0.0016 -0.0353 7   DT  B "O3'" 
450 C  "C2'" . DT  B 7  ? 0.3593 0.2724 0.3137 0.0926  0.0213  -0.0403 7   DT  B "C2'" 
451 C  "C1'" . DT  B 7  ? 0.4016 0.3228 0.3584 0.0916  0.0106  -0.0307 7   DT  B "C1'" 
452 N  N1    . DT  B 7  ? 0.4360 0.3582 0.3698 0.0872  -0.0268 -0.0390 7   DT  B N1    
453 C  C2    . DT  B 7  ? 0.4751 0.3927 0.3787 0.1135  -0.0332 -0.0557 7   DT  B C2    
454 O  O2    . DT  B 7  ? 0.4965 0.3843 0.3653 0.1322  -0.0355 -0.0816 7   DT  B O2    
455 N  N3    . DT  B 7  ? 0.4687 0.3690 0.3828 0.1304  -0.0407 -0.0478 7   DT  B N3    
456 C  C4    . DT  B 7  ? 0.4677 0.3889 0.4032 0.1118  -0.0513 -0.0453 7   DT  B C4    
457 O  O4    . DT  B 7  ? 0.4673 0.3578 0.4016 0.1161  -0.0554 -0.0416 7   DT  B O4    
458 C  C5    . DT  B 7  ? 0.4303 0.3674 0.3652 0.1068  -0.0415 -0.0643 7   DT  B C5    
459 C  C7    . DT  B 7  ? 0.3896 0.3711 0.3512 0.1115  -0.0411 -0.0686 7   DT  B C7    
460 C  C6    . DT  B 7  ? 0.4001 0.3403 0.3439 0.1034  -0.0322 -0.0540 7   DT  B C6    
461 P  P     . DG  B 8  ? 0.3707 0.3121 0.3400 0.0674  0.0169  -0.0023 8   DG  B P     
462 O  OP1   . DG  B 8  ? 0.3807 0.3758 0.3319 0.0293  0.0022  -0.0066 8   DG  B OP1   
463 O  OP2   . DG  B 8  ? 0.3638 0.3511 0.3844 0.0505  0.0189  0.0206  8   DG  B OP2   
464 O  "O5'" . DG  B 8  ? 0.3310 0.2396 0.3037 0.0842  0.0299  -0.0057 8   DG  B "O5'" 
465 C  "C5'" . DG  B 8  ? 0.2753 0.2060 0.2644 0.0417  0.0101  0.0107  8   DG  B "C5'" 
466 C  "C4'" . DG  B 8  ? 0.2815 0.2154 0.2503 0.0157  -0.0154 0.0022  8   DG  B "C4'" 
467 O  "O4'" . DG  B 8  ? 0.2807 0.1806 0.2451 0.0433  -0.0292 0.0041  8   DG  B "O4'" 
468 C  "C3'" . DG  B 8  ? 0.2852 0.2217 0.2453 -0.0102 -0.0195 0.0124  8   DG  B "C3'" 
469 O  "O3'" . DG  B 8  ? 0.3085 0.2168 0.2508 0.0088  -0.0071 0.0191  8   DG  B "O3'" 
470 C  "C2'" . DG  B 8  ? 0.2639 0.2190 0.2597 -0.0009 -0.0362 0.0147  8   DG  B "C2'" 
471 C  "C1'" . DG  B 8  ? 0.2436 0.1786 0.2296 0.0235  -0.0135 0.0082  8   DG  B "C1'" 
472 N  N9    . DG  B 8  ? 0.2424 0.2176 0.2227 0.0175  -0.0072 -0.0052 8   DG  B N9    
473 C  C8    . DG  B 8  ? 0.2600 0.2267 0.2547 0.0136  -0.0074 0.0122  8   DG  B C8    
474 N  N7    . DG  B 8  ? 0.2603 0.2680 0.2612 0.0071  0.0004  0.0114  8   DG  B N7    
475 C  C5    . DG  B 8  ? 0.2130 0.1870 0.2069 0.0231  0.0168  -0.0064 8   DG  B C5    
476 C  C6    . DG  B 8  ? 0.2258 0.1831 0.2054 -0.0075 0.0089  -0.0116 8   DG  B C6    
477 O  O6    . DG  B 8  ? 0.2407 0.2352 0.2469 -0.0081 -0.0025 0.0015  8   DG  B O6    
478 N  N1    . DG  B 8  ? 0.1889 0.1880 0.1784 0.0040  0.0048  -0.0160 8   DG  B N1    
479 C  C2    . DG  B 8  ? 0.1628 0.1960 0.1738 -0.0045 -0.0106 0.0064  8   DG  B C2    
480 N  N2    . DG  B 8  ? 0.1847 0.2225 0.1484 0.0143  0.0034  -0.0024 8   DG  B N2    
481 N  N3    . DG  B 8  ? 0.1773 0.1876 0.1886 0.0219  -0.0002 0.0027  8   DG  B N3    
482 C  C4    . DG  B 8  ? 0.2263 0.2049 0.2127 0.0146  0.0017  -0.0045 8   DG  B C4    
483 P  P     . DT  B 9  ? 0.3185 0.2094 0.2528 0.0010  -0.0174 0.0134  9   DT  B P     
484 O  OP1   . DT  B 9  ? 0.3409 0.2004 0.3045 0.0548  -0.0155 0.0017  9   DT  B OP1   
485 O  OP2   . DT  B 9  ? 0.3440 0.2592 0.2133 0.0295  -0.0057 -0.0102 9   DT  B OP2   
486 O  "O5'" . DT  B 9  ? 0.3119 0.1815 0.2356 -0.0107 -0.0163 0.0210  9   DT  B "O5'" 
487 C  "C5'" . DT  B 9  ? 0.2909 0.1824 0.2327 -0.0277 -0.0339 0.0169  9   DT  B "C5'" 
488 C  "C4'" . DT  B 9  ? 0.2852 0.2084 0.2208 -0.0268 -0.0240 0.0045  9   DT  B "C4'" 
489 O  "O4'" . DT  B 9  ? 0.2931 0.2117 0.2025 -0.0184 -0.0368 -0.0047 9   DT  B "O4'" 
490 C  "C3'" . DT  B 9  ? 0.3297 0.2262 0.2243 -0.0303 -0.0258 0.0169  9   DT  B "C3'" 
491 O  "O3'" . DT  B 9  ? 0.4028 0.2374 0.2571 -0.0461 -0.0276 0.0304  9   DT  B "O3'" 
492 C  "C2'" . DT  B 9  ? 0.2896 0.1921 0.1998 -0.0328 -0.0274 0.0058  9   DT  B "C2'" 
493 C  "C1'" . DT  B 9  ? 0.2860 0.2169 0.2014 -0.0349 -0.0285 0.0042  9   DT  B "C1'" 
494 N  N1    . DT  B 9  ? 0.2269 0.1914 0.1628 -0.0402 -0.0301 -0.0149 9   DT  B N1    
495 C  C2    . DT  B 9  ? 0.2543 0.2043 0.1893 -0.0595 -0.0166 0.0117  9   DT  B C2    
496 O  O2    . DT  B 9  ? 0.2823 0.2420 0.2107 -0.0676 -0.0278 0.0080  9   DT  B O2    
497 N  N3    . DT  B 9  ? 0.2371 0.2000 0.1859 -0.0549 0.0038  0.0072  9   DT  B N3    
498 C  C4    . DT  B 9  ? 0.2289 0.1888 0.1793 -0.0561 -0.0029 0.0124  9   DT  B C4    
499 O  O4    . DT  B 9  ? 0.2606 0.2004 0.2152 -0.0236 0.0151  0.0079  9   DT  B O4    
500 C  C5    . DT  B 9  ? 0.1941 0.1843 0.1622 -0.0490 -0.0185 0.0037  9   DT  B C5    
501 C  C7    . DT  B 9  ? 0.2036 0.1903 0.1757 -0.0260 -0.0088 0.0157  9   DT  B C7    
502 C  C6    . DT  B 9  ? 0.2247 0.1909 0.1815 -0.0300 -0.0309 -0.0044 9   DT  B C6    
503 P  P     . DG  B 10 ? 0.5076 0.2561 0.2972 -0.0687 -0.0540 0.0352  10  DG  B P     
504 O  OP1   . DG  B 10 ? 0.5745 0.3049 0.3408 -0.0309 -0.0194 0.0081  10  DG  B OP1   
505 O  OP2   . DG  B 10 ? 0.4930 0.3473 0.3418 -0.1209 -0.0789 0.0465  10  DG  B OP2   
506 O  "O5'" . DG  B 10 ? 0.4669 0.2136 0.2739 -0.0345 -0.0483 0.0182  10  DG  B "O5'" 
507 C  "C5'" . DG  B 10 ? 0.3782 0.2235 0.2705 -0.0286 -0.0428 0.0224  10  DG  B "C5'" 
508 C  "C4'" . DG  B 10 ? 0.3154 0.2008 0.2598 -0.0463 -0.0416 0.0210  10  DG  B "C4'" 
509 O  "O4'" . DG  B 10 ? 0.3537 0.1823 0.2460 -0.0473 -0.0383 -0.0002 10  DG  B "O4'" 
510 C  "C3'" . DG  B 10 ? 0.3259 0.2015 0.2878 -0.0153 -0.0447 0.0192  10  DG  B "C3'" 
511 O  "O3'" . DG  B 10 ? 0.3208 0.1890 0.2925 -0.0078 -0.0507 0.0317  10  DG  B "O3'" 
512 C  "C2'" . DG  B 10 ? 0.2896 0.1628 0.2636 -0.0461 -0.0251 0.0243  10  DG  B "C2'" 
513 C  "C1'" . DG  B 10 ? 0.2913 0.1638 0.2249 -0.0457 -0.0151 0.0170  10  DG  B "C1'" 
514 N  N9    . DG  B 10 ? 0.2602 0.1709 0.2184 -0.0007 -0.0009 -0.0021 10  DG  B N9    
515 C  C8    . DG  B 10 ? 0.2405 0.1754 0.2179 -0.0288 -0.0080 0.0087  10  DG  B C8    
516 N  N7    . DG  B 10 ? 0.2189 0.1607 0.1982 -0.0162 -0.0168 -0.0082 10  DG  B N7    
517 C  C5    . DG  B 10 ? 0.2215 0.1575 0.1860 -0.0038 -0.0169 -0.0175 10  DG  B C5    
518 C  C6    . DG  B 10 ? 0.2495 0.1802 0.1811 0.0098  -0.0207 -0.0313 10  DG  B C6    
519 O  O6    . DG  B 10 ? 0.2528 0.1745 0.1820 0.0051  -0.0248 -0.0344 10  DG  B O6    
520 N  N1    . DG  B 10 ? 0.1960 0.1459 0.1700 -0.0035 -0.0245 -0.0330 10  DG  B N1    
521 C  C2    . DG  B 10 ? 0.2001 0.1483 0.2255 -0.0149 -0.0324 0.0072  10  DG  B C2    
522 N  N2    . DG  B 10 ? 0.2269 0.1852 0.2311 -0.0237 -0.0357 0.0224  10  DG  B N2    
523 N  N3    . DG  B 10 ? 0.2189 0.1568 0.2296 -0.0256 -0.0186 0.0162  10  DG  B N3    
524 C  C4    . DG  B 10 ? 0.2452 0.1481 0.2219 -0.0228 -0.0147 0.0145  10  DG  B C4    
525 P  P     . DG  B 11 ? 0.3340 0.2232 0.3199 -0.0198 -0.0395 0.0324  11  DG  B P     
526 O  OP1   . DG  B 11 ? 0.4004 0.1992 0.3178 0.0119  -0.0593 0.0064  11  DG  B OP1   
527 O  OP2   . DG  B 11 ? 0.4126 0.2634 0.3567 -0.0080 -0.0370 0.0587  11  DG  B OP2   
528 O  "O5'" . DG  B 11 ? 0.3041 0.2216 0.2951 -0.0043 -0.0319 0.0261  11  DG  B "O5'" 
529 C  "C5'" . DG  B 11 ? 0.3273 0.2136 0.2937 -0.0126 -0.0367 0.0195  11  DG  B "C5'" 
530 C  "C4'" . DG  B 11 ? 0.3108 0.2117 0.2620 0.0121  -0.0261 0.0153  11  DG  B "C4'" 
531 O  "O4'" . DG  B 11 ? 0.2932 0.1748 0.2244 0.0205  -0.0077 0.0022  11  DG  B "O4'" 
532 C  "C3'" . DG  B 11 ? 0.3165 0.1891 0.2394 0.0232  -0.0232 0.0017  11  DG  B "C3'" 
533 O  "O3'" . DG  B 11 ? 0.3625 0.2244 0.2368 0.0187  -0.0131 -0.0012 11  DG  B "O3'" 
534 C  "C2'" . DG  B 11 ? 0.2843 0.1574 0.2460 0.0288  -0.0095 0.0224  11  DG  B "C2'" 
535 C  "C1'" . DG  B 11 ? 0.2785 0.1667 0.2473 0.0006  -0.0151 0.0278  11  DG  B "C1'" 
536 N  N9    . DG  B 11 ? 0.2091 0.1537 0.2114 -0.0030 -0.0086 0.0104  11  DG  B N9    
537 C  C8    . DG  B 11 ? 0.2339 0.1741 0.2274 -0.0217 -0.0285 0.0220  11  DG  B C8    
538 N  N7    . DG  B 11 ? 0.2224 0.1633 0.1973 -0.0102 -0.0244 0.0052  11  DG  B N7    
539 C  C5    . DG  B 11 ? 0.2159 0.1495 0.1865 0.0031  -0.0168 0.0225  11  DG  B C5    
540 C  C6    . DG  B 11 ? 0.1804 0.1639 0.1651 0.0059  -0.0211 0.0156  11  DG  B C6    
541 O  O6    . DG  B 11 ? 0.1970 0.2024 0.1867 0.0352  -0.0196 0.0126  11  DG  B O6    
542 N  N1    . DG  B 11 ? 0.1893 0.1936 0.1779 0.0304  -0.0234 0.0037  11  DG  B N1    
543 C  C2    . DG  B 11 ? 0.2256 0.1837 0.1631 0.0279  -0.0237 0.0026  11  DG  B C2    
544 N  N2    . DG  B 11 ? 0.2036 0.2448 0.1675 -0.0113 -0.0173 0.0231  11  DG  B N2    
545 N  N3    . DG  B 11 ? 0.2231 0.1570 0.1856 0.0322  -0.0086 -0.0031 11  DG  B N3    
546 C  C4    . DG  B 11 ? 0.2112 0.1551 0.1981 0.0064  -0.0169 0.0113  11  DG  B C4    
547 P  P     . DT  B 12 ? 0.3906 0.2471 0.2326 0.0533  -0.0090 -0.0115 12  DT  B P     
548 O  OP1   . DT  B 12 ? 0.3853 0.2768 0.2419 0.0412  -0.0307 -0.0033 12  DT  B OP1   
549 O  OP2   . DT  B 12 ? 0.4181 0.2241 0.2709 0.0218  -0.0191 0.0239  12  DT  B OP2   
550 O  "O5'" . DT  B 12 ? 0.4077 0.2650 0.2782 0.0264  -0.0192 -0.0026 12  DT  B "O5'" 
551 C  "C5'" . DT  B 12 ? 0.3673 0.2751 0.2772 0.0064  -0.0276 0.0014  12  DT  B "C5'" 
552 C  "C4'" . DT  B 12 ? 0.2944 0.2215 0.2534 0.0029  -0.0299 0.0104  12  DT  B "C4'" 
553 O  "O4'" . DT  B 12 ? 0.2954 0.2089 0.2558 0.0027  -0.0313 0.0283  12  DT  B "O4'" 
554 C  "C3'" . DT  B 12 ? 0.2860 0.2299 0.2474 -0.0240 -0.0298 0.0238  12  DT  B "C3'" 
555 O  "O3'" . DT  B 12 ? 0.3172 0.2445 0.2824 -0.0359 -0.0378 0.0391  12  DT  B "O3'" 
556 C  "C2'" . DT  B 12 ? 0.2783 0.2292 0.2261 -0.0383 -0.0310 0.0221  12  DT  B "C2'" 
557 C  "C1'" . DT  B 12 ? 0.2790 0.1964 0.2213 -0.0141 -0.0389 0.0051  12  DT  B "C1'" 
558 N  N1    . DT  B 12 ? 0.2312 0.1887 0.1981 0.0151  -0.0372 0.0055  12  DT  B N1    
559 C  C2    . DT  B 12 ? 0.2422 0.1900 0.2117 0.0112  -0.0200 0.0105  12  DT  B C2    
560 O  O2    . DT  B 12 ? 0.2486 0.2093 0.2178 0.0203  -0.0010 0.0047  12  DT  B O2    
561 N  N3    . DT  B 12 ? 0.1994 0.2177 0.1757 -0.0100 0.0079  0.0113  12  DT  B N3    
562 C  C4    . DT  B 12 ? 0.2087 0.2027 0.1689 0.0032  0.0037  -0.0081 12  DT  B C4    
563 O  O4    . DT  B 12 ? 0.2236 0.2207 0.1893 0.0119  0.0073  -0.0050 12  DT  B O4    
564 C  C5    . DT  B 12 ? 0.2076 0.1884 0.1885 0.0201  -0.0168 -0.0065 12  DT  B C5    
565 C  C7    . DT  B 12 ? 0.2239 0.1778 0.2051 0.0242  -0.0141 -0.0032 12  DT  B C7    
566 C  C6    . DT  B 12 ? 0.1879 0.2037 0.1907 0.0155  -0.0327 0.0011  12  DT  B C6    
567 P  P     . DT  B 13 ? 0.3318 0.2709 0.3481 -0.0327 -0.0422 0.0537  13  DT  B P     
568 O  OP1   . DT  B 13 ? 0.3915 0.3395 0.4199 -0.0380 -0.0366 0.0829  13  DT  B OP1   
569 O  OP2   . DT  B 13 ? 0.4126 0.3248 0.3633 -0.0150 -0.0493 0.0076  13  DT  B OP2   
570 O  "O5'" . DT  B 13 ? 0.3237 0.2513 0.3426 -0.0271 -0.0551 0.0354  13  DT  B "O5'" 
571 C  "C5'" . DT  B 13 ? 0.2599 0.2390 0.2838 -0.0373 -0.0367 0.0332  13  DT  B "C5'" 
572 C  "C4'" . DT  B 13 ? 0.2456 0.2421 0.2342 -0.0525 -0.0336 0.0249  13  DT  B "C4'" 
573 O  "O4'" . DT  B 13 ? 0.2268 0.2510 0.1847 -0.0342 -0.0087 -0.0003 13  DT  B "O4'" 
574 C  "C3'" . DT  B 13 ? 0.2527 0.2450 0.2279 -0.0675 -0.0363 0.0191  13  DT  B "C3'" 
575 O  "O3'" . DT  B 13 ? 0.2498 0.2997 0.2518 -0.0829 -0.0487 0.0367  13  DT  B "O3'" 
576 C  "C2'" . DT  B 13 ? 0.2365 0.2395 0.2204 -0.0817 -0.0295 0.0066  13  DT  B "C2'" 
577 C  "C1'" . DT  B 13 ? 0.2285 0.2147 0.1902 -0.0514 -0.0140 0.0023  13  DT  B "C1'" 
578 N  N1    . DT  B 13 ? 0.2226 0.1987 0.1880 -0.0386 -0.0048 0.0215  13  DT  B N1    
579 C  C2    . DT  B 13 ? 0.2619 0.1992 0.1999 -0.0462 0.0003  0.0482  13  DT  B C2    
580 O  O2    . DT  B 13 ? 0.3085 0.2134 0.2368 -0.0508 -0.0181 0.0479  13  DT  B O2    
581 N  N3    . DT  B 13 ? 0.2434 0.1885 0.1830 -0.0238 0.0082  0.0314  13  DT  B N3    
582 C  C4    . DT  B 13 ? 0.2182 0.1902 0.1984 -0.0322 0.0024  0.0189  13  DT  B C4    
583 O  O4    . DT  B 13 ? 0.2154 0.2171 0.2029 -0.0100 -0.0056 -0.0023 13  DT  B O4    
584 C  C5    . DT  B 13 ? 0.2097 0.1779 0.2018 -0.0296 -0.0022 0.0259  13  DT  B C5    
585 C  C7    . DT  B 13 ? 0.2381 0.1558 0.2029 -0.0170 0.0103  0.0229  13  DT  B C7    
586 C  C6    . DT  B 13 ? 0.2180 0.1953 0.1922 -0.0317 -0.0128 0.0026  13  DT  B C6    
587 P  P     . DG  B 14 ? 0.3118 0.3139 0.2835 -0.0913 -0.0457 0.0537  14  DG  B P     
588 O  OP1   . DG  B 14 ? 0.2983 0.3420 0.3114 -0.1152 -0.0405 0.0678  14  DG  B OP1   
589 O  OP2   . DG  B 14 ? 0.3951 0.3734 0.3016 -0.0614 -0.0339 0.0476  14  DG  B OP2   
590 O  "O5'" . DG  B 14 ? 0.2926 0.3120 0.3181 -0.0819 -0.0506 0.0780  14  DG  B "O5'" 
591 C  "C5'" . DG  B 14 ? 0.2502 0.2950 0.2742 -0.0628 -0.0474 0.0576  14  DG  B "C5'" 
592 C  "C4'" . DG  B 14 ? 0.2290 0.2863 0.2592 -0.0566 -0.0308 0.0543  14  DG  B "C4'" 
593 O  "O4'" . DG  B 14 ? 0.2165 0.2902 0.2359 -0.0643 -0.0232 0.0427  14  DG  B "O4'" 
594 C  "C3'" . DG  B 14 ? 0.2369 0.2831 0.2510 -0.0590 -0.0289 0.0663  14  DG  B "C3'" 
595 O  "O3'" . DG  B 14 ? 0.2316 0.3348 0.2849 -0.0901 -0.0561 0.0892  14  DG  B "O3'" 
596 C  "C2'" . DG  B 14 ? 0.2221 0.2697 0.2289 -0.0434 -0.0160 0.0533  14  DG  B "C2'" 
597 C  "C1'" . DG  B 14 ? 0.2067 0.2493 0.2429 -0.0391 -0.0333 0.0475  14  DG  B "C1'" 
598 N  N9    . DG  B 14 ? 0.1880 0.2037 0.2224 -0.0244 -0.0291 0.0392  14  DG  B N9    
599 C  C8    . DG  B 14 ? 0.2142 0.1975 0.2262 -0.0098 -0.0221 0.0315  14  DG  B C8    
600 N  N7    . DG  B 14 ? 0.1674 0.2009 0.2083 -0.0192 -0.0153 0.0291  14  DG  B N7    
601 C  C5    . DG  B 14 ? 0.1635 0.1864 0.1951 -0.0392 -0.0281 0.0386  14  DG  B C5    
602 C  C6    . DG  B 14 ? 0.1366 0.1860 0.1763 -0.0386 -0.0135 0.0172  14  DG  B C6    
603 O  O6    . DG  B 14 ? 0.1239 0.1752 0.1741 -0.0078 0.0026  0.0023  14  DG  B O6    
604 N  N1    . DG  B 14 ? 0.2033 0.1841 0.1716 -0.0107 -0.0188 0.0040  14  DG  B N1    
605 C  C2    . DG  B 14 ? 0.1961 0.1863 0.1992 -0.0296 -0.0327 0.0217  14  DG  B C2    
606 N  N2    . DG  B 14 ? 0.2148 0.1997 0.2156 -0.0394 -0.0296 0.0354  14  DG  B N2    
607 N  N3    . DG  B 14 ? 0.1731 0.2214 0.2280 -0.0502 -0.0380 0.0469  14  DG  B N3    
608 C  C4    . DG  B 14 ? 0.1867 0.1987 0.2169 -0.0244 -0.0299 0.0365  14  DG  B C4    
609 P  P     . DG  B 15 ? 0.2779 0.3768 0.3590 -0.0976 -0.0754 0.1031  15  DG  B P     
610 O  OP1   . DG  B 15 ? 0.3086 0.4445 0.3936 -0.1014 -0.0632 0.1208  15  DG  B OP1   
611 O  OP2   . DG  B 15 ? 0.3175 0.3623 0.3299 -0.0724 -0.0856 0.0644  15  DG  B OP2   
612 O  "O5'" . DG  B 15 ? 0.2468 0.3200 0.3301 -0.0812 -0.0619 0.0962  15  DG  B "O5'" 
613 C  "C5'" . DG  B 15 ? 0.2213 0.2840 0.3086 -0.0457 -0.0309 0.0982  15  DG  B "C5'" 
614 C  "C4'" . DG  B 15 ? 0.2236 0.2972 0.2787 -0.0353 -0.0325 0.0754  15  DG  B "C4'" 
615 O  "O4'" . DG  B 15 ? 0.1974 0.2945 0.2605 -0.0286 -0.0102 0.0692  15  DG  B "O4'" 
616 C  "C3'" . DG  B 15 ? 0.2447 0.3070 0.3136 -0.0386 -0.0488 0.0947  15  DG  B "C3'" 
617 O  "O3'" . DG  B 15 ? 0.2713 0.3509 0.3166 -0.0359 -0.0488 0.1163  15  DG  B "O3'" 
618 C  "C2'" . DG  B 15 ? 0.2045 0.2586 0.2761 -0.0332 -0.0476 0.0802  15  DG  B "C2'" 
619 C  "C1'" . DG  B 15 ? 0.1940 0.2512 0.2372 -0.0256 -0.0254 0.0557  15  DG  B "C1'" 
620 N  N9    . DG  B 15 ? 0.1757 0.1998 0.2154 -0.0341 -0.0179 0.0398  15  DG  B N9    
621 C  C8    . DG  B 15 ? 0.2172 0.2137 0.2068 -0.0283 -0.0174 0.0465  15  DG  B C8    
622 N  N7    . DG  B 15 ? 0.1821 0.1785 0.1978 -0.0453 -0.0175 0.0351  15  DG  B N7    
623 C  C5    . DG  B 15 ? 0.1674 0.1801 0.1658 -0.0206 -0.0035 0.0414  15  DG  B C5    
624 C  C6    . DG  B 15 ? 0.2054 0.1787 0.1643 0.0041  0.0035  0.0218  15  DG  B C6    
625 O  O6    . DG  B 15 ? 0.2125 0.1648 0.1590 0.0360  -0.0031 0.0141  15  DG  B O6    
626 N  N1    . DG  B 15 ? 0.1469 0.1774 0.1685 0.0087  -0.0035 0.0006  15  DG  B N1    
627 C  C2    . DG  B 15 ? 0.1393 0.1928 0.1894 -0.0029 -0.0356 0.0165  15  DG  B C2    
628 N  N2    . DG  B 15 ? 0.1858 0.1937 0.1966 -0.0144 -0.0364 0.0056  15  DG  B N2    
629 N  N3    . DG  B 15 ? 0.1700 0.1901 0.1925 -0.0224 -0.0390 0.0213  15  DG  B N3    
630 C  C4    . DG  B 15 ? 0.1559 0.2015 0.1906 -0.0194 -0.0112 0.0294  15  DG  B C4    
631 PB PB    . PB  C .  ? 0.1816 0.2028 0.1963 0.0026  -0.0046 0.0150  101 PB  A PB    
632 PB PB    . PB  D .  ? 0.2038 0.1974 0.1985 -0.0065 -0.0061 0.0114  101 PB  B PB    
633 O  O     . HOH E .  ? 0.2230 0.3244 0.2739 -0.0581 -0.0228 0.0272  201 HOH A O     
634 O  O     . HOH E .  ? 0.4643 0.3182 0.2749 0.0750  -0.0045 -0.0466 202 HOH A O     
635 O  O     . HOH E .  ? 0.3399 0.3090 0.2264 -0.0385 -0.0353 -0.0214 203 HOH A O     
636 O  O     . HOH E .  ? 0.2416 0.3553 0.2684 -0.0608 -0.0038 0.0099  204 HOH A O     
637 O  O     . HOH E .  ? 0.2202 0.3719 0.2895 -0.0736 0.0108  -0.0166 205 HOH A O     
638 O  O     . HOH E .  ? 0.3042 0.4060 0.4069 -0.0206 0.0157  0.0472  206 HOH A O     
639 O  O     . HOH E .  ? 0.3358 0.3027 0.3552 -0.0282 0.0099  -0.0112 207 HOH A O     
640 O  O     . HOH E .  ? 0.3113 0.4423 0.3391 0.0476  -0.0129 -0.0059 208 HOH A O     
641 O  O     . HOH E .  ? 0.3054 0.3952 0.3939 0.0030  0.0019  0.0421  209 HOH A O     
642 O  O     . HOH E .  ? 0.3142 0.3927 0.2951 0.0104  0.0468  0.0233  210 HOH A O     
643 O  O     . HOH E .  ? 0.3402 0.3384 0.3815 -0.0047 -0.0502 -0.0275 211 HOH A O     
644 O  O     . HOH E .  ? 0.2277 0.2274 0.2133 -0.0064 0.0039  0.0053  212 HOH A O     
645 O  O     . HOH E .  ? 0.3005 0.2762 0.3210 0.0557  0.0158  0.0069  213 HOH A O     
646 O  O     . HOH E .  ? 0.2846 0.2119 0.2256 -0.0236 -0.0164 0.0105  214 HOH A O     
647 O  O     . HOH E .  ? 0.2795 0.1982 0.2433 0.0154  -0.0270 0.0175  215 HOH A O     
648 O  O     . HOH E .  ? 0.2257 0.2291 0.2911 0.0483  -0.0217 -0.0022 216 HOH A O     
649 O  O     . HOH E .  ? 0.2132 0.2728 0.2279 0.0049  -0.0303 0.0117  217 HOH A O     
650 O  O     . HOH E .  ? 0.1921 0.3624 0.3445 -0.0815 -0.0072 0.0378  218 HOH A O     
651 O  O     . HOH E .  ? 0.2385 0.2844 0.3277 -0.0403 -0.0267 -0.0257 219 HOH A O     
652 O  O     . HOH E .  ? 0.2275 0.3113 0.2945 -0.0648 0.0206  0.0084  220 HOH A O     
653 O  O     . HOH E .  ? 0.2926 0.2101 0.2709 -0.0110 -0.0113 0.0174  221 HOH A O     
654 O  O     . HOH E .  ? 0.2800 0.2651 0.2818 -0.0298 0.0448  -0.0114 222 HOH A O     
655 O  O     . HOH E .  ? 0.3290 0.3666 0.3059 0.0519  0.0431  0.0038  223 HOH A O     
656 O  O     . HOH E .  ? 0.1817 0.3200 0.3316 -0.0423 -0.0100 0.0200  224 HOH A O     
657 O  O     . HOH E .  ? 0.3769 0.3808 0.3590 0.0349  0.0166  0.0024  225 HOH A O     
658 O  O     . HOH E .  ? 0.3048 0.3869 0.2717 -0.0406 -0.0193 0.0289  226 HOH A O     
659 O  O     . HOH E .  ? 0.3804 0.2702 0.3075 0.0540  0.0480  -0.0382 227 HOH A O     
660 O  O     . HOH F .  ? 0.3338 0.3013 0.3453 0.0261  0.0198  0.0308  201 HOH B O     
661 O  O     . HOH F .  ? 0.2645 0.2909 0.2528 -0.0580 0.0127  0.0212  202 HOH B O     
662 O  O     . HOH F .  ? 0.3943 0.2403 0.3544 0.0319  0.0008  -0.0031 203 HOH B O     
663 O  O     . HOH F .  ? 0.3408 0.2673 0.3169 -0.1059 -0.0194 -0.0104 204 HOH B O     
664 O  O     . HOH F .  ? 0.3226 0.3233 0.2749 -0.0716 -0.0098 0.0382  205 HOH B O     
665 O  O     . HOH F .  ? 0.3280 0.2923 0.2970 0.0442  0.0078  0.0056  206 HOH B O     
666 O  O     . HOH F .  ? 0.3910 0.3180 0.3006 0.0402  -0.0018 -0.0243 207 HOH B O     
667 O  O     . HOH F .  ? 0.1949 0.1914 0.2280 -0.0122 0.0098  -0.0214 208 HOH B O     
668 O  O     . HOH F .  ? 0.3259 0.2134 0.3654 -0.0221 0.0025  0.0127  209 HOH B O     
669 O  O     . HOH F .  ? 0.2814 0.3550 0.3113 -0.0358 -0.0115 0.0440  210 HOH B O     
670 O  O     . HOH F .  ? 0.2001 0.2597 0.2366 -0.0137 0.0118  0.0597  211 HOH B O     
671 O  O     . HOH F .  ? 0.2707 0.2289 0.2195 -0.0608 -0.0359 -0.0157 212 HOH B O     
672 O  O     . HOH F .  ? 0.3498 0.3209 0.3069 0.0086  0.0593  0.0247  213 HOH B O     
673 O  O     . HOH F .  ? 0.2235 0.2298 0.1954 0.0086  -0.0279 0.0101  214 HOH B O     
674 O  O     . HOH F .  ? 0.2058 0.2394 0.2703 0.0181  0.0081  0.0395  215 HOH B O     
675 O  O     . HOH F .  ? 0.2439 0.2722 0.2546 -0.0372 -0.0053 -0.0053 216 HOH B O     
676 O  O     . HOH F .  ? 0.2506 0.3511 0.2933 -0.0620 -0.0064 0.0796  217 HOH B O     
677 O  O     . HOH F .  ? 0.2447 0.2309 0.2256 -0.0462 -0.0101 0.0737  218 HOH B O     
678 O  O     . HOH F .  ? 0.2474 0.2832 0.2893 -0.0814 0.0022  -0.0191 219 HOH B O     
679 O  O     . HOH F .  ? 0.2809 0.2293 0.3245 0.0406  -0.0134 -0.0302 220 HOH B O     
680 O  O     . HOH F .  ? 0.2586 0.2930 0.3473 0.0352  -0.0321 0.0393  221 HOH B O     
681 O  O     . HOH F .  ? 0.2355 0.2901 0.3122 0.0363  0.0282  -0.0059 222 HOH B O     
682 O  O     . HOH F .  ? 0.2837 0.2228 0.3508 -0.0533 0.0156  0.0447  223 HOH B O     
683 O  O     . HOH F .  ? 0.1960 0.2824 0.3159 0.0339  -0.0233 0.0256  224 HOH B O     
684 O  O     . HOH F .  ? 0.3275 0.2641 0.3837 -0.0470 0.0195  -0.0132 225 HOH B O     
685 O  O     . HOH F .  ? 0.3764 0.3132 0.3187 0.0107  -0.0059 -0.0181 226 HOH B O     
686 O  O     . HOH F .  ? 0.3605 0.2862 0.3386 -0.0760 -0.0444 0.0244  227 HOH B O     
687 O  O     . HOH F .  ? 0.2074 0.2266 0.2666 0.0525  0.0086  0.0376  228 HOH B O     
688 O  O     . HOH F .  ? 0.4006 0.2923 0.4461 0.0592  -0.0165 -0.0240 229 HOH B O     
689 O  O     . HOH F .  ? 0.3722 0.3230 0.3337 -0.0703 -0.0261 0.0377  230 HOH B O     
# 
